data_1CGM
# 
_entry.id   1CGM 
# 
_audit_conform.dict_name       mmcif_pdbx.dic 
_audit_conform.dict_version    5.398 
_audit_conform.dict_location   http://mmcif.pdb.org/dictionaries/ascii/mmcif_pdbx.dic 
# 
loop_
_database_2.database_id 
_database_2.database_code 
_database_2.pdbx_database_accession 
_database_2.pdbx_DOI 
PDB   1CGM         pdb_00001cgm 10.2210/pdb1cgm/pdb 
WWPDB D_1000172310 ?            ?                   
# 
loop_
_pdbx_audit_revision_history.ordinal 
_pdbx_audit_revision_history.data_content_type 
_pdbx_audit_revision_history.major_revision 
_pdbx_audit_revision_history.minor_revision 
_pdbx_audit_revision_history.revision_date 
1 'Structure model' 1 0 1994-04-30 
2 'Structure model' 1 1 2008-03-03 
3 'Structure model' 1 2 2011-07-13 
4 'Structure model' 1 3 2017-11-29 
5 'Structure model' 1 4 2024-11-13 
# 
_pdbx_audit_revision_details.ordinal             1 
_pdbx_audit_revision_details.revision_ordinal    1 
_pdbx_audit_revision_details.data_content_type   'Structure model' 
_pdbx_audit_revision_details.provider            repository 
_pdbx_audit_revision_details.type                'Initial release' 
_pdbx_audit_revision_details.description         ? 
_pdbx_audit_revision_details.details             ? 
# 
loop_
_pdbx_audit_revision_group.ordinal 
_pdbx_audit_revision_group.revision_ordinal 
_pdbx_audit_revision_group.data_content_type 
_pdbx_audit_revision_group.group 
1 2 'Structure model' 'Version format compliance' 
2 3 'Structure model' 'Version format compliance' 
3 4 'Structure model' 'Derived calculations'      
4 4 'Structure model' Other                       
5 5 'Structure model' 'Data collection'           
6 5 'Structure model' 'Database references'       
7 5 'Structure model' 'Derived calculations'      
8 5 'Structure model' 'Structure summary'         
# 
loop_
_pdbx_audit_revision_category.ordinal 
_pdbx_audit_revision_category.revision_ordinal 
_pdbx_audit_revision_category.data_content_type 
_pdbx_audit_revision_category.category 
1  4 'Structure model' pdbx_database_status      
2  4 'Structure model' struct_conf               
3  4 'Structure model' struct_conf_type          
4  5 'Structure model' chem_comp_atom            
5  5 'Structure model' chem_comp_bond            
6  5 'Structure model' database_2                
7  5 'Structure model' pdbx_entry_details        
8  5 'Structure model' pdbx_modification_feature 
9  5 'Structure model' pdbx_struct_oper_list     
10 5 'Structure model' struct_conn               
# 
loop_
_pdbx_audit_revision_item.ordinal 
_pdbx_audit_revision_item.revision_ordinal 
_pdbx_audit_revision_item.data_content_type 
_pdbx_audit_revision_item.item 
1 4 'Structure model' '_pdbx_database_status.process_site'        
2 5 'Structure model' '_database_2.pdbx_DOI'                      
3 5 'Structure model' '_database_2.pdbx_database_accession'       
4 5 'Structure model' '_pdbx_struct_oper_list.name'               
5 5 'Structure model' '_pdbx_struct_oper_list.symmetry_operation' 
6 5 'Structure model' '_pdbx_struct_oper_list.type'               
7 5 'Structure model' '_struct_conn.pdbx_leaving_atom_flag'       
# 
_pdbx_database_status.status_code                     REL 
_pdbx_database_status.entry_id                        1CGM 
_pdbx_database_status.recvd_initial_deposition_date   1993-11-17 
_pdbx_database_status.deposit_site                    ? 
_pdbx_database_status.process_site                    BNL 
_pdbx_database_status.SG_entry                        . 
_pdbx_database_status.pdb_format_compatible           Y 
_pdbx_database_status.status_code_mr                  ? 
_pdbx_database_status.status_code_sf                  ? 
_pdbx_database_status.status_code_cs                  ? 
_pdbx_database_status.methods_development_category    ? 
_pdbx_database_status.status_code_nmr_data            ? 
# 
loop_
_audit_author.name 
_audit_author.pdbx_ordinal 
'Wang, H.'   1 
'Stubbs, G.' 2 
# 
loop_
_citation.id 
_citation.title 
_citation.journal_abbrev 
_citation.journal_volume 
_citation.page_first 
_citation.page_last 
_citation.year 
_citation.journal_id_ASTM 
_citation.country 
_citation.journal_id_ISSN 
_citation.journal_id_CSD 
_citation.book_publisher 
_citation.pdbx_database_id_PubMed 
_citation.pdbx_database_id_DOI 
primary 
;Structure determination of cucumber green mottle mosaic virus by X-ray fiber diffraction. Significance for the evolution of tobamoviruses.
;
J.Mol.Biol.                239 371 384 1994 JMOBAK UK 0022-2836 0070 ? 8201619 10.1006/jmbi.1994.1379 
1       'Molecular Dynamics in Refinement Against Fiber Diffraction Data' 'Acta Crystallogr.,Sect.A' 49  504 ?   1993 ACACEQ DK 
0108-7673 0621 ? ?       ?                      
2       'Fiber Diffraction Analysis of Cucumber Green Mottle Mosaic Virus Using Limited Numbers of Heavy-Atom Derivatives' 
'Acta Crystallogr.,Sect.A' 46  993 ?   1990 ACACEQ DK 0108-7673 0621 ? ?       ?                      
3       
'The Probability Distributions of X-Ray Intensities in Fiber Diffraction: Largest Likely Values for Fiber Diffraction R Factors' 
'Acta Crystallogr.,Sect.A' 45  254 ?   1989 ACACEQ DK 0108-7673 0621 ? ?       ?                      
4       'Isomorphous Replacement in Fiber Diffraction Using Limited Numbers of Heavy-Atom Derivatives' 'Acta Crystallogr.,Sect.A' 
43  64  ?   1987 ACACEQ DK 0108-7673 0621 ? ?       ?                      
5       'Solving the Phase Problem in Fiber Diffraction. Application to Tobacco Mosaic Virus at 3.6 Angstroms Resolution' 
'Acta Crystallogr.,Sect.A' 41  252 ?   1985 ACACEQ DK 0108-7673 0621 ? ?       ?                      
# 
loop_
_citation_author.citation_id 
_citation_author.name 
_citation_author.ordinal 
_citation_author.identifier_ORCID 
primary 'Wang, H.'   1  ? 
primary 'Stubbs, G.' 2  ? 
1       'Wang, H.'   3  ? 
1       'Stubbs, G.' 4  ? 
2       'Lobert, S.' 5  ? 
2       'Stubbs, G.' 6  ? 
3       'Stubbs, G.' 7  ? 
4       'Namba, K.'  8  ? 
4       'Stubbs, G.' 9  ? 
5       'Namba, K.'  10 ? 
5       'Stubbs, G.' 11 ? 
# 
loop_
_entity.id 
_entity.type 
_entity.src_method 
_entity.pdbx_description 
_entity.formula_weight 
_entity.pdbx_number_of_molecules 
_entity.pdbx_ec 
_entity.pdbx_mutation 
_entity.pdbx_fragment 
_entity.details 
1 polymer syn 
;RNA (5'-R(P*GP*AP*A)-3')
;
958.660   1 ? ? ? ? 
2 polymer man 'CUCUMBER GREEN MOTTLE MOSAIC VIRUS' 17303.215 1 ? ? ? ? 
3 water   nat water                                18.015    5 ? ? ? ? 
# 
loop_
_entity_poly.entity_id 
_entity_poly.type 
_entity_poly.nstd_linkage 
_entity_poly.nstd_monomer 
_entity_poly.pdbx_seq_one_letter_code 
_entity_poly.pdbx_seq_one_letter_code_can 
_entity_poly.pdbx_strand_id 
_entity_poly.pdbx_target_identifier 
1 polyribonucleotide no no  GAA GAA I ? 
2 'polypeptide(L)'   no yes 
;(ACE)AYNPITPSKLIAFSASYVPVRTLLNFLVASQGTAFQTQAGRDSFRESLSALPSSVVDINSRFPDAGFYAFLNGPV
LRPIFVSLLSSTDTRNRVIEVVDPSNPTTAESLNAVKRTDDASTAARAEIDNLIESISKGFDVYDRASFEAAFSVVWSEA
TTSKA
;
;XAYNPITPSKLIAFSASYVPVRTLLNFLVASQGTAFQTQAGRDSFRESLSALPSSVVDINSRFPDAGFYAFLNGPVLRPI
FVSLLSSTDTRNRVIEVVDPSNPTTAESLNAVKRTDDASTAARAEIDNLIESISKGFDVYDRASFEAAFSVVWSEATTSK
A
;
E ? 
# 
_pdbx_entity_nonpoly.entity_id   3 
_pdbx_entity_nonpoly.name        water 
_pdbx_entity_nonpoly.comp_id     HOH 
# 
loop_
_entity_poly_seq.entity_id 
_entity_poly_seq.num 
_entity_poly_seq.mon_id 
_entity_poly_seq.hetero 
1 1   G   n 
1 2   A   n 
1 3   A   n 
2 1   ACE n 
2 2   ALA n 
2 3   TYR n 
2 4   ASN n 
2 5   PRO n 
2 6   ILE n 
2 7   THR n 
2 8   PRO n 
2 9   SER n 
2 10  LYS n 
2 11  LEU n 
2 12  ILE n 
2 13  ALA n 
2 14  PHE n 
2 15  SER n 
2 16  ALA n 
2 17  SER n 
2 18  TYR n 
2 19  VAL n 
2 20  PRO n 
2 21  VAL n 
2 22  ARG n 
2 23  THR n 
2 24  LEU n 
2 25  LEU n 
2 26  ASN n 
2 27  PHE n 
2 28  LEU n 
2 29  VAL n 
2 30  ALA n 
2 31  SER n 
2 32  GLN n 
2 33  GLY n 
2 34  THR n 
2 35  ALA n 
2 36  PHE n 
2 37  GLN n 
2 38  THR n 
2 39  GLN n 
2 40  ALA n 
2 41  GLY n 
2 42  ARG n 
2 43  ASP n 
2 44  SER n 
2 45  PHE n 
2 46  ARG n 
2 47  GLU n 
2 48  SER n 
2 49  LEU n 
2 50  SER n 
2 51  ALA n 
2 52  LEU n 
2 53  PRO n 
2 54  SER n 
2 55  SER n 
2 56  VAL n 
2 57  VAL n 
2 58  ASP n 
2 59  ILE n 
2 60  ASN n 
2 61  SER n 
2 62  ARG n 
2 63  PHE n 
2 64  PRO n 
2 65  ASP n 
2 66  ALA n 
2 67  GLY n 
2 68  PHE n 
2 69  TYR n 
2 70  ALA n 
2 71  PHE n 
2 72  LEU n 
2 73  ASN n 
2 74  GLY n 
2 75  PRO n 
2 76  VAL n 
2 77  LEU n 
2 78  ARG n 
2 79  PRO n 
2 80  ILE n 
2 81  PHE n 
2 82  VAL n 
2 83  SER n 
2 84  LEU n 
2 85  LEU n 
2 86  SER n 
2 87  SER n 
2 88  THR n 
2 89  ASP n 
2 90  THR n 
2 91  ARG n 
2 92  ASN n 
2 93  ARG n 
2 94  VAL n 
2 95  ILE n 
2 96  GLU n 
2 97  VAL n 
2 98  VAL n 
2 99  ASP n 
2 100 PRO n 
2 101 SER n 
2 102 ASN n 
2 103 PRO n 
2 104 THR n 
2 105 THR n 
2 106 ALA n 
2 107 GLU n 
2 108 SER n 
2 109 LEU n 
2 110 ASN n 
2 111 ALA n 
2 112 VAL n 
2 113 LYS n 
2 114 ARG n 
2 115 THR n 
2 116 ASP n 
2 117 ASP n 
2 118 ALA n 
2 119 SER n 
2 120 THR n 
2 121 ALA n 
2 122 ALA n 
2 123 ARG n 
2 124 ALA n 
2 125 GLU n 
2 126 ILE n 
2 127 ASP n 
2 128 ASN n 
2 129 LEU n 
2 130 ILE n 
2 131 GLU n 
2 132 SER n 
2 133 ILE n 
2 134 SER n 
2 135 LYS n 
2 136 GLY n 
2 137 PHE n 
2 138 ASP n 
2 139 VAL n 
2 140 TYR n 
2 141 ASP n 
2 142 ARG n 
2 143 ALA n 
2 144 SER n 
2 145 PHE n 
2 146 GLU n 
2 147 ALA n 
2 148 ALA n 
2 149 PHE n 
2 150 SER n 
2 151 VAL n 
2 152 VAL n 
2 153 TRP n 
2 154 SER n 
2 155 GLU n 
2 156 ALA n 
2 157 THR n 
2 158 THR n 
2 159 SER n 
2 160 LYS n 
2 161 ALA n 
# 
_entity_src_gen.entity_id                          2 
_entity_src_gen.pdbx_src_id                        1 
_entity_src_gen.pdbx_alt_source_flag               sample 
_entity_src_gen.pdbx_seq_type                      ? 
_entity_src_gen.pdbx_beg_seq_num                   ? 
_entity_src_gen.pdbx_end_seq_num                   ? 
_entity_src_gen.gene_src_common_name               ? 
_entity_src_gen.gene_src_genus                     ? 
_entity_src_gen.pdbx_gene_src_gene                 ? 
_entity_src_gen.gene_src_species                   ? 
_entity_src_gen.gene_src_strain                    ? 
_entity_src_gen.gene_src_tissue                    WATERMELON 
_entity_src_gen.gene_src_tissue_fraction           ? 
_entity_src_gen.gene_src_details                   ? 
_entity_src_gen.pdbx_gene_src_fragment             ? 
_entity_src_gen.pdbx_gene_src_scientific_name      'Cucumber green mottle mosaic virus' 
_entity_src_gen.pdbx_gene_src_ncbi_taxonomy_id     12235 
_entity_src_gen.pdbx_gene_src_variant              ? 
_entity_src_gen.pdbx_gene_src_cell_line            ? 
_entity_src_gen.pdbx_gene_src_atcc                 ? 
_entity_src_gen.pdbx_gene_src_organ                ? 
_entity_src_gen.pdbx_gene_src_organelle            ? 
_entity_src_gen.pdbx_gene_src_cell                 ? 
_entity_src_gen.pdbx_gene_src_cellular_location    ? 
_entity_src_gen.host_org_common_name               ? 
_entity_src_gen.pdbx_host_org_scientific_name      ? 
_entity_src_gen.pdbx_host_org_ncbi_taxonomy_id     ? 
_entity_src_gen.host_org_genus                     ? 
_entity_src_gen.pdbx_host_org_gene                 ? 
_entity_src_gen.pdbx_host_org_organ                ? 
_entity_src_gen.host_org_species                   ? 
_entity_src_gen.pdbx_host_org_tissue               ? 
_entity_src_gen.pdbx_host_org_tissue_fraction      ? 
_entity_src_gen.pdbx_host_org_strain               ? 
_entity_src_gen.pdbx_host_org_variant              ? 
_entity_src_gen.pdbx_host_org_cell_line            ? 
_entity_src_gen.pdbx_host_org_atcc                 ? 
_entity_src_gen.pdbx_host_org_culture_collection   ? 
_entity_src_gen.pdbx_host_org_cell                 ? 
_entity_src_gen.pdbx_host_org_organelle            ? 
_entity_src_gen.pdbx_host_org_cellular_location    ? 
_entity_src_gen.pdbx_host_org_vector_type          ? 
_entity_src_gen.pdbx_host_org_vector               ? 
_entity_src_gen.host_org_details                   ? 
_entity_src_gen.expression_system_id               ? 
_entity_src_gen.plasmid_name                       ? 
_entity_src_gen.plasmid_details                    ? 
_entity_src_gen.pdbx_description                   ? 
# 
loop_
_chem_comp.id 
_chem_comp.type 
_chem_comp.mon_nstd_flag 
_chem_comp.name 
_chem_comp.pdbx_synonyms 
_chem_comp.formula 
_chem_comp.formula_weight 
A   'RNA linking'       y "ADENOSINE-5'-MONOPHOSPHATE" ? 'C10 H14 N5 O7 P' 347.221 
ACE non-polymer         . 'ACETYL GROUP'               ? 'C2 H4 O'         44.053  
ALA 'L-peptide linking' y ALANINE                      ? 'C3 H7 N O2'      89.093  
ARG 'L-peptide linking' y ARGININE                     ? 'C6 H15 N4 O2 1'  175.209 
ASN 'L-peptide linking' y ASPARAGINE                   ? 'C4 H8 N2 O3'     132.118 
ASP 'L-peptide linking' y 'ASPARTIC ACID'              ? 'C4 H7 N O4'      133.103 
G   'RNA linking'       y "GUANOSINE-5'-MONOPHOSPHATE" ? 'C10 H14 N5 O8 P' 363.221 
GLN 'L-peptide linking' y GLUTAMINE                    ? 'C5 H10 N2 O3'    146.144 
GLU 'L-peptide linking' y 'GLUTAMIC ACID'              ? 'C5 H9 N O4'      147.129 
GLY 'peptide linking'   y GLYCINE                      ? 'C2 H5 N O2'      75.067  
HOH non-polymer         . WATER                        ? 'H2 O'            18.015  
ILE 'L-peptide linking' y ISOLEUCINE                   ? 'C6 H13 N O2'     131.173 
LEU 'L-peptide linking' y LEUCINE                      ? 'C6 H13 N O2'     131.173 
LYS 'L-peptide linking' y LYSINE                       ? 'C6 H15 N2 O2 1'  147.195 
PHE 'L-peptide linking' y PHENYLALANINE                ? 'C9 H11 N O2'     165.189 
PRO 'L-peptide linking' y PROLINE                      ? 'C5 H9 N O2'      115.130 
SER 'L-peptide linking' y SERINE                       ? 'C3 H7 N O3'      105.093 
THR 'L-peptide linking' y THREONINE                    ? 'C4 H9 N O3'      119.119 
TRP 'L-peptide linking' y TRYPTOPHAN                   ? 'C11 H12 N2 O2'   204.225 
TYR 'L-peptide linking' y TYROSINE                     ? 'C9 H11 N O3'     181.189 
VAL 'L-peptide linking' y VALINE                       ? 'C5 H11 N O2'     117.146 
# 
loop_
_pdbx_poly_seq_scheme.asym_id 
_pdbx_poly_seq_scheme.entity_id 
_pdbx_poly_seq_scheme.seq_id 
_pdbx_poly_seq_scheme.mon_id 
_pdbx_poly_seq_scheme.ndb_seq_num 
_pdbx_poly_seq_scheme.pdb_seq_num 
_pdbx_poly_seq_scheme.auth_seq_num 
_pdbx_poly_seq_scheme.pdb_mon_id 
_pdbx_poly_seq_scheme.auth_mon_id 
_pdbx_poly_seq_scheme.pdb_strand_id 
_pdbx_poly_seq_scheme.pdb_ins_code 
_pdbx_poly_seq_scheme.hetero 
A 1 1   G   1   1   1   G   G   I . n 
A 1 2   A   2   2   2   A   A   I . n 
A 1 3   A   3   3   3   A   A   I . n 
B 2 1   ACE 1   0   0   ACE ACE E . n 
B 2 2   ALA 2   1   1   ALA ALA E . n 
B 2 3   TYR 3   2   2   TYR TYR E . n 
B 2 4   ASN 4   3   3   ASN ASN E . n 
B 2 5   PRO 5   4   4   PRO PRO E . n 
B 2 6   ILE 6   5   5   ILE ILE E . n 
B 2 7   THR 7   6   6   THR THR E . n 
B 2 8   PRO 8   7   7   PRO PRO E . n 
B 2 9   SER 9   8   8   SER SER E . n 
B 2 10  LYS 10  9   9   LYS LYS E . n 
B 2 11  LEU 11  10  10  LEU LEU E . n 
B 2 12  ILE 12  11  11  ILE ILE E . n 
B 2 13  ALA 13  12  12  ALA ALA E . n 
B 2 14  PHE 14  13  13  PHE PHE E . n 
B 2 15  SER 15  14  14  SER SER E . n 
B 2 16  ALA 16  15  15  ALA ALA E . n 
B 2 17  SER 17  16  16  SER SER E . n 
B 2 18  TYR 18  17  17  TYR TYR E . n 
B 2 19  VAL 19  18  18  VAL VAL E . n 
B 2 20  PRO 20  19  19  PRO PRO E . n 
B 2 21  VAL 21  20  20  VAL VAL E . n 
B 2 22  ARG 22  21  21  ARG ARG E . n 
B 2 23  THR 23  22  22  THR THR E . n 
B 2 24  LEU 24  23  23  LEU LEU E . n 
B 2 25  LEU 25  24  24  LEU LEU E . n 
B 2 26  ASN 26  25  25  ASN ASN E . n 
B 2 27  PHE 27  26  26  PHE PHE E . n 
B 2 28  LEU 28  27  27  LEU LEU E . n 
B 2 29  VAL 29  28  28  VAL VAL E . n 
B 2 30  ALA 30  29  29  ALA ALA E . n 
B 2 31  SER 31  30  30  SER SER E . n 
B 2 32  GLN 32  31  31  GLN GLN E . n 
B 2 33  GLY 33  32  32  GLY GLY E . n 
B 2 34  THR 34  33  33  THR THR E . n 
B 2 35  ALA 35  34  34  ALA ALA E . n 
B 2 36  PHE 36  35  35  PHE PHE E . n 
B 2 37  GLN 37  36  36  GLN GLN E . n 
B 2 38  THR 38  37  37  THR THR E . n 
B 2 39  GLN 39  38  38  GLN GLN E . n 
B 2 40  ALA 40  39  39  ALA ALA E . n 
B 2 41  GLY 41  40  40  GLY GLY E . n 
B 2 42  ARG 42  41  41  ARG ARG E . n 
B 2 43  ASP 43  42  42  ASP ASP E . n 
B 2 44  SER 44  43  43  SER SER E . n 
B 2 45  PHE 45  44  44  PHE PHE E . n 
B 2 46  ARG 46  45  45  ARG ARG E . n 
B 2 47  GLU 47  46  46  GLU GLU E . n 
B 2 48  SER 48  47  47  SER SER E . n 
B 2 49  LEU 49  48  48  LEU LEU E . n 
B 2 50  SER 50  49  49  SER SER E . n 
B 2 51  ALA 51  50  50  ALA ALA E . n 
B 2 52  LEU 52  51  51  LEU LEU E . n 
B 2 53  PRO 53  52  52  PRO PRO E . n 
B 2 54  SER 54  53  53  SER SER E . n 
B 2 55  SER 55  54  54  SER SER E . n 
B 2 56  VAL 56  55  55  VAL VAL E . n 
B 2 57  VAL 57  56  56  VAL VAL E . n 
B 2 58  ASP 58  57  57  ASP ASP E . n 
B 2 59  ILE 59  58  58  ILE ILE E . n 
B 2 60  ASN 60  59  59  ASN ASN E . n 
B 2 61  SER 61  60  60  SER SER E . n 
B 2 62  ARG 62  61  61  ARG ARG E . n 
B 2 63  PHE 63  62  62  PHE PHE E . n 
B 2 64  PRO 64  63  63  PRO PRO E . n 
B 2 65  ASP 65  64  64  ASP ASP E . n 
B 2 66  ALA 66  65  65  ALA ALA E . n 
B 2 67  GLY 67  66  66  GLY GLY E . n 
B 2 68  PHE 68  67  67  PHE PHE E . n 
B 2 69  TYR 69  68  68  TYR TYR E . n 
B 2 70  ALA 70  69  69  ALA ALA E . n 
B 2 71  PHE 71  70  70  PHE PHE E . n 
B 2 72  LEU 72  71  71  LEU LEU E . n 
B 2 73  ASN 73  72  72  ASN ASN E . n 
B 2 74  GLY 74  73  73  GLY GLY E . n 
B 2 75  PRO 75  74  74  PRO PRO E . n 
B 2 76  VAL 76  75  75  VAL VAL E . n 
B 2 77  LEU 77  76  76  LEU LEU E . n 
B 2 78  ARG 78  77  77  ARG ARG E . n 
B 2 79  PRO 79  78  78  PRO PRO E . n 
B 2 80  ILE 80  79  79  ILE ILE E . n 
B 2 81  PHE 81  80  80  PHE PHE E . n 
B 2 82  VAL 82  81  81  VAL VAL E . n 
B 2 83  SER 83  82  82  SER SER E . n 
B 2 84  LEU 84  83  83  LEU LEU E . n 
B 2 85  LEU 85  84  84  LEU LEU E . n 
B 2 86  SER 86  85  85  SER SER E . n 
B 2 87  SER 87  86  86  SER SER E . n 
B 2 88  THR 88  87  87  THR THR E . n 
B 2 89  ASP 89  88  88  ASP ASP E . n 
B 2 90  THR 90  89  89  THR THR E . n 
B 2 91  ARG 91  90  90  ARG ARG E . n 
B 2 92  ASN 92  91  91  ASN ASN E . n 
B 2 93  ARG 93  92  92  ARG ARG E . n 
B 2 94  VAL 94  93  93  VAL VAL E . n 
B 2 95  ILE 95  94  94  ILE ILE E . n 
B 2 96  GLU 96  95  95  GLU GLU E . n 
B 2 97  VAL 97  96  96  VAL VAL E . n 
B 2 98  VAL 98  97  97  VAL VAL E . n 
B 2 99  ASP 99  98  98  ASP ASP E . n 
B 2 100 PRO 100 99  99  PRO PRO E . n 
B 2 101 SER 101 100 100 SER SER E . n 
B 2 102 ASN 102 101 101 ASN ASN E . n 
B 2 103 PRO 103 102 102 PRO PRO E . n 
B 2 104 THR 104 103 103 THR THR E . n 
B 2 105 THR 105 104 104 THR THR E . n 
B 2 106 ALA 106 105 105 ALA ALA E . n 
B 2 107 GLU 107 106 106 GLU GLU E . n 
B 2 108 SER 108 107 107 SER SER E . n 
B 2 109 LEU 109 108 108 LEU LEU E . n 
B 2 110 ASN 110 109 109 ASN ASN E . n 
B 2 111 ALA 111 110 110 ALA ALA E . n 
B 2 112 VAL 112 111 111 VAL VAL E . n 
B 2 113 LYS 113 112 112 LYS LYS E . n 
B 2 114 ARG 114 113 113 ARG ARG E . n 
B 2 115 THR 115 114 114 THR THR E . n 
B 2 116 ASP 116 115 115 ASP ASP E . n 
B 2 117 ASP 117 116 116 ASP ASP E . n 
B 2 118 ALA 118 117 117 ALA ALA E . n 
B 2 119 SER 119 118 118 SER SER E . n 
B 2 120 THR 120 119 119 THR THR E . n 
B 2 121 ALA 121 120 120 ALA ALA E . n 
B 2 122 ALA 122 121 121 ALA ALA E . n 
B 2 123 ARG 123 122 122 ARG ARG E . n 
B 2 124 ALA 124 123 123 ALA ALA E . n 
B 2 125 GLU 125 124 124 GLU GLU E . n 
B 2 126 ILE 126 125 125 ILE ILE E . n 
B 2 127 ASP 127 126 126 ASP ASP E . n 
B 2 128 ASN 128 127 127 ASN ASN E . n 
B 2 129 LEU 129 128 128 LEU LEU E . n 
B 2 130 ILE 130 129 129 ILE ILE E . n 
B 2 131 GLU 131 130 130 GLU GLU E . n 
B 2 132 SER 132 131 131 SER SER E . n 
B 2 133 ILE 133 132 132 ILE ILE E . n 
B 2 134 SER 134 133 133 SER SER E . n 
B 2 135 LYS 135 134 134 LYS LYS E . n 
B 2 136 GLY 136 135 135 GLY GLY E . n 
B 2 137 PHE 137 136 136 PHE PHE E . n 
B 2 138 ASP 138 137 137 ASP ASP E . n 
B 2 139 VAL 139 138 138 VAL VAL E . n 
B 2 140 TYR 140 139 139 TYR TYR E . n 
B 2 141 ASP 141 140 140 ASP ASP E . n 
B 2 142 ARG 142 141 141 ARG ARG E . n 
B 2 143 ALA 143 142 142 ALA ALA E . n 
B 2 144 SER 144 143 143 SER SER E . n 
B 2 145 PHE 145 144 144 PHE PHE E . n 
B 2 146 GLU 146 145 145 GLU GLU E . n 
B 2 147 ALA 147 146 146 ALA ALA E . n 
B 2 148 ALA 148 147 147 ALA ALA E . n 
B 2 149 PHE 149 148 148 PHE PHE E . n 
B 2 150 SER 150 149 149 SER SER E . n 
B 2 151 VAL 151 150 150 VAL VAL E . n 
B 2 152 VAL 152 151 151 VAL VAL E . n 
B 2 153 TRP 153 152 152 TRP TRP E . n 
B 2 154 SER 154 153 153 SER SER E . n 
B 2 155 GLU 155 154 154 GLU GLU E . n 
B 2 156 ALA 156 155 155 ALA ALA E . n 
B 2 157 THR 157 156 156 THR THR E . n 
B 2 158 THR 158 157 157 THR THR E . n 
B 2 159 SER 159 158 158 SER SER E . n 
B 2 160 LYS 160 159 159 LYS LYS E . n 
B 2 161 ALA 161 160 160 ALA ALA E . n 
# 
loop_
_pdbx_nonpoly_scheme.asym_id 
_pdbx_nonpoly_scheme.entity_id 
_pdbx_nonpoly_scheme.mon_id 
_pdbx_nonpoly_scheme.ndb_seq_num 
_pdbx_nonpoly_scheme.pdb_seq_num 
_pdbx_nonpoly_scheme.auth_seq_num 
_pdbx_nonpoly_scheme.pdb_mon_id 
_pdbx_nonpoly_scheme.auth_mon_id 
_pdbx_nonpoly_scheme.pdb_strand_id 
_pdbx_nonpoly_scheme.pdb_ins_code 
C 3 HOH 1 171 171 HOH HOH E . 
C 3 HOH 2 172 172 HOH HOH E . 
C 3 HOH 3 173 173 HOH HOH E . 
C 3 HOH 4 174 174 HOH HOH E . 
C 3 HOH 5 175 175 HOH HOH E . 
# 
loop_
_software.name 
_software.classification 
_software.version 
_software.citation_id 
_software.pdbx_ordinal 
X-PLOR 'model building' . ? 1 
X-PLOR refinement       . ? 2 
X-PLOR phasing          . ? 3 
# 
_cell.entry_id           1CGM 
_cell.length_a           1.000 
_cell.length_b           1.000 
_cell.length_c           70.800 
_cell.angle_alpha        90.00 
_cell.angle_beta         90.00 
_cell.angle_gamma        90.00 
_cell.Z_PDB              49 
_cell.pdbx_unique_axis   ? 
# 
_symmetry.entry_id                         1CGM 
_symmetry.space_group_name_H-M             'P 1' 
_symmetry.pdbx_full_space_group_name_H-M   ? 
_symmetry.cell_setting                     ? 
_symmetry.Int_Tables_number                1 
# 
_exptl.entry_id          1CGM 
_exptl.method            'FIBER DIFFRACTION' 
_exptl.crystals_number   ? 
# 
_exptl_crystal.id                    1 
_exptl_crystal.density_meas          ? 
_exptl_crystal.density_Matthews      ? 
_exptl_crystal.density_percent_sol   ? 
_exptl_crystal.description           ? 
# 
_diffrn.id                     1 
_diffrn.ambient_temp           ? 
_diffrn.ambient_temp_details   ? 
_diffrn.crystal_id             1 
# 
_diffrn_radiation.diffrn_id                        1 
_diffrn_radiation.wavelength_id                    1 
_diffrn_radiation.pdbx_monochromatic_or_laue_m_l   ? 
_diffrn_radiation.monochromator                    ? 
_diffrn_radiation.pdbx_diffrn_protocol             ? 
_diffrn_radiation.pdbx_scattering_type             ? 
# 
_diffrn_radiation_wavelength.id           1 
_diffrn_radiation_wavelength.wavelength   . 
_diffrn_radiation_wavelength.wt           1.0 
# 
_refine.entry_id                                 1CGM 
_refine.ls_number_reflns_obs                     ? 
_refine.ls_number_reflns_all                     ? 
_refine.pdbx_ls_sigma_I                          ? 
_refine.pdbx_ls_sigma_F                          ? 
_refine.pdbx_data_cutoff_high_absF               ? 
_refine.pdbx_data_cutoff_low_absF                ? 
_refine.pdbx_data_cutoff_high_rms_absF           ? 
_refine.ls_d_res_low                             . 
_refine.ls_d_res_high                            3.4 
_refine.ls_percent_reflns_obs                    ? 
_refine.ls_R_factor_obs                          0.093 
_refine.ls_R_factor_all                          ? 
_refine.ls_R_factor_R_work                       0.093 
_refine.ls_R_factor_R_free                       ? 
_refine.ls_R_factor_R_free_error                 ? 
_refine.ls_R_factor_R_free_error_details         ? 
_refine.ls_percent_reflns_R_free                 ? 
_refine.ls_number_reflns_R_free                  ? 
_refine.ls_number_parameters                     ? 
_refine.ls_number_restraints                     ? 
_refine.occupancy_min                            ? 
_refine.occupancy_max                            ? 
_refine.B_iso_mean                               ? 
_refine.aniso_B[1][1]                            ? 
_refine.aniso_B[2][2]                            ? 
_refine.aniso_B[3][3]                            ? 
_refine.aniso_B[1][2]                            ? 
_refine.aniso_B[1][3]                            ? 
_refine.aniso_B[2][3]                            ? 
_refine.solvent_model_details                    ? 
_refine.solvent_model_param_ksol                 ? 
_refine.solvent_model_param_bsol                 ? 
_refine.pdbx_ls_cross_valid_method               ? 
_refine.details                                  
;STRUCTURE WAS DETERMINED FROM FIBER DIFFRACTION DATA BY
MULTI-DIMENSIONAL ISOMORPHOUS REPLACEMENT WITH THREE HEAVY
ATOM DERIVATIVES.  CGMMV HAS 36 PERCENT SEQUENCE HOMOLOGY
WITH TOBACCO MOSAIC VIRUS (TMV).  THE STRUCTURE INCLUDES
ALL 160 AMINO ACIDS, 3 RNA NUCLEOTIDES (MODELED AS GAA) AND
6 WATER MOLECULES.
;
_refine.pdbx_starting_model                      ? 
_refine.pdbx_method_to_determine_struct          ? 
_refine.pdbx_isotropic_thermal_model             ? 
_refine.pdbx_stereochemistry_target_values       ? 
_refine.pdbx_stereochem_target_val_spec_case     ? 
_refine.pdbx_R_Free_selection_details            ? 
_refine.pdbx_overall_ESU_R                       ? 
_refine.pdbx_overall_ESU_R_Free                  ? 
_refine.overall_SU_ML                            ? 
_refine.overall_SU_B                             ? 
_refine.pdbx_refine_id                           'FIBER DIFFRACTION' 
_refine.pdbx_diffrn_id                           1 
_refine.pdbx_TLS_residual_ADP_flag               ? 
_refine.correlation_coeff_Fo_to_Fc               ? 
_refine.correlation_coeff_Fo_to_Fc_free          ? 
_refine.pdbx_solvent_vdw_probe_radii             ? 
_refine.pdbx_solvent_ion_probe_radii             ? 
_refine.pdbx_solvent_shrinkage_radii             ? 
_refine.pdbx_overall_phase_error                 ? 
_refine.overall_SU_R_Cruickshank_DPI             ? 
_refine.pdbx_overall_SU_R_free_Cruickshank_DPI   ? 
_refine.pdbx_overall_SU_R_Blow_DPI               ? 
_refine.pdbx_overall_SU_R_free_Blow_DPI          ? 
# 
_refine_hist.pdbx_refine_id                   'FIBER DIFFRACTION' 
_refine_hist.cycle_id                         LAST 
_refine_hist.pdbx_number_atoms_protein        1224 
_refine_hist.pdbx_number_atoms_nucleic_acid   67 
_refine_hist.pdbx_number_atoms_ligand         0 
_refine_hist.number_atoms_solvent             5 
_refine_hist.number_atoms_total               1296 
_refine_hist.d_res_high                       3.4 
_refine_hist.d_res_low                        . 
# 
loop_
_refine_ls_restr.type 
_refine_ls_restr.dev_ideal 
_refine_ls_restr.dev_ideal_target 
_refine_ls_restr.weight 
_refine_ls_restr.number 
_refine_ls_restr.pdbx_refine_id 
_refine_ls_restr.pdbx_restraint_function 
x_bond_d                0.016 ? ? ? 'FIBER DIFFRACTION' ? 
x_bond_d_na             ?     ? ? ? 'FIBER DIFFRACTION' ? 
x_bond_d_prot           ?     ? ? ? 'FIBER DIFFRACTION' ? 
x_angle_d               ?     ? ? ? 'FIBER DIFFRACTION' ? 
x_angle_d_na            ?     ? ? ? 'FIBER DIFFRACTION' ? 
x_angle_d_prot          ?     ? ? ? 'FIBER DIFFRACTION' ? 
x_angle_deg             3.7   ? ? ? 'FIBER DIFFRACTION' ? 
x_angle_deg_na          ?     ? ? ? 'FIBER DIFFRACTION' ? 
x_angle_deg_prot        ?     ? ? ? 'FIBER DIFFRACTION' ? 
x_dihedral_angle_d      ?     ? ? ? 'FIBER DIFFRACTION' ? 
x_dihedral_angle_d_na   ?     ? ? ? 'FIBER DIFFRACTION' ? 
x_dihedral_angle_d_prot ?     ? ? ? 'FIBER DIFFRACTION' ? 
x_improper_angle_d      ?     ? ? ? 'FIBER DIFFRACTION' ? 
x_improper_angle_d_na   ?     ? ? ? 'FIBER DIFFRACTION' ? 
x_improper_angle_d_prot ?     ? ? ? 'FIBER DIFFRACTION' ? 
x_mcbond_it             ?     ? ? ? 'FIBER DIFFRACTION' ? 
x_mcangle_it            ?     ? ? ? 'FIBER DIFFRACTION' ? 
x_scbond_it             ?     ? ? ? 'FIBER DIFFRACTION' ? 
x_scangle_it            ?     ? ? ? 'FIBER DIFFRACTION' ? 
# 
_struct.entry_id                  1CGM 
_struct.title                     
;STRUCTURE DETERMINATION OF CUCUMBER GREEN MOTTLE MOSAIC VIRUS BY X-RAY FIBER DIFFRACTION. SIGNIFICANCE FOR THE EVOLUTION OF TOBAMOVIRUSES
;
_struct.pdbx_model_details        ? 
_struct.pdbx_CASP_flag            ? 
_struct.pdbx_model_type_details   ? 
# 
_struct_keywords.entry_id        1CGM 
_struct_keywords.pdbx_keywords   VIRUS 
_struct_keywords.text            'VIRUS, Helical virus' 
# 
loop_
_struct_asym.id 
_struct_asym.pdbx_blank_PDB_chainid_flag 
_struct_asym.pdbx_modified 
_struct_asym.entity_id 
_struct_asym.details 
A N N 1 ? 
B N N 2 ? 
C N N 3 ? 
# 
loop_
_struct_ref.id 
_struct_ref.db_name 
_struct_ref.db_code 
_struct_ref.entity_id 
_struct_ref.pdbx_db_accession 
_struct_ref.pdbx_align_begin 
_struct_ref.pdbx_seq_one_letter_code 
_struct_ref.pdbx_db_isoform 
1 UNP COAT_CGMVS 2 P19521 1 
;AYNPITPSKLIAFSASYVPVRTLLNFLVASQGTAFQTQAGRDSFRESLSALPSSVVDINSRFPDAGFYAFLNGPVLRPIF
VSLLSSTDTRNRVIEVVDPSNPTTAESLNAVKRTDDASTAARAEIDNLIESISKGFDVYDRASFEAAFSVVWSEATTSKA

;
? 
2 PDB 1CGM       1 1CGM   ? ? ? 
# 
loop_
_struct_ref_seq.align_id 
_struct_ref_seq.ref_id 
_struct_ref_seq.pdbx_PDB_id_code 
_struct_ref_seq.pdbx_strand_id 
_struct_ref_seq.seq_align_beg 
_struct_ref_seq.pdbx_seq_align_beg_ins_code 
_struct_ref_seq.seq_align_end 
_struct_ref_seq.pdbx_seq_align_end_ins_code 
_struct_ref_seq.pdbx_db_accession 
_struct_ref_seq.db_align_beg 
_struct_ref_seq.pdbx_db_align_beg_ins_code 
_struct_ref_seq.db_align_end 
_struct_ref_seq.pdbx_db_align_end_ins_code 
_struct_ref_seq.pdbx_auth_seq_align_beg 
_struct_ref_seq.pdbx_auth_seq_align_end 
1 1 1CGM E 2 ? 161 ? P19521 1 ? 160 ? 1 160 
2 2 1CGM I 1 ? 3   ? 1CGM   1 ? 3   ? 1 3   
# 
loop_
_pdbx_struct_assembly.id 
_pdbx_struct_assembly.details 
_pdbx_struct_assembly.method_details 
_pdbx_struct_assembly.oligomeric_details 
_pdbx_struct_assembly.oligomeric_count 
1 'representative helical assembly'            ? helical 98 
2 'helical asymmetric unit'                    ? dimeric 2  
3 'helical asymmetric unit, std helical frame' ? dimeric 2  
# 
loop_
_pdbx_struct_assembly_gen.assembly_id 
_pdbx_struct_assembly_gen.oper_expression 
_pdbx_struct_assembly_gen.asym_id_list 
1 '(1-49)' A,B,C 
2 25       A,B,C 
3 H        A,B,C 
# 
loop_
_pdbx_struct_oper_list.id 
_pdbx_struct_oper_list.type 
_pdbx_struct_oper_list.name 
_pdbx_struct_oper_list.symmetry_operation 
_pdbx_struct_oper_list.matrix[1][1] 
_pdbx_struct_oper_list.matrix[1][2] 
_pdbx_struct_oper_list.matrix[1][3] 
_pdbx_struct_oper_list.vector[1] 
_pdbx_struct_oper_list.matrix[2][1] 
_pdbx_struct_oper_list.matrix[2][2] 
_pdbx_struct_oper_list.matrix[2][3] 
_pdbx_struct_oper_list.vector[2] 
_pdbx_struct_oper_list.matrix[3][1] 
_pdbx_struct_oper_list.matrix[3][2] 
_pdbx_struct_oper_list.matrix[3][3] 
_pdbx_struct_oper_list.vector[3] 
H  'identity operation'         1_555 x,y,z 1.00000000  0.00000000  0.00000000  0.00000   0.00000000  1.00000000 0.00000000  0.00000   0.00000000  0.00000000  1.00000000  0.00000   
1  'helical symmetry operation' ?     ?     -0.90045885 0.21925596  -0.37563372 77.44021  0.42989066  0.31742267 -0.84524368 2.40727   -0.06609006 -0.92258857 -0.38008215 94.91593  
2  'helical symmetry operation' ?     ?     -0.76285970 0.00051502  -0.64656384 87.51035  0.60163136  0.36684340 -0.70955312 -9.47883  0.23682224  -0.93028256 -0.28015990 78.52354  
3  'helical symmetry operation' ?     ?     -0.50777382 -0.19435957 -0.83927951 89.42784  0.70937534  0.45846119 -0.53535031 -21.24829 0.48882754  -0.86720107 -0.09492070 59.30896  
4  'helical symmetry operation' ?     ?     -0.17248617 -0.33688370 -0.92561217 82.95515  0.73737405  0.57888461 -0.34809786 -31.00979 0.65309113  -0.74256447 0.14855971  39.96432  
5  'helical symmetry operation' ?     ?     0.19399540  -0.40622509 -0.89294286 69.08110  0.68153500  0.71051177 -0.17516580 -37.16554 0.70560316  -0.57459046 0.41469263  23.20084  
6  'helical symmetry operation' ?     ?     0.53810357  -0.39224837 -0.74604676 49.87632  0.55002001  0.83410321 -0.04183101 -38.64479 0.63868814  -0.38783122 0.66457836  11.35239  
7  'helical symmetry operation' ?     ?     0.80954127  -0.29699646 -0.50639514 28.19063  0.36205214  0.93159399 0.03241744  -35.06031 0.46212680  -0.20958469 0.86169198  6.03449   
8  'helical symmetry operation' ?     ?     0.96863340  -0.13439200 -0.20901703 7.23650   0.14510600  0.98873423 0.03672691  -26.76506 0.20172649  -0.06590454 0.97722209  7.90806   
9  'helical symmetry operation' ?     ?     0.99212602  0.07179769  0.10262083  -9.88057  -0.06910815 0.99717195 -0.02953249 -14.80052 -0.10445098 0.02220802  0.99428205  16.58290  
10 'helical symmetry operation' ?     ?     0.87658531  0.29143458  0.38296746  -20.61591 -0.24927938 0.95567383 -0.15667587 -0.74450  -0.41165275 0.04187387  0.91037827  30.67468  
11 'helical symmetry operation' ?     ?     0.63889943  0.49241513  0.59104556  -23.35765 -0.36907270 0.87030550 -0.32611912 13.51947  -0.67497619 -0.00978146 0.73777467  48.00729  
12 'helical symmetry operation' ?     ?     0.31381011  0.64536271  0.69644109  -17.66230 -0.41097834 0.75354496 -0.51309531 26.07746  -0.85593225 -0.12520771 0.50170012  65.93094  
13 'helical symmetry operation' ?     ?     -0.05116552 0.72792151  0.68374875  -4.31962  -0.36887109 0.62245868 -0.69027481 35.26491  -0.92807123 -0.28753342 0.23666078  81.70944  
14 'helical symmetry operation' ?     ?     -0.40268022 0.72802421  0.55482376  14.76288  -0.24890564 0.49620708 -0.83175989 39.90992  -0.88084881 -0.47303201 -0.01860344 92.92013  
15 'helical symmetry operation' ?     ?     -0.68935434 0.64565579  0.32851060  36.83869  -0.06861690 0.39324392 -0.91687019 39.50455  -0.72116734 -0.65458982 -0.22678150 97.80803  
16 'helical symmetry operation' ?     ?     -0.86928572 0.49285575  0.03788868  58.72380  0.14564295  0.32861895 -0.93316543 34.27904  -0.47236688 -0.80566916 -0.35744473 95.54234  
17 'helical symmetry operation' ?     ?     -0.91617443 0.29195834  -0.27456281 77.26206  0.36255631  0.31177820 -0.87826379 25.16818  -0.17081374 -0.90418730 -0.39149455 86.33787  
18 'helical symmetry operation' ?     ?     -0.82316692 0.07232803  -0.56317394 89.78653  0.55041771  0.34518319 -0.76019005 13.67465  0.13941513  -0.93574421 -0.32395401 71.42365  
19 'helical symmetry operation' ?     ?     -0.60385775 -0.13393259 -0.78575943 94.50928  0.68176810  0.42395125 -0.59620264 1.64944   0.41297466  -0.89572730 -0.16469528 52.86328  
20 'helical symmetry operation' ?     ?     -0.29030259 -0.29667514 -0.90978474 90.78272  0.73740847  0.53656913 -0.41027102 -8.97879  0.60987962  -0.78998571 0.06300335  33.25331  
21 'helical symmetry operation' ?     ?     0.07166731  -0.39211210 -0.91712153 79.19428  0.70920606  0.66657587 -0.22957216 -16.48554 0.70134910  -0.63397533 0.32585998  15.34370  
22 'helical symmetry operation' ?     ?     0.42914409  -0.40629379 -0.80669741 61.48053  0.60128311  0.79496883 -0.08051818 -19.60259 0.67401333  -0.45049963 0.58545377  1.63589   
23 'helical symmetry operation' ?     ?     0.72987661  -0.33714732 -0.59465268 40.27334  0.42941435  0.90298127 0.01510423  -17.70334 0.53186788  -0.26637662 0.80384081  -5.98287  
24 'helical symmetry operation' ?     ?     0.92990788  -0.19477960 -0.31198117 18.71523  0.21872122  0.97482540 0.04331827  -10.89440 0.29568966  -0.10851890 0.94910025  -6.51532  
25 'identity operation'         1_555 x,y,z 1.00000000  0.00000000  0.00000000  0.00000   0.00000000  1.00000000 0.00000000  0.00000   0.00000000  0.00000000  1.00000000  0.00000   
26 'helical symmetry operation' ?     ?     0.92990788  0.21872122  0.29568966  -13.09409 -0.19477960 0.97482540 -0.10851890 13.55844  -0.31198117 0.04331827  0.94910025  12.49442  
27 'helical symmetry operation' ?     ?     0.72987661  0.42941435  0.53186788  -18.61041 -0.33714732 0.90298127 -0.26637662 27.97014  -0.59465268 0.01510423  0.80384081  29.02532  
28 'helical symmetry operation' ?     ?     0.42914409  0.60128311  0.67401333  -15.69991 -0.40629379 0.79496883 -0.45049963 41.29957  -0.80669741 -0.08051818 0.58545377  47.06008  
29 'helical symmetry operation' ?     ?     0.07166731  0.70920606  0.70134910  -4.74529  -0.39211210 0.66657587 -0.63397533 51.76943  -0.91712153 -0.22957216 0.32585998  63.84626  
30 'helical symmetry operation' ?     ?     -0.29030259 0.73740847  0.60987962  12.69498  -0.29667514 0.53656913 -0.78998571 58.02036  -0.90978474 -0.41027102 0.06300335  76.81393  
31 'helical symmetry operation' ?     ?     -0.60385775 0.68176810  0.41297466  34.11443  -0.13393259 0.42395125 -0.89572730 59.30968  -0.78575943 -0.59620264 -0.16469528 83.95129  
32 'helical symmetry operation' ?     ?     -0.82316692 0.55041771  0.13941513  56.42500  0.07232803  0.34518319 -0.93574421 55.61993  -0.56317394 -0.76019005 -0.32395401 84.09875  
33 'helical symmetry operation' ?     ?     -0.91617443 0.36255631  -0.17081374 76.40834  0.29195834  0.31177820 -0.90418730 47.66141  -0.27456281 -0.87826379 -0.39149455 77.11839  
34 'helical symmetry operation' ?     ?     -0.86928572 0.14564295  -0.47236688 91.18630  0.49285575  0.32861895 -0.80566916 36.76841  0.03788868  -0.93316543 -0.35744473 63.91415  
35 'helical symmetry operation' ?     ?     -0.68935434 -0.06861690 -0.72116734 98.64155  0.64565579  0.39324392 -0.65458982 24.70410  0.32851060  -0.91687019 -0.22678150 46.29970  
36 'helical symmetry operation' ?     ?     -0.40268022 -0.24890564 -0.88084881 97.72711  0.72802421  0.49620708 -0.47303201 13.40287  0.55482376  -0.83175989 -0.01860344 26.73331  
37 'helical symmetry operation' ?     ?     -0.05116552 -0.36887109 -0.92807123 88.61937  0.72792151  0.62245868 -0.28753342 4.68759   0.68374875  -0.69027481 0.23666078  7.95859   
38 'helical symmetry operation' ?     ?     0.31381011  -0.41097834 -0.85593225 72.69230  0.64536271  0.75354496 -0.12520771 0.00312   0.69644109  -0.51309531 0.50170012  -7.39659  
39 'helical symmetry operation' ?     ?     0.63889943  -0.36907270 -0.67497619 52.31663  0.49241513  0.87030550 -0.00978146 0.20518   0.59104556  -0.32611912 0.73777467  -17.20418 
40 'helical symmetry operation' ?     ?     0.87658531  -0.24927938 -0.41165275 30.51333  0.29143458  0.95567383 0.04187387  5.43522   0.38296746  -0.15667587 0.91037827  -20.14698 
41 'helical symmetry operation' ?     ?     0.99212602  -0.06910815 -0.10445098 10.51204  0.07179769  0.99717195 0.02220802  15.09979  0.10262083  -0.02953249 0.99428205  -15.91122 
42 'helical symmetry operation' ?     ?     0.96863340  0.14510600  0.20172649  -4.72101  -0.13439200 0.98873423 -0.06590454 27.95724  -0.20901703 0.03672691  0.97722209  -5.23238  
43 'helical symmetry operation' ?     ?     0.80954127  0.36205214  0.46212680  -12.91652 -0.29699646 0.93159399 -0.20958469 42.29923  -0.50639514 0.03241744  0.86169198  10.21230  
44 'helical symmetry operation' ?     ?     0.53810357  0.55002001  0.63868814  -12.83386 -0.39224837 0.83410321 -0.38783122 56.20046  -0.74604676 -0.04183101 0.66457836  28.04896  
45 'helical symmetry operation' ?     ?     0.19399540  0.68153500  0.70560316  -4.44238  -0.40622509 0.71051177 -0.57459046 67.80001  -0.89294286 -0.17516580 0.41469263  45.55412  
46 'helical symmetry operation' ?     ?     -0.17248617 0.73737405  0.65309113  11.07408  -0.33688370 0.57888461 -0.74256447 75.57342  -0.92561217 -0.34809786 0.14855971  60.05277  
47 'helical symmetry operation' ?     ?     -0.50777382 0.70937534  0.48882754  31.49028  -0.19435957 0.45846119 -0.86720107 78.55546  -0.83927951 -0.53535031 -0.09492070 69.30933  
48 'helical symmetry operation' ?     ?     -0.76285970 0.60163136  0.23682224  53.86476  0.00051502  0.36684340 -0.93028256 76.48126  -0.64656384 -0.70955312 -0.28015990 71.85444  
49 'helical symmetry operation' ?     ?     -0.90045885 0.42989066  -0.06609006 74.96986  0.21925596  0.31742267 -0.92258857 69.82500  -0.37563372 -0.84524368 -0.38008215 67.19974  
# 
_struct_biol.id                    1 
_struct_biol.details               
;THE FOLLOWING TRANSFORMATION REPRESENTS HELICAL SYMMETRY
WITH THE HELIX AXIS ON THE Z AXIS.  APPLYING THIS
TRANSFORMATION 48 TIMES TO THE COORDINATES IN THIS ENTRY
WILL YIELD 49 SUBUNITS IN THREE TURNS OF THE HELIX.  THE
FULL (49 SUBUNIT) HELICAL REPEAT IS 70.8 ANGSTROMS LONG IN
THE Z DIRECTION.
MTRIX1     0.926900 -0.375300  0.000000        0.00000
MTRIX2     0.375300  0.926900  0.000000        0.00000
MTRIX3     0.000000  0.000000  1.000000        1.44490

THE LENGTH OF THE BASIC REPEAT UNIT IS 70.8 ANGSTROMS.
THE NUMBER OF SUBUNITS IN THE BASIC REPEAT UNIT IS 49.
;
_struct_biol.pdbx_parent_biol_id   ? 
# 
loop_
_struct_conf.conf_type_id 
_struct_conf.id 
_struct_conf.pdbx_PDB_helix_id 
_struct_conf.beg_label_comp_id 
_struct_conf.beg_label_asym_id 
_struct_conf.beg_label_seq_id 
_struct_conf.pdbx_beg_PDB_ins_code 
_struct_conf.end_label_comp_id 
_struct_conf.end_label_asym_id 
_struct_conf.end_label_seq_id 
_struct_conf.pdbx_end_PDB_ins_code 
_struct_conf.beg_auth_comp_id 
_struct_conf.beg_auth_asym_id 
_struct_conf.beg_auth_seq_id 
_struct_conf.end_auth_comp_id 
_struct_conf.end_auth_asym_id 
_struct_conf.end_auth_seq_id 
_struct_conf.pdbx_PDB_helix_class 
_struct_conf.details 
_struct_conf.pdbx_PDB_helix_length 
HELX_P HELX_P1 LS VAL B 19  ? GLY B 33  ? VAL E 18  GLY E 32  1 'ENDS POORLY DEFINED' 15 
HELX_P HELX_P2 RS THR B 38  ? LEU B 52  ? THR E 37  LEU E 51  1 'ENDS POORLY DEFINED' 15 
HELX_P HELX_P3 RR VAL B 76  ? SER B 87  ? VAL E 75  SER E 86  1 'ENDS POORLY DEFINED' 12 
HELX_P HELX_P4 LR ALA B 111 ? PHE B 137 ? ALA E 110 PHE E 136 1 'ENDS POORLY DEFINED' 27 
# 
_struct_conf_type.id          HELX_P 
_struct_conf_type.criteria    ? 
_struct_conf_type.reference   ? 
# 
_struct_conn.id                            covale1 
_struct_conn.conn_type_id                  covale 
_struct_conn.pdbx_leaving_atom_flag        both 
_struct_conn.pdbx_PDB_id                   ? 
_struct_conn.ptnr1_label_asym_id           B 
_struct_conn.ptnr1_label_comp_id           ACE 
_struct_conn.ptnr1_label_seq_id            1 
_struct_conn.ptnr1_label_atom_id           C 
_struct_conn.pdbx_ptnr1_label_alt_id       ? 
_struct_conn.pdbx_ptnr1_PDB_ins_code       ? 
_struct_conn.pdbx_ptnr1_standard_comp_id   ? 
_struct_conn.ptnr1_symmetry                1_555 
_struct_conn.ptnr2_label_asym_id           B 
_struct_conn.ptnr2_label_comp_id           ALA 
_struct_conn.ptnr2_label_seq_id            2 
_struct_conn.ptnr2_label_atom_id           N 
_struct_conn.pdbx_ptnr2_label_alt_id       ? 
_struct_conn.pdbx_ptnr2_PDB_ins_code       ? 
_struct_conn.ptnr1_auth_asym_id            E 
_struct_conn.ptnr1_auth_comp_id            ACE 
_struct_conn.ptnr1_auth_seq_id             0 
_struct_conn.ptnr2_auth_asym_id            E 
_struct_conn.ptnr2_auth_comp_id            ALA 
_struct_conn.ptnr2_auth_seq_id             1 
_struct_conn.ptnr2_symmetry                1_555 
_struct_conn.pdbx_ptnr3_label_atom_id      ? 
_struct_conn.pdbx_ptnr3_label_seq_id       ? 
_struct_conn.pdbx_ptnr3_label_comp_id      ? 
_struct_conn.pdbx_ptnr3_label_asym_id      ? 
_struct_conn.pdbx_ptnr3_label_alt_id       ? 
_struct_conn.pdbx_ptnr3_PDB_ins_code       ? 
_struct_conn.details                       ? 
_struct_conn.pdbx_dist_value               1.344 
_struct_conn.pdbx_value_order              ? 
_struct_conn.pdbx_role                     ? 
# 
_struct_conn_type.id          covale 
_struct_conn_type.criteria    ? 
_struct_conn_type.reference   ? 
# 
_pdbx_modification_feature.ordinal                            1 
_pdbx_modification_feature.label_comp_id                      ACE 
_pdbx_modification_feature.label_asym_id                      B 
_pdbx_modification_feature.label_seq_id                       1 
_pdbx_modification_feature.label_alt_id                       ? 
_pdbx_modification_feature.modified_residue_label_comp_id     ALA 
_pdbx_modification_feature.modified_residue_label_asym_id     B 
_pdbx_modification_feature.modified_residue_label_seq_id      2 
_pdbx_modification_feature.modified_residue_label_alt_id      ? 
_pdbx_modification_feature.auth_comp_id                       ACE 
_pdbx_modification_feature.auth_asym_id                       E 
_pdbx_modification_feature.auth_seq_id                        0 
_pdbx_modification_feature.PDB_ins_code                       ? 
_pdbx_modification_feature.symmetry                           1_555 
_pdbx_modification_feature.modified_residue_auth_comp_id      ALA 
_pdbx_modification_feature.modified_residue_auth_asym_id      E 
_pdbx_modification_feature.modified_residue_auth_seq_id       1 
_pdbx_modification_feature.modified_residue_PDB_ins_code      ? 
_pdbx_modification_feature.modified_residue_symmetry          1_555 
_pdbx_modification_feature.comp_id_linking_atom               . 
_pdbx_modification_feature.modified_residue_id_linking_atom   . 
_pdbx_modification_feature.modified_residue_id                ALA 
_pdbx_modification_feature.ref_pcm_id                         1 
_pdbx_modification_feature.ref_comp_id                        ACE 
_pdbx_modification_feature.type                               None 
_pdbx_modification_feature.category                           'Terminal acetylation' 
# 
_pdbx_entry_details.entry_id                   1CGM 
_pdbx_entry_details.compound_details           ? 
_pdbx_entry_details.source_details             ? 
_pdbx_entry_details.nonpolymer_details         ? 
_pdbx_entry_details.sequence_details           ? 
_pdbx_entry_details.has_ligand_of_interest     ? 
_pdbx_entry_details.has_protein_modification   Y 
# 
_pdbx_validate_rmsd_bond.id                        1 
_pdbx_validate_rmsd_bond.PDB_model_num             1 
_pdbx_validate_rmsd_bond.auth_atom_id_1            "O3'" 
_pdbx_validate_rmsd_bond.auth_asym_id_1            I 
_pdbx_validate_rmsd_bond.auth_comp_id_1            G 
_pdbx_validate_rmsd_bond.auth_seq_id_1             1 
_pdbx_validate_rmsd_bond.PDB_ins_code_1            ? 
_pdbx_validate_rmsd_bond.label_alt_id_1            ? 
_pdbx_validate_rmsd_bond.auth_atom_id_2            P 
_pdbx_validate_rmsd_bond.auth_asym_id_2            I 
_pdbx_validate_rmsd_bond.auth_comp_id_2            A 
_pdbx_validate_rmsd_bond.auth_seq_id_2             2 
_pdbx_validate_rmsd_bond.PDB_ins_code_2            ? 
_pdbx_validate_rmsd_bond.label_alt_id_2            ? 
_pdbx_validate_rmsd_bond.bond_value                1.695 
_pdbx_validate_rmsd_bond.bond_target_value         1.607 
_pdbx_validate_rmsd_bond.bond_deviation            0.088 
_pdbx_validate_rmsd_bond.bond_standard_deviation   0.012 
_pdbx_validate_rmsd_bond.linker_flag               Y 
# 
loop_
_pdbx_validate_rmsd_angle.id 
_pdbx_validate_rmsd_angle.PDB_model_num 
_pdbx_validate_rmsd_angle.auth_atom_id_1 
_pdbx_validate_rmsd_angle.auth_asym_id_1 
_pdbx_validate_rmsd_angle.auth_comp_id_1 
_pdbx_validate_rmsd_angle.auth_seq_id_1 
_pdbx_validate_rmsd_angle.PDB_ins_code_1 
_pdbx_validate_rmsd_angle.label_alt_id_1 
_pdbx_validate_rmsd_angle.auth_atom_id_2 
_pdbx_validate_rmsd_angle.auth_asym_id_2 
_pdbx_validate_rmsd_angle.auth_comp_id_2 
_pdbx_validate_rmsd_angle.auth_seq_id_2 
_pdbx_validate_rmsd_angle.PDB_ins_code_2 
_pdbx_validate_rmsd_angle.label_alt_id_2 
_pdbx_validate_rmsd_angle.auth_atom_id_3 
_pdbx_validate_rmsd_angle.auth_asym_id_3 
_pdbx_validate_rmsd_angle.auth_comp_id_3 
_pdbx_validate_rmsd_angle.auth_seq_id_3 
_pdbx_validate_rmsd_angle.PDB_ins_code_3 
_pdbx_validate_rmsd_angle.label_alt_id_3 
_pdbx_validate_rmsd_angle.angle_value 
_pdbx_validate_rmsd_angle.angle_target_value 
_pdbx_validate_rmsd_angle.angle_deviation 
_pdbx_validate_rmsd_angle.angle_standard_deviation 
_pdbx_validate_rmsd_angle.linker_flag 
1  1 "O4'" I G   1   ? ? "C4'" I G   1   ? ? "C3'" I G   1   ? ? 111.79 106.10 5.69   0.80 N 
2  1 "C3'" I G   1   ? ? "C2'" I G   1   ? ? "C1'" I G   1   ? ? 110.23 101.50 8.73   0.80 N 
3  1 "O4'" I G   1   ? ? "C1'" I G   1   ? ? N9    I G   1   ? ? 115.97 108.50 7.47   0.70 N 
4  1 "C1'" I A   2   ? ? "O4'" I A   2   ? ? "C4'" I A   2   ? ? 104.49 109.70 -5.21  0.70 N 
5  1 N9    I A   2   ? ? "C1'" I A   2   ? ? "C2'" I A   2   ? ? 97.09  112.00 -14.91 1.10 N 
6  1 "O4'" I A   2   ? ? "C1'" I A   2   ? ? N9    I A   2   ? ? 117.78 108.50 9.28   0.70 N 
7  1 "O4'" I A   3   ? ? "C1'" I A   3   ? ? N9    I A   3   ? ? 114.55 108.50 6.05   0.70 N 
8  1 CA    E THR 6   ? ? C     E THR 6   ? ? N     E PRO 7   ? ? 135.23 117.10 18.13  2.80 Y 
9  1 CA    E TYR 17  ? ? CB    E TYR 17  ? ? CG    E TYR 17  ? ? 128.14 113.40 14.74  1.90 N 
10 1 CB    E TYR 17  ? ? CG    E TYR 17  ? ? CD2   E TYR 17  ? ? 115.50 121.00 -5.50  0.60 N 
11 1 CB    E TYR 17  ? ? CG    E TYR 17  ? ? CD1   E TYR 17  ? ? 125.66 121.00 4.66   0.60 N 
12 1 N     E VAL 18  ? ? CA    E VAL 18  ? ? C     E VAL 18  ? ? 127.90 111.00 16.90  2.70 N 
13 1 CA    E GLN 36  ? ? C     E GLN 36  ? ? N     E THR 37  ? ? 102.67 117.20 -14.53 2.20 Y 
14 1 CA    E THR 37  ? ? C     E THR 37  ? ? N     E GLN 38  ? ? 103.26 117.20 -13.94 2.20 Y 
15 1 N     E ASP 57  ? ? CA    E ASP 57  ? ? C     E ASP 57  ? ? 92.63  111.00 -18.37 2.70 N 
16 1 CA    E TYR 68  ? ? CB    E TYR 68  ? ? CG    E TYR 68  ? ? 125.16 113.40 11.76  1.90 N 
17 1 NE    E ARG 77  ? ? CZ    E ARG 77  ? ? NH1   E ARG 77  ? ? 123.49 120.30 3.19   0.50 N 
18 1 N     E ARG 90  ? ? CA    E ARG 90  ? ? C     E ARG 90  ? ? 132.02 111.00 21.02  2.70 N 
19 1 N     E GLU 95  ? ? CA    E GLU 95  ? ? C     E GLU 95  ? ? 131.47 111.00 20.47  2.70 N 
20 1 CA    E GLU 95  ? ? C     E GLU 95  ? ? N     E VAL 96  ? ? 99.07  117.20 -18.13 2.20 Y 
21 1 O     E GLU 95  ? ? C     E GLU 95  ? ? N     E VAL 96  ? ? 132.61 122.70 9.91   1.60 Y 
22 1 NE    E ARG 113 ? ? CZ    E ARG 113 ? ? NH2   E ARG 113 ? ? 115.81 120.30 -4.49  0.50 N 
23 1 NE    E ARG 141 ? ? CZ    E ARG 141 ? ? NH1   E ARG 141 ? ? 123.31 120.30 3.01   0.50 N 
24 1 CD1   E TRP 152 ? ? CG    E TRP 152 ? ? CD2   E TRP 152 ? ? 111.85 106.30 5.55   0.80 N 
25 1 CE2   E TRP 152 ? ? CD2   E TRP 152 ? ? CG    E TRP 152 ? ? 101.93 107.30 -5.37  0.80 N 
# 
loop_
_pdbx_validate_torsion.id 
_pdbx_validate_torsion.PDB_model_num 
_pdbx_validate_torsion.auth_comp_id 
_pdbx_validate_torsion.auth_asym_id 
_pdbx_validate_torsion.auth_seq_id 
_pdbx_validate_torsion.PDB_ins_code 
_pdbx_validate_torsion.label_alt_id 
_pdbx_validate_torsion.phi 
_pdbx_validate_torsion.psi 
1  1 THR E 6   ? ? -85.85  -93.06  
2  1 PRO E 7   ? ? -82.37  -157.71 
3  1 SER E 8   ? ? -102.60 74.93   
4  1 LYS E 9   ? ? -57.00  -9.36   
5  1 ALA E 12  ? ? -90.06  34.29   
6  1 SER E 14  ? ? -105.42 -60.74  
7  1 SER E 16  ? ? -172.24 -5.11   
8  1 PRO E 19  ? ? -36.56  -86.13  
9  1 ARG E 21  ? ? -52.00  -82.49  
10 1 GLN E 36  ? ? -38.80  -39.79  
11 1 THR E 37  ? ? -54.14  -177.21 
12 1 GLN E 38  ? ? -100.95 -67.60  
13 1 GLU E 46  ? ? -52.21  -79.63  
14 1 SER E 47  ? ? -52.00  -78.21  
15 1 SER E 53  ? ? -58.82  85.53   
16 1 ASP E 57  ? ? -110.42 -77.22  
17 1 ILE E 58  ? ? -147.98 -13.97  
18 1 PRO E 63  ? ? -48.89  84.66   
19 1 PHE E 67  ? ? -129.33 -53.03  
20 1 ASN E 72  ? ? -154.43 -75.17  
21 1 PRO E 74  ? ? -76.42  -70.17  
22 1 PRO E 78  ? ? -61.49  -78.25  
23 1 ILE E 79  ? ? -45.22  -77.49  
24 1 VAL E 81  ? ? -92.08  -69.57  
25 1 ARG E 90  ? ? -37.68  3.37    
26 1 VAL E 96  ? ? -60.38  -82.92  
27 1 VAL E 97  ? ? -155.92 -41.55  
28 1 PRO E 99  ? ? -32.34  -38.19  
29 1 GLU E 106 ? ? -124.25 -63.40  
30 1 ARG E 122 ? ? -38.46  -79.45  
31 1 LYS E 134 ? ? -120.46 -65.31  
32 1 PHE E 136 ? ? -54.99  105.91  
33 1 ASP E 137 ? ? -171.69 -25.52  
34 1 ASP E 140 ? ? -99.98  -155.91 
35 1 ARG E 141 ? ? -62.11  -71.09  
36 1 ALA E 155 ? ? -92.76  -72.82  
37 1 THR E 156 ? ? -86.79  -84.12  
38 1 LYS E 159 ? ? -96.78  34.71   
# 
loop_
_pdbx_validate_peptide_omega.id 
_pdbx_validate_peptide_omega.PDB_model_num 
_pdbx_validate_peptide_omega.auth_comp_id_1 
_pdbx_validate_peptide_omega.auth_asym_id_1 
_pdbx_validate_peptide_omega.auth_seq_id_1 
_pdbx_validate_peptide_omega.PDB_ins_code_1 
_pdbx_validate_peptide_omega.label_alt_id_1 
_pdbx_validate_peptide_omega.auth_comp_id_2 
_pdbx_validate_peptide_omega.auth_asym_id_2 
_pdbx_validate_peptide_omega.auth_seq_id_2 
_pdbx_validate_peptide_omega.PDB_ins_code_2 
_pdbx_validate_peptide_omega.label_alt_id_2 
_pdbx_validate_peptide_omega.omega 
1 1 ASN E 3   ? ? PRO E 4   ? ? 147.02 
2 1 LEU E 51  ? ? PRO E 52  ? ? 134.86 
3 1 ASN E 101 ? ? PRO E 102 ? ? -60.12 
# 
_pdbx_helical_symmetry.entry_id                  1CGM 
_pdbx_helical_symmetry.number_of_operations      49 
_pdbx_helical_symmetry.rotation_per_n_subunits   1080.000000 
_pdbx_helical_symmetry.rise_per_n_subunits       70.800000 
_pdbx_helical_symmetry.n_subunits_divisor        49 
_pdbx_helical_symmetry.dyad_axis                 no 
_pdbx_helical_symmetry.circular_symmetry         1 
# 
loop_
_chem_comp_atom.comp_id 
_chem_comp_atom.atom_id 
_chem_comp_atom.type_symbol 
_chem_comp_atom.pdbx_aromatic_flag 
_chem_comp_atom.pdbx_stereo_config 
_chem_comp_atom.pdbx_ordinal 
A   OP3    O N N 1   
A   P      P N N 2   
A   OP1    O N N 3   
A   OP2    O N N 4   
A   "O5'"  O N N 5   
A   "C5'"  C N N 6   
A   "C4'"  C N R 7   
A   "O4'"  O N N 8   
A   "C3'"  C N S 9   
A   "O3'"  O N N 10  
A   "C2'"  C N R 11  
A   "O2'"  O N N 12  
A   "C1'"  C N R 13  
A   N9     N Y N 14  
A   C8     C Y N 15  
A   N7     N Y N 16  
A   C5     C Y N 17  
A   C6     C Y N 18  
A   N6     N N N 19  
A   N1     N Y N 20  
A   C2     C Y N 21  
A   N3     N Y N 22  
A   C4     C Y N 23  
A   HOP3   H N N 24  
A   HOP2   H N N 25  
A   "H5'"  H N N 26  
A   "H5''" H N N 27  
A   "H4'"  H N N 28  
A   "H3'"  H N N 29  
A   "HO3'" H N N 30  
A   "H2'"  H N N 31  
A   "HO2'" H N N 32  
A   "H1'"  H N N 33  
A   H8     H N N 34  
A   H61    H N N 35  
A   H62    H N N 36  
A   H2     H N N 37  
ACE C      C N N 38  
ACE O      O N N 39  
ACE CH3    C N N 40  
ACE H      H N N 41  
ACE H1     H N N 42  
ACE H2     H N N 43  
ACE H3     H N N 44  
ALA N      N N N 45  
ALA CA     C N S 46  
ALA C      C N N 47  
ALA O      O N N 48  
ALA CB     C N N 49  
ALA OXT    O N N 50  
ALA H      H N N 51  
ALA H2     H N N 52  
ALA HA     H N N 53  
ALA HB1    H N N 54  
ALA HB2    H N N 55  
ALA HB3    H N N 56  
ALA HXT    H N N 57  
ARG N      N N N 58  
ARG CA     C N S 59  
ARG C      C N N 60  
ARG O      O N N 61  
ARG CB     C N N 62  
ARG CG     C N N 63  
ARG CD     C N N 64  
ARG NE     N N N 65  
ARG CZ     C N N 66  
ARG NH1    N N N 67  
ARG NH2    N N N 68  
ARG OXT    O N N 69  
ARG H      H N N 70  
ARG H2     H N N 71  
ARG HA     H N N 72  
ARG HB2    H N N 73  
ARG HB3    H N N 74  
ARG HG2    H N N 75  
ARG HG3    H N N 76  
ARG HD2    H N N 77  
ARG HD3    H N N 78  
ARG HE     H N N 79  
ARG HH11   H N N 80  
ARG HH12   H N N 81  
ARG HH21   H N N 82  
ARG HH22   H N N 83  
ARG HXT    H N N 84  
ASN N      N N N 85  
ASN CA     C N S 86  
ASN C      C N N 87  
ASN O      O N N 88  
ASN CB     C N N 89  
ASN CG     C N N 90  
ASN OD1    O N N 91  
ASN ND2    N N N 92  
ASN OXT    O N N 93  
ASN H      H N N 94  
ASN H2     H N N 95  
ASN HA     H N N 96  
ASN HB2    H N N 97  
ASN HB3    H N N 98  
ASN HD21   H N N 99  
ASN HD22   H N N 100 
ASN HXT    H N N 101 
ASP N      N N N 102 
ASP CA     C N S 103 
ASP C      C N N 104 
ASP O      O N N 105 
ASP CB     C N N 106 
ASP CG     C N N 107 
ASP OD1    O N N 108 
ASP OD2    O N N 109 
ASP OXT    O N N 110 
ASP H      H N N 111 
ASP H2     H N N 112 
ASP HA     H N N 113 
ASP HB2    H N N 114 
ASP HB3    H N N 115 
ASP HD2    H N N 116 
ASP HXT    H N N 117 
G   OP3    O N N 118 
G   P      P N N 119 
G   OP1    O N N 120 
G   OP2    O N N 121 
G   "O5'"  O N N 122 
G   "C5'"  C N N 123 
G   "C4'"  C N R 124 
G   "O4'"  O N N 125 
G   "C3'"  C N S 126 
G   "O3'"  O N N 127 
G   "C2'"  C N R 128 
G   "O2'"  O N N 129 
G   "C1'"  C N R 130 
G   N9     N Y N 131 
G   C8     C Y N 132 
G   N7     N Y N 133 
G   C5     C Y N 134 
G   C6     C N N 135 
G   O6     O N N 136 
G   N1     N N N 137 
G   C2     C N N 138 
G   N2     N N N 139 
G   N3     N N N 140 
G   C4     C Y N 141 
G   HOP3   H N N 142 
G   HOP2   H N N 143 
G   "H5'"  H N N 144 
G   "H5''" H N N 145 
G   "H4'"  H N N 146 
G   "H3'"  H N N 147 
G   "HO3'" H N N 148 
G   "H2'"  H N N 149 
G   "HO2'" H N N 150 
G   "H1'"  H N N 151 
G   H8     H N N 152 
G   H1     H N N 153 
G   H21    H N N 154 
G   H22    H N N 155 
GLN N      N N N 156 
GLN CA     C N S 157 
GLN C      C N N 158 
GLN O      O N N 159 
GLN CB     C N N 160 
GLN CG     C N N 161 
GLN CD     C N N 162 
GLN OE1    O N N 163 
GLN NE2    N N N 164 
GLN OXT    O N N 165 
GLN H      H N N 166 
GLN H2     H N N 167 
GLN HA     H N N 168 
GLN HB2    H N N 169 
GLN HB3    H N N 170 
GLN HG2    H N N 171 
GLN HG3    H N N 172 
GLN HE21   H N N 173 
GLN HE22   H N N 174 
GLN HXT    H N N 175 
GLU N      N N N 176 
GLU CA     C N S 177 
GLU C      C N N 178 
GLU O      O N N 179 
GLU CB     C N N 180 
GLU CG     C N N 181 
GLU CD     C N N 182 
GLU OE1    O N N 183 
GLU OE2    O N N 184 
GLU OXT    O N N 185 
GLU H      H N N 186 
GLU H2     H N N 187 
GLU HA     H N N 188 
GLU HB2    H N N 189 
GLU HB3    H N N 190 
GLU HG2    H N N 191 
GLU HG3    H N N 192 
GLU HE2    H N N 193 
GLU HXT    H N N 194 
GLY N      N N N 195 
GLY CA     C N N 196 
GLY C      C N N 197 
GLY O      O N N 198 
GLY OXT    O N N 199 
GLY H      H N N 200 
GLY H2     H N N 201 
GLY HA2    H N N 202 
GLY HA3    H N N 203 
GLY HXT    H N N 204 
HOH O      O N N 205 
HOH H1     H N N 206 
HOH H2     H N N 207 
ILE N      N N N 208 
ILE CA     C N S 209 
ILE C      C N N 210 
ILE O      O N N 211 
ILE CB     C N S 212 
ILE CG1    C N N 213 
ILE CG2    C N N 214 
ILE CD1    C N N 215 
ILE OXT    O N N 216 
ILE H      H N N 217 
ILE H2     H N N 218 
ILE HA     H N N 219 
ILE HB     H N N 220 
ILE HG12   H N N 221 
ILE HG13   H N N 222 
ILE HG21   H N N 223 
ILE HG22   H N N 224 
ILE HG23   H N N 225 
ILE HD11   H N N 226 
ILE HD12   H N N 227 
ILE HD13   H N N 228 
ILE HXT    H N N 229 
LEU N      N N N 230 
LEU CA     C N S 231 
LEU C      C N N 232 
LEU O      O N N 233 
LEU CB     C N N 234 
LEU CG     C N N 235 
LEU CD1    C N N 236 
LEU CD2    C N N 237 
LEU OXT    O N N 238 
LEU H      H N N 239 
LEU H2     H N N 240 
LEU HA     H N N 241 
LEU HB2    H N N 242 
LEU HB3    H N N 243 
LEU HG     H N N 244 
LEU HD11   H N N 245 
LEU HD12   H N N 246 
LEU HD13   H N N 247 
LEU HD21   H N N 248 
LEU HD22   H N N 249 
LEU HD23   H N N 250 
LEU HXT    H N N 251 
LYS N      N N N 252 
LYS CA     C N S 253 
LYS C      C N N 254 
LYS O      O N N 255 
LYS CB     C N N 256 
LYS CG     C N N 257 
LYS CD     C N N 258 
LYS CE     C N N 259 
LYS NZ     N N N 260 
LYS OXT    O N N 261 
LYS H      H N N 262 
LYS H2     H N N 263 
LYS HA     H N N 264 
LYS HB2    H N N 265 
LYS HB3    H N N 266 
LYS HG2    H N N 267 
LYS HG3    H N N 268 
LYS HD2    H N N 269 
LYS HD3    H N N 270 
LYS HE2    H N N 271 
LYS HE3    H N N 272 
LYS HZ1    H N N 273 
LYS HZ2    H N N 274 
LYS HZ3    H N N 275 
LYS HXT    H N N 276 
PHE N      N N N 277 
PHE CA     C N S 278 
PHE C      C N N 279 
PHE O      O N N 280 
PHE CB     C N N 281 
PHE CG     C Y N 282 
PHE CD1    C Y N 283 
PHE CD2    C Y N 284 
PHE CE1    C Y N 285 
PHE CE2    C Y N 286 
PHE CZ     C Y N 287 
PHE OXT    O N N 288 
PHE H      H N N 289 
PHE H2     H N N 290 
PHE HA     H N N 291 
PHE HB2    H N N 292 
PHE HB3    H N N 293 
PHE HD1    H N N 294 
PHE HD2    H N N 295 
PHE HE1    H N N 296 
PHE HE2    H N N 297 
PHE HZ     H N N 298 
PHE HXT    H N N 299 
PRO N      N N N 300 
PRO CA     C N S 301 
PRO C      C N N 302 
PRO O      O N N 303 
PRO CB     C N N 304 
PRO CG     C N N 305 
PRO CD     C N N 306 
PRO OXT    O N N 307 
PRO H      H N N 308 
PRO HA     H N N 309 
PRO HB2    H N N 310 
PRO HB3    H N N 311 
PRO HG2    H N N 312 
PRO HG3    H N N 313 
PRO HD2    H N N 314 
PRO HD3    H N N 315 
PRO HXT    H N N 316 
SER N      N N N 317 
SER CA     C N S 318 
SER C      C N N 319 
SER O      O N N 320 
SER CB     C N N 321 
SER OG     O N N 322 
SER OXT    O N N 323 
SER H      H N N 324 
SER H2     H N N 325 
SER HA     H N N 326 
SER HB2    H N N 327 
SER HB3    H N N 328 
SER HG     H N N 329 
SER HXT    H N N 330 
THR N      N N N 331 
THR CA     C N S 332 
THR C      C N N 333 
THR O      O N N 334 
THR CB     C N R 335 
THR OG1    O N N 336 
THR CG2    C N N 337 
THR OXT    O N N 338 
THR H      H N N 339 
THR H2     H N N 340 
THR HA     H N N 341 
THR HB     H N N 342 
THR HG1    H N N 343 
THR HG21   H N N 344 
THR HG22   H N N 345 
THR HG23   H N N 346 
THR HXT    H N N 347 
TRP N      N N N 348 
TRP CA     C N S 349 
TRP C      C N N 350 
TRP O      O N N 351 
TRP CB     C N N 352 
TRP CG     C Y N 353 
TRP CD1    C Y N 354 
TRP CD2    C Y N 355 
TRP NE1    N Y N 356 
TRP CE2    C Y N 357 
TRP CE3    C Y N 358 
TRP CZ2    C Y N 359 
TRP CZ3    C Y N 360 
TRP CH2    C Y N 361 
TRP OXT    O N N 362 
TRP H      H N N 363 
TRP H2     H N N 364 
TRP HA     H N N 365 
TRP HB2    H N N 366 
TRP HB3    H N N 367 
TRP HD1    H N N 368 
TRP HE1    H N N 369 
TRP HE3    H N N 370 
TRP HZ2    H N N 371 
TRP HZ3    H N N 372 
TRP HH2    H N N 373 
TRP HXT    H N N 374 
TYR N      N N N 375 
TYR CA     C N S 376 
TYR C      C N N 377 
TYR O      O N N 378 
TYR CB     C N N 379 
TYR CG     C Y N 380 
TYR CD1    C Y N 381 
TYR CD2    C Y N 382 
TYR CE1    C Y N 383 
TYR CE2    C Y N 384 
TYR CZ     C Y N 385 
TYR OH     O N N 386 
TYR OXT    O N N 387 
TYR H      H N N 388 
TYR H2     H N N 389 
TYR HA     H N N 390 
TYR HB2    H N N 391 
TYR HB3    H N N 392 
TYR HD1    H N N 393 
TYR HD2    H N N 394 
TYR HE1    H N N 395 
TYR HE2    H N N 396 
TYR HH     H N N 397 
TYR HXT    H N N 398 
VAL N      N N N 399 
VAL CA     C N S 400 
VAL C      C N N 401 
VAL O      O N N 402 
VAL CB     C N N 403 
VAL CG1    C N N 404 
VAL CG2    C N N 405 
VAL OXT    O N N 406 
VAL H      H N N 407 
VAL H2     H N N 408 
VAL HA     H N N 409 
VAL HB     H N N 410 
VAL HG11   H N N 411 
VAL HG12   H N N 412 
VAL HG13   H N N 413 
VAL HG21   H N N 414 
VAL HG22   H N N 415 
VAL HG23   H N N 416 
VAL HXT    H N N 417 
# 
loop_
_chem_comp_bond.comp_id 
_chem_comp_bond.atom_id_1 
_chem_comp_bond.atom_id_2 
_chem_comp_bond.value_order 
_chem_comp_bond.pdbx_aromatic_flag 
_chem_comp_bond.pdbx_stereo_config 
_chem_comp_bond.pdbx_ordinal 
A   OP3   P      sing N N 1   
A   OP3   HOP3   sing N N 2   
A   P     OP1    doub N N 3   
A   P     OP2    sing N N 4   
A   P     "O5'"  sing N N 5   
A   OP2   HOP2   sing N N 6   
A   "O5'" "C5'"  sing N N 7   
A   "C5'" "C4'"  sing N N 8   
A   "C5'" "H5'"  sing N N 9   
A   "C5'" "H5''" sing N N 10  
A   "C4'" "O4'"  sing N N 11  
A   "C4'" "C3'"  sing N N 12  
A   "C4'" "H4'"  sing N N 13  
A   "O4'" "C1'"  sing N N 14  
A   "C3'" "O3'"  sing N N 15  
A   "C3'" "C2'"  sing N N 16  
A   "C3'" "H3'"  sing N N 17  
A   "O3'" "HO3'" sing N N 18  
A   "C2'" "O2'"  sing N N 19  
A   "C2'" "C1'"  sing N N 20  
A   "C2'" "H2'"  sing N N 21  
A   "O2'" "HO2'" sing N N 22  
A   "C1'" N9     sing N N 23  
A   "C1'" "H1'"  sing N N 24  
A   N9    C8     sing Y N 25  
A   N9    C4     sing Y N 26  
A   C8    N7     doub Y N 27  
A   C8    H8     sing N N 28  
A   N7    C5     sing Y N 29  
A   C5    C6     sing Y N 30  
A   C5    C4     doub Y N 31  
A   C6    N6     sing N N 32  
A   C6    N1     doub Y N 33  
A   N6    H61    sing N N 34  
A   N6    H62    sing N N 35  
A   N1    C2     sing Y N 36  
A   C2    N3     doub Y N 37  
A   C2    H2     sing N N 38  
A   N3    C4     sing Y N 39  
ACE C     O      doub N N 40  
ACE C     CH3    sing N N 41  
ACE C     H      sing N N 42  
ACE CH3   H1     sing N N 43  
ACE CH3   H2     sing N N 44  
ACE CH3   H3     sing N N 45  
ALA N     CA     sing N N 46  
ALA N     H      sing N N 47  
ALA N     H2     sing N N 48  
ALA CA    C      sing N N 49  
ALA CA    CB     sing N N 50  
ALA CA    HA     sing N N 51  
ALA C     O      doub N N 52  
ALA C     OXT    sing N N 53  
ALA CB    HB1    sing N N 54  
ALA CB    HB2    sing N N 55  
ALA CB    HB3    sing N N 56  
ALA OXT   HXT    sing N N 57  
ARG N     CA     sing N N 58  
ARG N     H      sing N N 59  
ARG N     H2     sing N N 60  
ARG CA    C      sing N N 61  
ARG CA    CB     sing N N 62  
ARG CA    HA     sing N N 63  
ARG C     O      doub N N 64  
ARG C     OXT    sing N N 65  
ARG CB    CG     sing N N 66  
ARG CB    HB2    sing N N 67  
ARG CB    HB3    sing N N 68  
ARG CG    CD     sing N N 69  
ARG CG    HG2    sing N N 70  
ARG CG    HG3    sing N N 71  
ARG CD    NE     sing N N 72  
ARG CD    HD2    sing N N 73  
ARG CD    HD3    sing N N 74  
ARG NE    CZ     sing N N 75  
ARG NE    HE     sing N N 76  
ARG CZ    NH1    sing N N 77  
ARG CZ    NH2    doub N N 78  
ARG NH1   HH11   sing N N 79  
ARG NH1   HH12   sing N N 80  
ARG NH2   HH21   sing N N 81  
ARG NH2   HH22   sing N N 82  
ARG OXT   HXT    sing N N 83  
ASN N     CA     sing N N 84  
ASN N     H      sing N N 85  
ASN N     H2     sing N N 86  
ASN CA    C      sing N N 87  
ASN CA    CB     sing N N 88  
ASN CA    HA     sing N N 89  
ASN C     O      doub N N 90  
ASN C     OXT    sing N N 91  
ASN CB    CG     sing N N 92  
ASN CB    HB2    sing N N 93  
ASN CB    HB3    sing N N 94  
ASN CG    OD1    doub N N 95  
ASN CG    ND2    sing N N 96  
ASN ND2   HD21   sing N N 97  
ASN ND2   HD22   sing N N 98  
ASN OXT   HXT    sing N N 99  
ASP N     CA     sing N N 100 
ASP N     H      sing N N 101 
ASP N     H2     sing N N 102 
ASP CA    C      sing N N 103 
ASP CA    CB     sing N N 104 
ASP CA    HA     sing N N 105 
ASP C     O      doub N N 106 
ASP C     OXT    sing N N 107 
ASP CB    CG     sing N N 108 
ASP CB    HB2    sing N N 109 
ASP CB    HB3    sing N N 110 
ASP CG    OD1    doub N N 111 
ASP CG    OD2    sing N N 112 
ASP OD2   HD2    sing N N 113 
ASP OXT   HXT    sing N N 114 
G   OP3   P      sing N N 115 
G   OP3   HOP3   sing N N 116 
G   P     OP1    doub N N 117 
G   P     OP2    sing N N 118 
G   P     "O5'"  sing N N 119 
G   OP2   HOP2   sing N N 120 
G   "O5'" "C5'"  sing N N 121 
G   "C5'" "C4'"  sing N N 122 
G   "C5'" "H5'"  sing N N 123 
G   "C5'" "H5''" sing N N 124 
G   "C4'" "O4'"  sing N N 125 
G   "C4'" "C3'"  sing N N 126 
G   "C4'" "H4'"  sing N N 127 
G   "O4'" "C1'"  sing N N 128 
G   "C3'" "O3'"  sing N N 129 
G   "C3'" "C2'"  sing N N 130 
G   "C3'" "H3'"  sing N N 131 
G   "O3'" "HO3'" sing N N 132 
G   "C2'" "O2'"  sing N N 133 
G   "C2'" "C1'"  sing N N 134 
G   "C2'" "H2'"  sing N N 135 
G   "O2'" "HO2'" sing N N 136 
G   "C1'" N9     sing N N 137 
G   "C1'" "H1'"  sing N N 138 
G   N9    C8     sing Y N 139 
G   N9    C4     sing Y N 140 
G   C8    N7     doub Y N 141 
G   C8    H8     sing N N 142 
G   N7    C5     sing Y N 143 
G   C5    C6     sing N N 144 
G   C5    C4     doub Y N 145 
G   C6    O6     doub N N 146 
G   C6    N1     sing N N 147 
G   N1    C2     sing N N 148 
G   N1    H1     sing N N 149 
G   C2    N2     sing N N 150 
G   C2    N3     doub N N 151 
G   N2    H21    sing N N 152 
G   N2    H22    sing N N 153 
G   N3    C4     sing N N 154 
GLN N     CA     sing N N 155 
GLN N     H      sing N N 156 
GLN N     H2     sing N N 157 
GLN CA    C      sing N N 158 
GLN CA    CB     sing N N 159 
GLN CA    HA     sing N N 160 
GLN C     O      doub N N 161 
GLN C     OXT    sing N N 162 
GLN CB    CG     sing N N 163 
GLN CB    HB2    sing N N 164 
GLN CB    HB3    sing N N 165 
GLN CG    CD     sing N N 166 
GLN CG    HG2    sing N N 167 
GLN CG    HG3    sing N N 168 
GLN CD    OE1    doub N N 169 
GLN CD    NE2    sing N N 170 
GLN NE2   HE21   sing N N 171 
GLN NE2   HE22   sing N N 172 
GLN OXT   HXT    sing N N 173 
GLU N     CA     sing N N 174 
GLU N     H      sing N N 175 
GLU N     H2     sing N N 176 
GLU CA    C      sing N N 177 
GLU CA    CB     sing N N 178 
GLU CA    HA     sing N N 179 
GLU C     O      doub N N 180 
GLU C     OXT    sing N N 181 
GLU CB    CG     sing N N 182 
GLU CB    HB2    sing N N 183 
GLU CB    HB3    sing N N 184 
GLU CG    CD     sing N N 185 
GLU CG    HG2    sing N N 186 
GLU CG    HG3    sing N N 187 
GLU CD    OE1    doub N N 188 
GLU CD    OE2    sing N N 189 
GLU OE2   HE2    sing N N 190 
GLU OXT   HXT    sing N N 191 
GLY N     CA     sing N N 192 
GLY N     H      sing N N 193 
GLY N     H2     sing N N 194 
GLY CA    C      sing N N 195 
GLY CA    HA2    sing N N 196 
GLY CA    HA3    sing N N 197 
GLY C     O      doub N N 198 
GLY C     OXT    sing N N 199 
GLY OXT   HXT    sing N N 200 
HOH O     H1     sing N N 201 
HOH O     H2     sing N N 202 
ILE N     CA     sing N N 203 
ILE N     H      sing N N 204 
ILE N     H2     sing N N 205 
ILE CA    C      sing N N 206 
ILE CA    CB     sing N N 207 
ILE CA    HA     sing N N 208 
ILE C     O      doub N N 209 
ILE C     OXT    sing N N 210 
ILE CB    CG1    sing N N 211 
ILE CB    CG2    sing N N 212 
ILE CB    HB     sing N N 213 
ILE CG1   CD1    sing N N 214 
ILE CG1   HG12   sing N N 215 
ILE CG1   HG13   sing N N 216 
ILE CG2   HG21   sing N N 217 
ILE CG2   HG22   sing N N 218 
ILE CG2   HG23   sing N N 219 
ILE CD1   HD11   sing N N 220 
ILE CD1   HD12   sing N N 221 
ILE CD1   HD13   sing N N 222 
ILE OXT   HXT    sing N N 223 
LEU N     CA     sing N N 224 
LEU N     H      sing N N 225 
LEU N     H2     sing N N 226 
LEU CA    C      sing N N 227 
LEU CA    CB     sing N N 228 
LEU CA    HA     sing N N 229 
LEU C     O      doub N N 230 
LEU C     OXT    sing N N 231 
LEU CB    CG     sing N N 232 
LEU CB    HB2    sing N N 233 
LEU CB    HB3    sing N N 234 
LEU CG    CD1    sing N N 235 
LEU CG    CD2    sing N N 236 
LEU CG    HG     sing N N 237 
LEU CD1   HD11   sing N N 238 
LEU CD1   HD12   sing N N 239 
LEU CD1   HD13   sing N N 240 
LEU CD2   HD21   sing N N 241 
LEU CD2   HD22   sing N N 242 
LEU CD2   HD23   sing N N 243 
LEU OXT   HXT    sing N N 244 
LYS N     CA     sing N N 245 
LYS N     H      sing N N 246 
LYS N     H2     sing N N 247 
LYS CA    C      sing N N 248 
LYS CA    CB     sing N N 249 
LYS CA    HA     sing N N 250 
LYS C     O      doub N N 251 
LYS C     OXT    sing N N 252 
LYS CB    CG     sing N N 253 
LYS CB    HB2    sing N N 254 
LYS CB    HB3    sing N N 255 
LYS CG    CD     sing N N 256 
LYS CG    HG2    sing N N 257 
LYS CG    HG3    sing N N 258 
LYS CD    CE     sing N N 259 
LYS CD    HD2    sing N N 260 
LYS CD    HD3    sing N N 261 
LYS CE    NZ     sing N N 262 
LYS CE    HE2    sing N N 263 
LYS CE    HE3    sing N N 264 
LYS NZ    HZ1    sing N N 265 
LYS NZ    HZ2    sing N N 266 
LYS NZ    HZ3    sing N N 267 
LYS OXT   HXT    sing N N 268 
PHE N     CA     sing N N 269 
PHE N     H      sing N N 270 
PHE N     H2     sing N N 271 
PHE CA    C      sing N N 272 
PHE CA    CB     sing N N 273 
PHE CA    HA     sing N N 274 
PHE C     O      doub N N 275 
PHE C     OXT    sing N N 276 
PHE CB    CG     sing N N 277 
PHE CB    HB2    sing N N 278 
PHE CB    HB3    sing N N 279 
PHE CG    CD1    doub Y N 280 
PHE CG    CD2    sing Y N 281 
PHE CD1   CE1    sing Y N 282 
PHE CD1   HD1    sing N N 283 
PHE CD2   CE2    doub Y N 284 
PHE CD2   HD2    sing N N 285 
PHE CE1   CZ     doub Y N 286 
PHE CE1   HE1    sing N N 287 
PHE CE2   CZ     sing Y N 288 
PHE CE2   HE2    sing N N 289 
PHE CZ    HZ     sing N N 290 
PHE OXT   HXT    sing N N 291 
PRO N     CA     sing N N 292 
PRO N     CD     sing N N 293 
PRO N     H      sing N N 294 
PRO CA    C      sing N N 295 
PRO CA    CB     sing N N 296 
PRO CA    HA     sing N N 297 
PRO C     O      doub N N 298 
PRO C     OXT    sing N N 299 
PRO CB    CG     sing N N 300 
PRO CB    HB2    sing N N 301 
PRO CB    HB3    sing N N 302 
PRO CG    CD     sing N N 303 
PRO CG    HG2    sing N N 304 
PRO CG    HG3    sing N N 305 
PRO CD    HD2    sing N N 306 
PRO CD    HD3    sing N N 307 
PRO OXT   HXT    sing N N 308 
SER N     CA     sing N N 309 
SER N     H      sing N N 310 
SER N     H2     sing N N 311 
SER CA    C      sing N N 312 
SER CA    CB     sing N N 313 
SER CA    HA     sing N N 314 
SER C     O      doub N N 315 
SER C     OXT    sing N N 316 
SER CB    OG     sing N N 317 
SER CB    HB2    sing N N 318 
SER CB    HB3    sing N N 319 
SER OG    HG     sing N N 320 
SER OXT   HXT    sing N N 321 
THR N     CA     sing N N 322 
THR N     H      sing N N 323 
THR N     H2     sing N N 324 
THR CA    C      sing N N 325 
THR CA    CB     sing N N 326 
THR CA    HA     sing N N 327 
THR C     O      doub N N 328 
THR C     OXT    sing N N 329 
THR CB    OG1    sing N N 330 
THR CB    CG2    sing N N 331 
THR CB    HB     sing N N 332 
THR OG1   HG1    sing N N 333 
THR CG2   HG21   sing N N 334 
THR CG2   HG22   sing N N 335 
THR CG2   HG23   sing N N 336 
THR OXT   HXT    sing N N 337 
TRP N     CA     sing N N 338 
TRP N     H      sing N N 339 
TRP N     H2     sing N N 340 
TRP CA    C      sing N N 341 
TRP CA    CB     sing N N 342 
TRP CA    HA     sing N N 343 
TRP C     O      doub N N 344 
TRP C     OXT    sing N N 345 
TRP CB    CG     sing N N 346 
TRP CB    HB2    sing N N 347 
TRP CB    HB3    sing N N 348 
TRP CG    CD1    doub Y N 349 
TRP CG    CD2    sing Y N 350 
TRP CD1   NE1    sing Y N 351 
TRP CD1   HD1    sing N N 352 
TRP CD2   CE2    doub Y N 353 
TRP CD2   CE3    sing Y N 354 
TRP NE1   CE2    sing Y N 355 
TRP NE1   HE1    sing N N 356 
TRP CE2   CZ2    sing Y N 357 
TRP CE3   CZ3    doub Y N 358 
TRP CE3   HE3    sing N N 359 
TRP CZ2   CH2    doub Y N 360 
TRP CZ2   HZ2    sing N N 361 
TRP CZ3   CH2    sing Y N 362 
TRP CZ3   HZ3    sing N N 363 
TRP CH2   HH2    sing N N 364 
TRP OXT   HXT    sing N N 365 
TYR N     CA     sing N N 366 
TYR N     H      sing N N 367 
TYR N     H2     sing N N 368 
TYR CA    C      sing N N 369 
TYR CA    CB     sing N N 370 
TYR CA    HA     sing N N 371 
TYR C     O      doub N N 372 
TYR C     OXT    sing N N 373 
TYR CB    CG     sing N N 374 
TYR CB    HB2    sing N N 375 
TYR CB    HB3    sing N N 376 
TYR CG    CD1    doub Y N 377 
TYR CG    CD2    sing Y N 378 
TYR CD1   CE1    sing Y N 379 
TYR CD1   HD1    sing N N 380 
TYR CD2   CE2    doub Y N 381 
TYR CD2   HD2    sing N N 382 
TYR CE1   CZ     doub Y N 383 
TYR CE1   HE1    sing N N 384 
TYR CE2   CZ     sing Y N 385 
TYR CE2   HE2    sing N N 386 
TYR CZ    OH     sing N N 387 
TYR OH    HH     sing N N 388 
TYR OXT   HXT    sing N N 389 
VAL N     CA     sing N N 390 
VAL N     H      sing N N 391 
VAL N     H2     sing N N 392 
VAL CA    C      sing N N 393 
VAL CA    CB     sing N N 394 
VAL CA    HA     sing N N 395 
VAL C     O      doub N N 396 
VAL C     OXT    sing N N 397 
VAL CB    CG1    sing N N 398 
VAL CB    CG2    sing N N 399 
VAL CB    HB     sing N N 400 
VAL CG1   HG11   sing N N 401 
VAL CG1   HG12   sing N N 402 
VAL CG1   HG13   sing N N 403 
VAL CG2   HG21   sing N N 404 
VAL CG2   HG22   sing N N 405 
VAL CG2   HG23   sing N N 406 
VAL OXT   HXT    sing N N 407 
# 
_atom_sites.entry_id                    1CGM 
_atom_sites.fract_transf_matrix[1][1]   1.000000 
_atom_sites.fract_transf_matrix[1][2]   0.000000 
_atom_sites.fract_transf_matrix[1][3]   0.000000 
_atom_sites.fract_transf_matrix[2][1]   0.000000 
_atom_sites.fract_transf_matrix[2][2]   1.000000 
_atom_sites.fract_transf_matrix[2][3]   0.000000 
_atom_sites.fract_transf_matrix[3][1]   0.000000 
_atom_sites.fract_transf_matrix[3][2]   0.000000 
_atom_sites.fract_transf_matrix[3][3]   1.000000 
_atom_sites.fract_transf_vector[1]      0.00000 
_atom_sites.fract_transf_vector[2]      0.00000 
_atom_sites.fract_transf_vector[3]      0.00000 
# 
loop_
_atom_sites_footnote.id 
_atom_sites_footnote.text 
1 'ASN E     3  - PRO E     4     OMEGA  =147.02 PEPTIDE BOND DEVIATES SIGNIFICANTLY FROM TRANS CONFORMATION' 
2 'LEU E    51  - PRO E    52     OMEGA  =134.87 PEPTIDE BOND DEVIATES SIGNIFICANTLY FROM TRANS CONFORMATION' 
3 'ASN E   101  - PRO E   102     OMEGA  =299.88 PEPTIDE BOND DEVIATES SIGNIFICANTLY FROM TRANS CONFORMATION' 
# 
loop_
_atom_type.symbol 
C 
N 
O 
P 
# 
loop_
_atom_site.group_PDB 
_atom_site.id 
_atom_site.type_symbol 
_atom_site.label_atom_id 
_atom_site.label_alt_id 
_atom_site.label_comp_id 
_atom_site.label_asym_id 
_atom_site.label_entity_id 
_atom_site.label_seq_id 
_atom_site.pdbx_PDB_ins_code 
_atom_site.Cartn_x 
_atom_site.Cartn_y 
_atom_site.Cartn_z 
_atom_site.occupancy 
_atom_site.B_iso_or_equiv 
_atom_site.pdbx_formal_charge 
_atom_site.auth_seq_id 
_atom_site.auth_comp_id 
_atom_site.auth_asym_id 
_atom_site.auth_atom_id 
_atom_site.pdbx_PDB_model_num 
ATOM   1    P P     . G   A 1 1   ? 19.302  -8.267  14.694  1.00 74.98  ? 1   G   I P     1 
ATOM   2    O OP1   . G   A 1 1   ? 19.749  -8.952  13.463  1.00 75.11  ? 1   G   I OP1   1 
ATOM   3    O OP2   . G   A 1 1   ? 18.790  -9.072  15.829  1.00 74.51  ? 1   G   I OP2   1 
ATOM   4    O "O5'" . G   A 1 1   ? 18.014  -7.409  14.239  1.00 75.05  ? 1   G   I "O5'" 1 
ATOM   5    C "C5'" . G   A 1 1   ? 17.998  -6.299  13.368  1.00 75.05  ? 1   G   I "C5'" 1 
ATOM   6    C "C4'" . G   A 1 1   ? 18.573  -5.147  14.126  1.00 75.46  ? 1   G   I "C4'" 1 
ATOM   7    O "O4'" . G   A 1 1   ? 19.868  -4.831  13.601  1.00 75.43  ? 1   G   I "O4'" 1 
ATOM   8    C "C3'" . G   A 1 1   ? 17.645  -4.022  13.999  1.00 75.88  ? 1   G   I "C3'" 1 
ATOM   9    O "O3'" . G   A 1 1   ? 17.133  -3.595  15.314  1.00 76.65  ? 1   G   I "O3'" 1 
ATOM   10   C "C2'" . G   A 1 1   ? 18.426  -3.099  13.080  1.00 76.02  ? 1   G   I "C2'" 1 
ATOM   11   O "O2'" . G   A 1 1   ? 18.689  -1.826  13.547  1.00 76.31  ? 1   G   I "O2'" 1 
ATOM   12   C "C1'" . G   A 1 1   ? 19.838  -3.577  12.945  1.00 75.58  ? 1   G   I "C1'" 1 
ATOM   13   N N9    . G   A 1 1   ? 20.226  -3.583  11.528  1.00 75.04  ? 1   G   I N9    1 
ATOM   14   C C8    . G   A 1 1   ? 20.645  -4.638  10.787  1.00 74.94  ? 1   G   I C8    1 
ATOM   15   N N7    . G   A 1 1   ? 20.857  -4.357  9.537   1.00 74.79  ? 1   G   I N7    1 
ATOM   16   C C5    . G   A 1 1   ? 20.571  -3.003  9.447   1.00 74.90  ? 1   G   I C5    1 
ATOM   17   C C6    . G   A 1 1   ? 20.624  -2.134  8.329   1.00 74.91  ? 1   G   I C6    1 
ATOM   18   O O6    . G   A 1 1   ? 20.941  -2.396  7.174   1.00 74.76  ? 1   G   I O6    1 
ATOM   19   N N1    . G   A 1 1   ? 20.254  -0.842  8.669   1.00 74.96  ? 1   G   I N1    1 
ATOM   20   C C2    . G   A 1 1   ? 19.888  -0.428  9.927   1.00 74.90  ? 1   G   I C2    1 
ATOM   21   N N2    . G   A 1 1   ? 19.589  0.857   10.070  1.00 75.01  ? 1   G   I N2    1 
ATOM   22   N N3    . G   A 1 1   ? 19.844  -1.239  10.977  1.00 74.80  ? 1   G   I N3    1 
ATOM   23   C C4    . G   A 1 1   ? 20.192  -2.511  10.667  1.00 74.89  ? 1   G   I C4    1 
ATOM   24   P P     . A   A 1 2   ? 15.692  -4.124  16.033  1.00 77.19  ? 2   A   I P     1 
ATOM   25   O OP1   . A   A 1 2   ? 15.683  -3.700  17.459  1.00 76.86  ? 2   A   I OP1   1 
ATOM   26   O OP2   . A   A 1 2   ? 15.435  -5.555  15.709  1.00 77.04  ? 2   A   I OP2   1 
ATOM   27   O "O5'" . A   A 1 2   ? 14.541  -3.268  15.256  1.00 77.50  ? 2   A   I "O5'" 1 
ATOM   28   C "C5'" . A   A 1 2   ? 14.098  -3.631  13.932  1.00 77.46  ? 2   A   I "C5'" 1 
ATOM   29   C "C4'" . A   A 1 2   ? 12.621  -3.987  13.828  1.00 77.31  ? 2   A   I "C4'" 1 
ATOM   30   O "O4'" . A   A 1 2   ? 12.348  -4.707  12.617  1.00 77.07  ? 2   A   I "O4'" 1 
ATOM   31   C "C3'" . A   A 1 2   ? 12.249  -4.941  14.948  1.00 77.43  ? 2   A   I "C3'" 1 
ATOM   32   O "O3'" . A   A 1 2   ? 11.952  -4.337  16.229  1.00 77.65  ? 2   A   I "O3'" 1 
ATOM   33   C "C2'" . A   A 1 2   ? 11.184  -5.811  14.369  1.00 77.17  ? 2   A   I "C2'" 1 
ATOM   34   O "O2'" . A   A 1 2   ? 9.883   -5.716  14.949  1.00 77.06  ? 2   A   I "O2'" 1 
ATOM   35   C "C1'" . A   A 1 2   ? 11.163  -5.451  12.903  1.00 77.03  ? 2   A   I "C1'" 1 
ATOM   36   N N9    . A   A 1 2   ? 11.074  -6.808  12.386  1.00 77.04  ? 2   A   I N9    1 
ATOM   37   C C8    . A   A 1 2   ? 12.037  -7.774  12.239  1.00 76.91  ? 2   A   I C8    1 
ATOM   38   N N7    . A   A 1 2   ? 11.555  -8.909  11.824  1.00 77.03  ? 2   A   I N7    1 
ATOM   39   C C5    . A   A 1 2   ? 10.192  -8.672  11.674  1.00 77.22  ? 2   A   I C5    1 
ATOM   40   C C6    . A   A 1 2   ? 9.113   -9.475  11.267  1.00 77.60  ? 2   A   I C6    1 
ATOM   41   N N6    . A   A 1 2   ? 9.241   -10.750 10.910  1.00 77.86  ? 2   A   I N6    1 
ATOM   42   N N1    . A   A 1 2   ? 7.895   -8.913  11.233  1.00 77.78  ? 2   A   I N1    1 
ATOM   43   C C2    . A   A 1 2   ? 7.761   -7.648  11.589  1.00 77.77  ? 2   A   I C2    1 
ATOM   44   N N3    . A   A 1 2   ? 8.685   -6.792  11.990  1.00 77.54  ? 2   A   I N3    1 
ATOM   45   C C4    . A   A 1 2   ? 9.898   -7.388  12.008  1.00 77.25  ? 2   A   I C4    1 
ATOM   46   P P     . A   A 1 3   ? 10.651  -3.426  16.568  1.00 77.90  ? 3   A   I P     1 
ATOM   47   O OP1   . A   A 1 3   ? 9.638   -4.282  17.212  1.00 77.22  ? 3   A   I OP1   1 
ATOM   48   O OP2   . A   A 1 3   ? 10.288  -2.667  15.347  1.00 78.13  ? 3   A   I OP2   1 
ATOM   49   O "O5'" . A   A 1 3   ? 11.197  -2.356  17.655  1.00 78.11  ? 3   A   I "O5'" 1 
ATOM   50   C "C5'" . A   A 1 3   ? 10.430  -1.168  17.929  1.00 78.22  ? 3   A   I "C5'" 1 
ATOM   51   C "C4'" . A   A 1 3   ? 11.044  -0.225  18.975  1.00 78.24  ? 3   A   I "C4'" 1 
ATOM   52   O "O4'" . A   A 1 3   ? 12.269  0.368   18.472  1.00 77.92  ? 3   A   I "O4'" 1 
ATOM   53   C "C3'" . A   A 1 3   ? 10.117  0.965   19.343  1.00 78.34  ? 3   A   I "C3'" 1 
ATOM   54   O "O3'" . A   A 1 3   ? 8.949   0.763   20.261  1.00 78.65  ? 3   A   I "O3'" 1 
ATOM   55   C "C2'" . A   A 1 3   ? 11.224  1.957   19.833  1.00 78.07  ? 3   A   I "C2'" 1 
ATOM   56   O "O2'" . A   A 1 3   ? 11.872  1.622   21.080  1.00 78.09  ? 3   A   I "O2'" 1 
ATOM   57   C "C1'" . A   A 1 3   ? 12.286  1.783   18.759  1.00 77.69  ? 3   A   I "C1'" 1 
ATOM   58   N N9    . A   A 1 3   ? 12.040  2.657   17.577  1.00 77.37  ? 3   A   I N9    1 
ATOM   59   C C8    . A   A 1 3   ? 12.151  4.018   17.502  1.00 77.21  ? 3   A   I C8    1 
ATOM   60   N N7    . A   A 1 3   ? 11.845  4.531   16.346  1.00 77.07  ? 3   A   I N7    1 
ATOM   61   C C5    . A   A 1 3   ? 11.512  3.417   15.586  1.00 77.13  ? 3   A   I C5    1 
ATOM   62   C C6    . A   A 1 3   ? 11.091  3.265   14.263  1.00 77.11  ? 3   A   I C6    1 
ATOM   63   N N6    . A   A 1 3   ? 10.934  4.297   13.442  1.00 77.33  ? 3   A   I N6    1 
ATOM   64   N N1    . A   A 1 3   ? 10.833  2.028   13.819  1.00 76.90  ? 3   A   I N1    1 
ATOM   65   C C2    . A   A 1 3   ? 10.990  1.011   14.644  1.00 76.86  ? 3   A   I C2    1 
ATOM   66   N N3    . A   A 1 3   ? 11.382  1.020   15.898  1.00 76.95  ? 3   A   I N3    1 
ATOM   67   C C4    . A   A 1 3   ? 11.627  2.274   16.320  1.00 77.12  ? 3   A   I C4    1 
HETATM 68   C C     . ACE B 2 1   ? -30.002 -8.954  -6.042  1.00 65.66  ? 0   ACE E C     1 
HETATM 69   O O     . ACE B 2 1   ? -28.979 -9.597  -6.295  1.00 65.37  ? 0   ACE E O     1 
HETATM 70   C CH3   . ACE B 2 1   ? -30.650 -9.270  -4.703  1.00 65.60  ? 0   ACE E CH3   1 
ATOM   71   N N     . ALA B 2 2   ? -30.539 -8.018  -6.842  1.00 65.63  ? 1   ALA E N     1 
ATOM   72   C CA    . ALA B 2 2   ? -29.986 -7.670  -8.150  1.00 65.58  ? 1   ALA E CA    1 
ATOM   73   C C     . ALA B 2 2   ? -28.566 -7.083  -8.124  1.00 65.30  ? 1   ALA E C     1 
ATOM   74   O O     . ALA B 2 2   ? -27.634 -7.886  -8.005  1.00 65.68  ? 1   ALA E O     1 
ATOM   75   C CB    . ALA B 2 2   ? -30.932 -6.680  -8.850  1.00 65.83  ? 1   ALA E CB    1 
ATOM   76   N N     . TYR B 2 3   ? -28.297 -5.765  -8.201  1.00 64.49  ? 2   TYR E N     1 
ATOM   77   C CA    . TYR B 2 3   ? -26.920 -5.306  -8.211  1.00 63.73  ? 2   TYR E CA    1 
ATOM   78   C C     . TYR B 2 3   ? -26.622 -4.360  -7.055  1.00 63.07  ? 2   TYR E C     1 
ATOM   79   O O     . TYR B 2 3   ? -26.893 -3.160  -7.164  1.00 62.99  ? 2   TYR E O     1 
ATOM   80   C CB    . TYR B 2 3   ? -26.665 -4.652  -9.573  1.00 63.97  ? 2   TYR E CB    1 
ATOM   81   C CG    . TYR B 2 3   ? -25.203 -4.698  -10.004 1.00 64.47  ? 2   TYR E CG    1 
ATOM   82   C CD1   . TYR B 2 3   ? -24.696 -5.823  -10.625 1.00 64.58  ? 2   TYR E CD1   1 
ATOM   83   C CD2   . TYR B 2 3   ? -24.380 -3.614  -9.770  1.00 65.16  ? 2   TYR E CD2   1 
ATOM   84   C CE1   . TYR B 2 3   ? -23.370 -5.868  -11.009 1.00 64.54  ? 2   TYR E CE1   1 
ATOM   85   C CE2   . TYR B 2 3   ? -23.054 -3.654  -10.152 1.00 65.07  ? 2   TYR E CE2   1 
ATOM   86   C CZ    . TYR B 2 3   ? -22.560 -4.782  -10.766 1.00 64.53  ? 2   TYR E CZ    1 
ATOM   87   O OH    . TYR B 2 3   ? -21.232 -4.814  -11.134 1.00 64.52  ? 2   TYR E OH    1 
ATOM   88   N N     . ASN B 2 4   ? -26.078 -4.895  -5.938  1.00 62.46  ? 3   ASN E N     1 
ATOM   89   C CA    . ASN B 2 4   ? -25.758 -4.092  -4.745  1.00 61.71  ? 3   ASN E CA    1 
ATOM   90   C C     . ASN B 2 4   ? -24.740 -4.578  -3.691  1.00 60.40  ? 3   ASN E C     1 
ATOM   91   O O     . ASN B 2 4   ? -24.615 -5.773  -3.445  1.00 60.20  ? 3   ASN E O     1 
ATOM   92   C CB    . ASN B 2 4   ? -27.098 -3.719  -3.981  1.00 63.32  ? 3   ASN E CB    1 
ATOM   93   C CG    . ASN B 2 4   ? -28.249 -4.716  -3.722  1.00 64.46  ? 3   ASN E CG    1 
ATOM   94   O OD1   . ASN B 2 4   ? -29.432 -4.412  -3.953  1.00 63.76  ? 3   ASN E OD1   1 
ATOM   95   N ND2   . ASN B 2 4   ? -27.969 -5.908  -3.197  1.00 65.23  ? 3   ASN E ND2   1 
ATOM   96   N N     . PRO B 2 5   ? -23.929 -3.669  -3.100  1.00 59.42  ? 4   PRO E N     1 
ATOM   97   C CA    . PRO B 2 5   ? -23.413 -3.706  -1.711  1.00 58.76  ? 4   PRO E CA    1 
ATOM   98   C C     . PRO B 2 5   ? -24.432 -3.642  -0.559  1.00 57.94  ? 4   PRO E C     1 
ATOM   99   O O     . PRO B 2 5   ? -25.137 -2.644  -0.371  1.00 58.30  ? 4   PRO E O     1 
ATOM   100  C CB    . PRO B 2 5   ? -22.424 -2.560  -1.645  1.00 58.66  ? 4   PRO E CB    1 
ATOM   101  C CG    . PRO B 2 5   ? -21.889 -2.562  -3.049  1.00 59.20  ? 4   PRO E CG    1 
ATOM   102  C CD    . PRO B 2 5   ? -23.158 -2.702  -3.868  1.00 59.05  ? 4   PRO E CD    1 
ATOM   103  N N     . ILE B 2 6   ? -24.399 -4.682  0.289   1.00 56.59  ? 5   ILE E N     1 
ATOM   104  C CA    . ILE B 2 6   ? -25.412 -4.951  1.311   1.00 54.83  ? 5   ILE E CA    1 
ATOM   105  C C     . ILE B 2 6   ? -25.484 -4.264  2.688   1.00 53.53  ? 5   ILE E C     1 
ATOM   106  O O     . ILE B 2 6   ? -26.483 -3.587  2.929   1.00 53.40  ? 5   ILE E O     1 
ATOM   107  C CB    . ILE B 2 6   ? -25.433 -6.504  1.560   1.00 54.82  ? 5   ILE E CB    1 
ATOM   108  C CG1   . ILE B 2 6   ? -25.280 -7.355  0.280   1.00 53.87  ? 5   ILE E CG1   1 
ATOM   109  C CG2   . ILE B 2 6   ? -26.780 -6.823  2.211   1.00 55.14  ? 5   ILE E CG2   1 
ATOM   110  C CD1   . ILE B 2 6   ? -26.416 -7.278  -0.753  1.00 52.78  ? 5   ILE E CD1   1 
ATOM   111  N N     . THR B 2 7   ? -24.517 -4.363  3.616   1.00 52.25  ? 6   THR E N     1 
ATOM   112  C CA    . THR B 2 7   ? -24.767 -3.951  5.001   1.00 51.12  ? 6   THR E CA    1 
ATOM   113  C C     . THR B 2 7   ? -24.588 -2.489  5.431   1.00 49.89  ? 6   THR E C     1 
ATOM   114  O O     . THR B 2 7   ? -25.633 -1.872  5.241   1.00 49.26  ? 6   THR E O     1 
ATOM   115  C CB    . THR B 2 7   ? -23.951 -4.951  5.866   1.00 52.00  ? 6   THR E CB    1 
ATOM   116  O OG1   . THR B 2 7   ? -24.252 -6.260  5.388   1.00 53.36  ? 6   THR E OG1   1 
ATOM   117  C CG2   . THR B 2 7   ? -24.349 -4.934  7.340   1.00 52.31  ? 6   THR E CG2   1 
ATOM   118  N N     . PRO B 2 8   ? -23.569 -1.753  5.971   1.00 49.51  ? 7   PRO E N     1 
ATOM   119  C CA    . PRO B 2 8   ? -23.534 -0.276  5.966   1.00 49.21  ? 7   PRO E CA    1 
ATOM   120  C C     . PRO B 2 8   ? -23.006 0.154   4.599   1.00 48.98  ? 7   PRO E C     1 
ATOM   121  O O     . PRO B 2 8   ? -23.127 -0.615  3.640   1.00 49.41  ? 7   PRO E O     1 
ATOM   122  C CB    . PRO B 2 8   ? -22.590 0.123   7.092   1.00 48.72  ? 7   PRO E CB    1 
ATOM   123  C CG    . PRO B 2 8   ? -22.200 -1.174  7.761   1.00 48.86  ? 7   PRO E CG    1 
ATOM   124  C CD    . PRO B 2 8   ? -22.351 -2.203  6.647   1.00 49.01  ? 7   PRO E CD    1 
ATOM   125  N N     . SER B 2 9   ? -22.446 1.347   4.403   1.00 48.53  ? 8   SER E N     1 
ATOM   126  C CA    . SER B 2 9   ? -21.738 1.579   3.150   1.00 48.10  ? 8   SER E CA    1 
ATOM   127  C C     . SER B 2 9   ? -20.233 1.474   3.473   1.00 48.18  ? 8   SER E C     1 
ATOM   128  O O     . SER B 2 9   ? -19.447 2.421   3.586   1.00 48.04  ? 8   SER E O     1 
ATOM   129  C CB    . SER B 2 9   ? -22.179 2.937   2.586   1.00 47.15  ? 8   SER E CB    1 
ATOM   130  O OG    . SER B 2 9   ? -23.460 2.802   1.967   1.00 44.72  ? 8   SER E OG    1 
ATOM   131  N N     . LYS B 2 10  ? -19.977 0.150   3.629   1.00 48.27  ? 9   LYS E N     1 
ATOM   132  C CA    . LYS B 2 10  ? -18.752 -0.591  3.996   1.00 47.98  ? 9   LYS E CA    1 
ATOM   133  C C     . LYS B 2 10  ? -17.441 -0.476  3.213   1.00 48.54  ? 9   LYS E C     1 
ATOM   134  O O     . LYS B 2 10  ? -16.399 -0.991  3.632   1.00 48.46  ? 9   LYS E O     1 
ATOM   135  C CB    . LYS B 2 10  ? -19.123 -2.077  4.051   1.00 46.36  ? 9   LYS E CB    1 
ATOM   136  C CG    . LYS B 2 10  ? -19.638 -2.593  2.703   1.00 43.56  ? 9   LYS E CG    1 
ATOM   137  C CD    . LYS B 2 10  ? -20.051 -4.046  2.680   1.00 40.73  ? 9   LYS E CD    1 
ATOM   138  C CE    . LYS B 2 10  ? -20.366 -4.320  1.229   1.00 39.49  ? 9   LYS E CE    1 
ATOM   139  N NZ    . LYS B 2 10  ? -20.480 -5.740  1.010   1.00 38.59  ? 9   LYS E NZ    1 
ATOM   140  N N     . LEU B 2 11  ? -17.536 0.188   2.061   1.00 49.16  ? 10  LEU E N     1 
ATOM   141  C CA    . LEU B 2 11  ? -16.471 0.427   1.102   1.00 49.73  ? 10  LEU E CA    1 
ATOM   142  C C     . LEU B 2 11  ? -15.079 0.825   1.592   1.00 49.92  ? 10  LEU E C     1 
ATOM   143  O O     . LEU B 2 11  ? -14.922 1.692   2.463   1.00 49.90  ? 10  LEU E O     1 
ATOM   144  C CB    . LEU B 2 11  ? -17.008 1.486   0.138   1.00 50.54  ? 10  LEU E CB    1 
ATOM   145  C CG    . LEU B 2 11  ? -16.308 1.810   -1.176  1.00 51.42  ? 10  LEU E CG    1 
ATOM   146  C CD1   . LEU B 2 11  ? -16.272 0.558   -2.050  1.00 52.42  ? 10  LEU E CD1   1 
ATOM   147  C CD2   . LEU B 2 11  ? -17.051 2.941   -1.885  1.00 51.37  ? 10  LEU E CD2   1 
ATOM   148  N N     . ILE B 2 12  ? -14.073 0.107   1.042   1.00 49.96  ? 11  ILE E N     1 
ATOM   149  C CA    . ILE B 2 12  ? -12.663 0.473   1.205   1.00 49.78  ? 11  ILE E CA    1 
ATOM   150  C C     . ILE B 2 12  ? -11.850 0.353   -0.113  1.00 49.43  ? 11  ILE E C     1 
ATOM   151  O O     . ILE B 2 12  ? -10.678 -0.045  -0.174  1.00 49.33  ? 11  ILE E O     1 
ATOM   152  C CB    . ILE B 2 12  ? -11.951 -0.369  2.304   1.00 49.61  ? 11  ILE E CB    1 
ATOM   153  C CG1   . ILE B 2 12  ? -12.831 -0.989  3.393   1.00 50.76  ? 11  ILE E CG1   1 
ATOM   154  C CG2   . ILE B 2 12  ? -11.050 0.666   2.980   1.00 49.14  ? 11  ILE E CG2   1 
ATOM   155  C CD1   . ILE B 2 12  ? -12.107 -1.901  4.424   1.00 51.79  ? 11  ILE E CD1   1 
ATOM   156  N N     . ALA B 2 13  ? -12.466 0.849   -1.213  1.00 48.84  ? 12  ALA E N     1 
ATOM   157  C CA    . ALA B 2 13  ? -11.838 0.984   -2.541  1.00 48.06  ? 12  ALA E CA    1 
ATOM   158  C C     . ALA B 2 13  ? -11.158 2.350   -2.700  1.00 47.52  ? 12  ALA E C     1 
ATOM   159  O O     . ALA B 2 13  ? -11.081 3.006   -3.745  1.00 47.13  ? 12  ALA E O     1 
ATOM   160  C CB    . ALA B 2 13  ? -12.890 0.857   -3.629  1.00 48.42  ? 12  ALA E CB    1 
ATOM   161  N N     . PHE B 2 14  ? -10.667 2.706   -1.518  1.00 47.09  ? 13  PHE E N     1 
ATOM   162  C CA    . PHE B 2 14  ? -10.019 3.919   -1.134  1.00 46.65  ? 13  PHE E CA    1 
ATOM   163  C C     . PHE B 2 14  ? -8.598  3.528   -0.766  1.00 45.86  ? 13  PHE E C     1 
ATOM   164  O O     . PHE B 2 14  ? -7.694  4.362   -0.780  1.00 45.49  ? 13  PHE E O     1 
ATOM   165  C CB    . PHE B 2 14  ? -10.707 4.487   0.089   1.00 47.98  ? 13  PHE E CB    1 
ATOM   166  C CG    . PHE B 2 14  ? -12.207 4.779   -0.015  1.00 50.38  ? 13  PHE E CG    1 
ATOM   167  C CD1   . PHE B 2 14  ? -12.684 5.779   -0.852  1.00 51.64  ? 13  PHE E CD1   1 
ATOM   168  C CD2   . PHE B 2 14  ? -13.097 4.083   0.788   1.00 51.28  ? 13  PHE E CD2   1 
ATOM   169  C CE1   . PHE B 2 14  ? -14.036 6.071   -0.869  1.00 52.43  ? 13  PHE E CE1   1 
ATOM   170  C CE2   . PHE B 2 14  ? -14.446 4.375   0.772   1.00 51.38  ? 13  PHE E CE2   1 
ATOM   171  C CZ    . PHE B 2 14  ? -14.913 5.371   -0.055  1.00 52.66  ? 13  PHE E CZ    1 
ATOM   172  N N     . SER B 2 15  ? -8.406  2.255   -0.398  1.00 45.34  ? 14  SER E N     1 
ATOM   173  C CA    . SER B 2 15  ? -7.092  1.808   -0.011  1.00 45.04  ? 14  SER E CA    1 
ATOM   174  C C     . SER B 2 15  ? -6.360  0.958   -1.003  1.00 44.00  ? 14  SER E C     1 
ATOM   175  O O     . SER B 2 15  ? -5.269  1.397   -1.347  1.00 44.41  ? 14  SER E O     1 
ATOM   176  C CB    . SER B 2 15  ? -7.133  1.031   1.275   1.00 46.81  ? 14  SER E CB    1 
ATOM   177  O OG    . SER B 2 15  ? -5.836  0.586   1.668   1.00 49.23  ? 14  SER E OG    1 
ATOM   178  N N     . ALA B 2 16  ? -6.824  -0.224  -1.429  1.00 42.51  ? 15  ALA E N     1 
ATOM   179  C CA    . ALA B 2 16  ? -6.024  -0.936  -2.400  1.00 41.75  ? 15  ALA E CA    1 
ATOM   180  C C     . ALA B 2 16  ? -6.682  -1.998  -3.253  1.00 41.82  ? 15  ALA E C     1 
ATOM   181  O O     . ALA B 2 16  ? -7.251  -2.972  -2.770  1.00 41.43  ? 15  ALA E O     1 
ATOM   182  C CB    . ALA B 2 16  ? -4.845  -1.567  -1.694  1.00 40.38  ? 15  ALA E CB    1 
ATOM   183  N N     . SER B 2 17  ? -6.590  -1.724  -4.565  1.00 42.23  ? 16  SER E N     1 
ATOM   184  C CA    . SER B 2 17  ? -7.042  -2.619  -5.634  1.00 42.16  ? 16  SER E CA    1 
ATOM   185  C C     . SER B 2 17  ? -6.678  -2.201  -7.069  1.00 42.56  ? 16  SER E C     1 
ATOM   186  O O     . SER B 2 17  ? -6.948  -2.895  -8.053  1.00 42.43  ? 16  SER E O     1 
ATOM   187  C CB    . SER B 2 17  ? -8.537  -2.816  -5.563  1.00 41.06  ? 16  SER E CB    1 
ATOM   188  O OG    . SER B 2 17  ? -8.731  -4.102  -6.116  1.00 38.47  ? 16  SER E OG    1 
ATOM   189  N N     . TYR B 2 18  ? -6.080  -1.012  -7.200  1.00 43.13  ? 17  TYR E N     1 
ATOM   190  C CA    . TYR B 2 18  ? -5.413  -0.537  -8.425  1.00 43.68  ? 17  TYR E CA    1 
ATOM   191  C C     . TYR B 2 18  ? -4.160  -1.448  -8.480  1.00 43.57  ? 17  TYR E C     1 
ATOM   192  O O     . TYR B 2 18  ? -3.829  -2.125  -9.455  1.00 43.68  ? 17  TYR E O     1 
ATOM   193  C CB    . TYR B 2 18  ? -4.932  0.925   -8.246  1.00 44.59  ? 17  TYR E CB    1 
ATOM   194  C CG    . TYR B 2 18  ? -5.203  2.132   -9.158  1.00 45.09  ? 17  TYR E CG    1 
ATOM   195  C CD1   . TYR B 2 18  ? -6.108  2.164   -10.213 1.00 45.15  ? 17  TYR E CD1   1 
ATOM   196  C CD2   . TYR B 2 18  ? -4.503  3.295   -8.839  1.00 45.97  ? 17  TYR E CD2   1 
ATOM   197  C CE1   . TYR B 2 18  ? -6.317  3.357   -10.909 1.00 44.59  ? 17  TYR E CE1   1 
ATOM   198  C CE2   . TYR B 2 18  ? -4.706  4.484   -9.525  1.00 45.35  ? 17  TYR E CE2   1 
ATOM   199  C CZ    . TYR B 2 18  ? -5.612  4.507   -10.561 1.00 44.26  ? 17  TYR E CZ    1 
ATOM   200  O OH    . TYR B 2 18  ? -5.816  5.702   -11.219 1.00 42.28  ? 17  TYR E OH    1 
ATOM   201  N N     . VAL B 2 19  ? -3.586  -1.495  -7.264  1.00 43.27  ? 18  VAL E N     1 
ATOM   202  C CA    . VAL B 2 19  ? -2.315  -2.080  -6.860  1.00 43.02  ? 18  VAL E CA    1 
ATOM   203  C C     . VAL B 2 19  ? -1.867  -3.560  -6.977  1.00 41.93  ? 18  VAL E C     1 
ATOM   204  O O     . VAL B 2 19  ? -0.648  -3.740  -7.138  1.00 41.92  ? 18  VAL E O     1 
ATOM   205  C CB    . VAL B 2 19  ? -2.205  -1.504  -5.404  1.00 44.22  ? 18  VAL E CB    1 
ATOM   206  C CG1   . VAL B 2 19  ? -3.052  -2.356  -4.471  1.00 43.83  ? 18  VAL E CG1   1 
ATOM   207  C CG2   . VAL B 2 19  ? -0.742  -1.371  -4.983  1.00 44.86  ? 18  VAL E CG2   1 
ATOM   208  N N     . PRO B 2 20  ? -2.695  -4.627  -6.928  1.00 40.53  ? 19  PRO E N     1 
ATOM   209  C CA    . PRO B 2 20  ? -2.321  -6.038  -6.799  1.00 39.55  ? 19  PRO E CA    1 
ATOM   210  C C     . PRO B 2 20  ? -1.081  -6.620  -7.468  1.00 39.20  ? 19  PRO E C     1 
ATOM   211  O O     . PRO B 2 20  ? -0.028  -6.677  -6.833  1.00 40.07  ? 19  PRO E O     1 
ATOM   212  C CB    . PRO B 2 20  ? -3.556  -6.764  -7.236  1.00 38.61  ? 19  PRO E CB    1 
ATOM   213  C CG    . PRO B 2 20  ? -4.161  -5.781  -8.170  1.00 38.72  ? 19  PRO E CG    1 
ATOM   214  C CD    . PRO B 2 20  ? -4.107  -4.610  -7.251  1.00 39.85  ? 19  PRO E CD    1 
ATOM   215  N N     . VAL B 2 21  ? -1.160  -7.053  -8.735  1.00 38.04  ? 20  VAL E N     1 
ATOM   216  C CA    . VAL B 2 21  ? -0.059  -7.664  -9.480  1.00 36.46  ? 20  VAL E CA    1 
ATOM   217  C C     . VAL B 2 21  ? 1.129   -6.721  -9.760  1.00 34.93  ? 20  VAL E C     1 
ATOM   218  O O     . VAL B 2 21  ? 2.262   -6.832  -9.264  1.00 34.49  ? 20  VAL E O     1 
ATOM   219  C CB    . VAL B 2 21  ? -0.806  -8.242  -10.744 1.00 36.33  ? 20  VAL E CB    1 
ATOM   220  C CG1   . VAL B 2 21  ? -0.021  -8.350  -12.053 1.00 36.02  ? 20  VAL E CG1   1 
ATOM   221  C CG2   . VAL B 2 21  ? -1.193  -9.636  -10.289 1.00 36.25  ? 20  VAL E CG2   1 
ATOM   222  N N     . ARG B 2 22  ? 0.685   -5.704  -10.481 1.00 33.53  ? 21  ARG E N     1 
ATOM   223  C CA    . ARG B 2 22  ? 1.499   -4.691  -11.098 1.00 32.12  ? 21  ARG E CA    1 
ATOM   224  C C     . ARG B 2 22  ? 2.507   -3.950  -10.281 1.00 30.88  ? 21  ARG E C     1 
ATOM   225  O O     . ARG B 2 22  ? 3.691   -4.266  -10.222 1.00 30.22  ? 21  ARG E O     1 
ATOM   226  C CB    . ARG B 2 22  ? 0.542   -3.681  -11.805 1.00 31.60  ? 21  ARG E CB    1 
ATOM   227  C CG    . ARG B 2 22  ? -0.752  -3.228  -11.097 1.00 28.74  ? 21  ARG E CG    1 
ATOM   228  C CD    . ARG B 2 22  ? -1.416  -2.279  -12.057 1.00 25.57  ? 21  ARG E CD    1 
ATOM   229  N NE    . ARG B 2 22  ? -2.872  -2.298  -12.056 1.00 23.13  ? 21  ARG E NE    1 
ATOM   230  C CZ    . ARG B 2 22  ? -3.617  -3.193  -12.726 1.00 21.19  ? 21  ARG E CZ    1 
ATOM   231  N NH1   . ARG B 2 22  ? -3.090  -4.184  -13.448 1.00 19.84  ? 21  ARG E NH1   1 
ATOM   232  N NH2   . ARG B 2 22  ? -4.928  -3.002  -12.773 1.00 19.81  ? 21  ARG E NH2   1 
ATOM   233  N N     . THR B 2 23  ? 1.991   -2.963  -9.611  1.00 30.59  ? 22  THR E N     1 
ATOM   234  C CA    . THR B 2 23  ? 2.859   -2.090  -8.920  1.00 31.08  ? 22  THR E CA    1 
ATOM   235  C C     . THR B 2 23  ? 3.287   -2.799  -7.658  1.00 30.68  ? 22  THR E C     1 
ATOM   236  O O     . THR B 2 23  ? 4.370   -2.472  -7.179  1.00 31.45  ? 22  THR E O     1 
ATOM   237  C CB    . THR B 2 23  ? 2.094   -0.748  -8.714  1.00 32.04  ? 22  THR E CB    1 
ATOM   238  O OG1   . THR B 2 23  ? 0.730   -1.030  -8.440  1.00 35.48  ? 22  THR E OG1   1 
ATOM   239  C CG2   . THR B 2 23  ? 2.075   0.092   -9.971  1.00 31.11  ? 22  THR E CG2   1 
ATOM   240  N N     . LEU B 2 24  ? 2.586   -3.833  -7.154  1.00 29.43  ? 23  LEU E N     1 
ATOM   241  C CA    . LEU B 2 24  ? 3.103   -4.451  -5.956  1.00 28.37  ? 23  LEU E CA    1 
ATOM   242  C C     . LEU B 2 24  ? 4.309   -5.337  -6.062  1.00 27.43  ? 23  LEU E C     1 
ATOM   243  O O     . LEU B 2 24  ? 5.337   -4.847  -5.591  1.00 27.81  ? 23  LEU E O     1 
ATOM   244  C CB    . LEU B 2 24  ? 2.061   -5.223  -5.271  1.00 28.63  ? 23  LEU E CB    1 
ATOM   245  C CG    . LEU B 2 24  ? 1.329   -4.283  -4.371  1.00 30.37  ? 23  LEU E CG    1 
ATOM   246  C CD1   . LEU B 2 24  ? 0.042   -4.937  -3.988  1.00 32.63  ? 23  LEU E CD1   1 
ATOM   247  C CD2   . LEU B 2 24  ? 2.163   -3.938  -3.151  1.00 30.94  ? 23  LEU E CD2   1 
ATOM   248  N N     . LEU B 2 25  ? 4.343   -6.537  -6.650  1.00 25.76  ? 24  LEU E N     1 
ATOM   249  C CA    . LEU B 2 25  ? 5.596   -7.268  -6.565  1.00 23.93  ? 24  LEU E CA    1 
ATOM   250  C C     . LEU B 2 25  ? 6.757   -6.634  -7.322  1.00 23.27  ? 24  LEU E C     1 
ATOM   251  O O     . LEU B 2 25  ? 7.880   -6.651  -6.820  1.00 23.47  ? 24  LEU E O     1 
ATOM   252  C CB    . LEU B 2 25  ? 5.389   -8.701  -7.035  1.00 21.67  ? 24  LEU E CB    1 
ATOM   253  C CG    . LEU B 2 25  ? 4.514   -9.710  -6.280  1.00 18.36  ? 24  LEU E CG    1 
ATOM   254  C CD1   . LEU B 2 25  ? 4.665   -9.472  -4.798  1.00 14.30  ? 24  LEU E CD1   1 
ATOM   255  C CD2   . LEU B 2 25  ? 3.063   -9.585  -6.701  1.00 16.49  ? 24  LEU E CD2   1 
ATOM   256  N N     . ASN B 2 26  ? 6.554   -5.928  -8.435  1.00 22.64  ? 25  ASN E N     1 
ATOM   257  C CA    . ASN B 2 26  ? 7.700   -5.375  -9.115  1.00 21.73  ? 25  ASN E CA    1 
ATOM   258  C C     . ASN B 2 26  ? 8.194   -4.123  -8.462  1.00 21.03  ? 25  ASN E C     1 
ATOM   259  O O     . ASN B 2 26  ? 9.387   -4.118  -8.159  1.00 21.50  ? 25  ASN E O     1 
ATOM   260  C CB    . ASN B 2 26  ? 7.351   -5.167  -10.602 1.00 22.17  ? 25  ASN E CB    1 
ATOM   261  C CG    . ASN B 2 26  ? 6.891   -3.856  -11.210 1.00 22.69  ? 25  ASN E CG    1 
ATOM   262  O OD1   . ASN B 2 26  ? 7.640   -2.877  -11.264 1.00 24.64  ? 25  ASN E OD1   1 
ATOM   263  N ND2   . ASN B 2 26  ? 5.692   -3.857  -11.783 1.00 20.89  ? 25  ASN E ND2   1 
ATOM   264  N N     . PHE B 2 27  ? 7.390   -3.103  -8.143  1.00 19.87  ? 26  PHE E N     1 
ATOM   265  C CA    . PHE B 2 27  ? 7.981   -1.917  -7.534  1.00 19.28  ? 26  PHE E CA    1 
ATOM   266  C C     . PHE B 2 27  ? 8.586   -2.220  -6.161  1.00 19.56  ? 26  PHE E C     1 
ATOM   267  O O     . PHE B 2 27  ? 9.601   -1.624  -5.800  1.00 19.77  ? 26  PHE E O     1 
ATOM   268  C CB    . PHE B 2 27  ? 6.964   -0.806  -7.343  1.00 18.20  ? 26  PHE E CB    1 
ATOM   269  C CG    . PHE B 2 27  ? 6.434   -0.091  -8.565  1.00 15.14  ? 26  PHE E CG    1 
ATOM   270  C CD1   . PHE B 2 27  ? 5.889   -0.791  -9.614  1.00 13.94  ? 26  PHE E CD1   1 
ATOM   271  C CD2   . PHE B 2 27  ? 6.471   1.283   -8.577  1.00 14.34  ? 26  PHE E CD2   1 
ATOM   272  C CE1   . PHE B 2 27  ? 5.378   -0.118  -10.689 1.00 12.56  ? 26  PHE E CE1   1 
ATOM   273  C CE2   . PHE B 2 27  ? 5.955   1.955   -9.657  1.00 13.82  ? 26  PHE E CE2   1 
ATOM   274  C CZ    . PHE B 2 27  ? 5.412   1.253   -10.707 1.00 13.66  ? 26  PHE E CZ    1 
ATOM   275  N N     . LEU B 2 28  ? 8.012   -3.174  -5.402  1.00 19.18  ? 27  LEU E N     1 
ATOM   276  C CA    . LEU B 2 28  ? 8.550   -3.569  -4.102  1.00 18.53  ? 27  LEU E CA    1 
ATOM   277  C C     . LEU B 2 28  ? 10.059  -3.903  -4.057  1.00 18.33  ? 27  LEU E C     1 
ATOM   278  O O     . LEU B 2 28  ? 10.726  -3.576  -3.066  1.00 17.71  ? 27  LEU E O     1 
ATOM   279  C CB    . LEU B 2 28  ? 7.698   -4.744  -3.626  1.00 17.35  ? 27  LEU E CB    1 
ATOM   280  C CG    . LEU B 2 28  ? 6.562   -4.469  -2.632  1.00 16.07  ? 27  LEU E CG    1 
ATOM   281  C CD1   . LEU B 2 28  ? 5.684   -3.332  -3.068  1.00 14.71  ? 27  LEU E CD1   1 
ATOM   282  C CD2   . LEU B 2 28  ? 5.713   -5.705  -2.531  1.00 17.14  ? 27  LEU E CD2   1 
ATOM   283  N N     . VAL B 2 29  ? 10.587  -4.509  -5.158  1.00 17.94  ? 28  VAL E N     1 
ATOM   284  C CA    . VAL B 2 29  ? 12.022  -4.832  -5.295  1.00 17.16  ? 28  VAL E CA    1 
ATOM   285  C C     . VAL B 2 29  ? 12.882  -3.601  -5.627  1.00 16.99  ? 28  VAL E C     1 
ATOM   286  O O     . VAL B 2 29  ? 13.910  -3.360  -4.983  1.00 16.98  ? 28  VAL E O     1 
ATOM   287  C CB    . VAL B 2 29  ? 12.393  -5.895  -6.421  1.00 16.11  ? 28  VAL E CB    1 
ATOM   288  C CG1   . VAL B 2 29  ? 12.978  -7.099  -5.684  1.00 13.45  ? 28  VAL E CG1   1 
ATOM   289  C CG2   . VAL B 2 29  ? 11.231  -6.313  -7.322  1.00 14.10  ? 28  VAL E CG2   1 
ATOM   290  N N     . ALA B 2 30  ? 12.495  -2.786  -6.617  1.00 16.36  ? 29  ALA E N     1 
ATOM   291  C CA    . ALA B 2 30  ? 13.311  -1.629  -6.966  1.00 16.18  ? 29  ALA E CA    1 
ATOM   292  C C     . ALA B 2 30  ? 13.335  -0.585  -5.855  1.00 15.82  ? 29  ALA E C     1 
ATOM   293  O O     . ALA B 2 30  ? 14.355  0.044   -5.592  1.00 14.78  ? 29  ALA E O     1 
ATOM   294  C CB    . ALA B 2 30  ? 12.783  -0.963  -8.240  1.00 16.33  ? 29  ALA E CB    1 
ATOM   295  N N     . SER B 2 31  ? 12.170  -0.488  -5.205  1.00 16.15  ? 30  SER E N     1 
ATOM   296  C CA    . SER B 2 31  ? 11.896  0.427   -4.119  1.00 16.42  ? 30  SER E CA    1 
ATOM   297  C C     . SER B 2 31  ? 12.315  -0.100  -2.774  1.00 16.84  ? 30  SER E C     1 
ATOM   298  O O     . SER B 2 31  ? 12.344  0.683   -1.828  1.00 16.21  ? 30  SER E O     1 
ATOM   299  C CB    . SER B 2 31  ? 10.431  0.749   -4.075  1.00 16.10  ? 30  SER E CB    1 
ATOM   300  O OG    . SER B 2 31  ? 10.185  1.696   -5.097  1.00 17.62  ? 30  SER E OG    1 
ATOM   301  N N     . GLN B 2 32  ? 12.580  -1.422  -2.661  1.00 17.61  ? 31  GLN E N     1 
ATOM   302  C CA    . GLN B 2 32  ? 13.266  -1.985  -1.492  1.00 17.82  ? 31  GLN E CA    1 
ATOM   303  C C     . GLN B 2 32  ? 14.652  -1.275  -1.556  1.00 18.32  ? 31  GLN E C     1 
ATOM   304  O O     . GLN B 2 32  ? 15.150  -0.711  -0.577  1.00 17.80  ? 31  GLN E O     1 
ATOM   305  C CB    . GLN B 2 32  ? 13.419  -3.531  -1.631  1.00 16.50  ? 31  GLN E CB    1 
ATOM   306  C CG    . GLN B 2 32  ? 13.326  -4.339  -0.318  1.00 15.74  ? 31  GLN E CG    1 
ATOM   307  C CD    . GLN B 2 32  ? 14.104  -5.667  -0.240  1.00 14.65  ? 31  GLN E CD    1 
ATOM   308  O OE1   . GLN B 2 32  ? 14.916  -5.860  0.664   1.00 12.90  ? 31  GLN E OE1   1 
ATOM   309  N NE2   . GLN B 2 32  ? 13.938  -6.643  -1.133  1.00 13.42  ? 31  GLN E NE2   1 
ATOM   310  N N     . GLY B 2 33  ? 15.229  -1.178  -2.776  1.00 19.10  ? 32  GLY E N     1 
ATOM   311  C CA    . GLY B 2 33  ? 16.477  -0.435  -3.037  1.00 19.25  ? 32  GLY E CA    1 
ATOM   312  C C     . GLY B 2 33  ? 16.320  1.092   -3.137  1.00 18.26  ? 32  GLY E C     1 
ATOM   313  O O     . GLY B 2 33  ? 16.070  1.638   -4.209  1.00 17.43  ? 32  GLY E O     1 
ATOM   314  N N     . THR B 2 34  ? 16.531  1.769   -1.996  1.00 18.14  ? 33  THR E N     1 
ATOM   315  C CA    . THR B 2 34  ? 16.273  3.202   -1.827  1.00 17.96  ? 33  THR E CA    1 
ATOM   316  C C     . THR B 2 34  ? 17.086  3.957   -0.759  1.00 18.10  ? 33  THR E C     1 
ATOM   317  O O     . THR B 2 34  ? 17.802  3.349   0.042   1.00 18.19  ? 33  THR E O     1 
ATOM   318  C CB    . THR B 2 34  ? 14.788  3.425   -1.495  1.00 17.52  ? 33  THR E CB    1 
ATOM   319  O OG1   . THR B 2 34  ? 14.171  2.155   -1.329  1.00 12.56  ? 33  THR E OG1   1 
ATOM   320  C CG2   . THR B 2 34  ? 14.123  4.286   -2.554  1.00 18.65  ? 33  THR E CG2   1 
ATOM   321  N N     . ALA B 2 35  ? 16.964  5.296   -0.700  1.00 17.86  ? 34  ALA E N     1 
ATOM   322  C CA    . ALA B 2 35  ? 17.638  6.062   0.333   1.00 18.04  ? 34  ALA E CA    1 
ATOM   323  C C     . ALA B 2 35  ? 16.996  6.009   1.717   1.00 18.73  ? 34  ALA E C     1 
ATOM   324  O O     . ALA B 2 35  ? 16.296  6.943   2.107   1.00 18.63  ? 34  ALA E O     1 
ATOM   325  C CB    . ALA B 2 35  ? 17.722  7.514   -0.056  1.00 16.52  ? 34  ALA E CB    1 
ATOM   326  N N     . PHE B 2 36  ? 17.326  5.046   2.596   1.00 19.58  ? 35  PHE E N     1 
ATOM   327  C CA    . PHE B 2 36  ? 16.684  4.986   3.918   1.00 20.44  ? 35  PHE E CA    1 
ATOM   328  C C     . PHE B 2 36  ? 17.367  5.638   5.110   1.00 20.55  ? 35  PHE E C     1 
ATOM   329  O O     . PHE B 2 36  ? 16.706  6.501   5.679   1.00 20.76  ? 35  PHE E O     1 
ATOM   330  C CB    . PHE B 2 36  ? 16.366  3.528   4.343   1.00 21.09  ? 35  PHE E CB    1 
ATOM   331  C CG    . PHE B 2 36  ? 15.382  2.904   3.373   1.00 21.88  ? 35  PHE E CG    1 
ATOM   332  C CD1   . PHE B 2 36  ? 14.034  3.155   3.514   1.00 22.01  ? 35  PHE E CD1   1 
ATOM   333  C CD2   . PHE B 2 36  ? 15.858  2.136   2.325   1.00 21.11  ? 35  PHE E CD2   1 
ATOM   334  C CE1   . PHE B 2 36  ? 13.159  2.635   2.585   1.00 21.36  ? 35  PHE E CE1   1 
ATOM   335  C CE2   . PHE B 2 36  ? 14.979  1.621   1.410   1.00 19.61  ? 35  PHE E CE2   1 
ATOM   336  C CZ    . PHE B 2 36  ? 13.633  1.873   1.538   1.00 20.70  ? 35  PHE E CZ    1 
ATOM   337  N N     . GLN B 2 37  ? 18.625  5.349   5.537   1.00 20.60  ? 36  GLN E N     1 
ATOM   338  C CA    . GLN B 2 37  ? 19.329  5.941   6.718   1.00 20.42  ? 36  GLN E CA    1 
ATOM   339  C C     . GLN B 2 37  ? 19.011  7.423   6.835   1.00 21.05  ? 36  GLN E C     1 
ATOM   340  O O     . GLN B 2 37  ? 18.703  8.009   7.876   1.00 21.35  ? 36  GLN E O     1 
ATOM   341  C CB    . GLN B 2 37  ? 20.859  5.800   6.569   1.00 18.77  ? 36  GLN E CB    1 
ATOM   342  C CG    . GLN B 2 37  ? 21.784  5.654   7.766   1.00 14.06  ? 36  GLN E CG    1 
ATOM   343  C CD    . GLN B 2 37  ? 21.873  4.209   8.206   1.00 13.04  ? 36  GLN E CD    1 
ATOM   344  O OE1   . GLN B 2 37  ? 21.760  3.956   9.395   1.00 13.79  ? 36  GLN E OE1   1 
ATOM   345  N NE2   . GLN B 2 37  ? 22.058  3.203   7.347   1.00 12.56  ? 36  GLN E NE2   1 
ATOM   346  N N     . THR B 2 38  ? 19.027  7.829   5.559   1.00 21.51  ? 37  THR E N     1 
ATOM   347  C CA    . THR B 2 38  ? 18.657  9.083   4.965   1.00 22.40  ? 37  THR E CA    1 
ATOM   348  C C     . THR B 2 38  ? 17.274  9.627   5.249   1.00 23.21  ? 37  THR E C     1 
ATOM   349  O O     . THR B 2 38  ? 16.424  9.143   6.017   1.00 22.90  ? 37  THR E O     1 
ATOM   350  C CB    . THR B 2 38  ? 18.834  8.983   3.411   1.00 21.55  ? 37  THR E CB    1 
ATOM   351  O OG1   . THR B 2 38  ? 18.649  7.656   3.030   1.00 17.91  ? 37  THR E OG1   1 
ATOM   352  C CG2   . THR B 2 38  ? 20.126  9.553   2.984   1.00 21.02  ? 37  THR E CG2   1 
ATOM   353  N N     . GLN B 2 39  ? 17.227  10.748  4.513   1.00 23.82  ? 38  GLN E N     1 
ATOM   354  C CA    . GLN B 2 39  ? 16.132  11.638  4.432   1.00 23.54  ? 38  GLN E CA    1 
ATOM   355  C C     . GLN B 2 39  ? 15.327  11.420  3.156   1.00 23.11  ? 38  GLN E C     1 
ATOM   356  O O     . GLN B 2 39  ? 14.211  10.877  3.234   1.00 22.95  ? 38  GLN E O     1 
ATOM   357  C CB    . GLN B 2 39  ? 16.798  13.002  4.593   1.00 23.86  ? 38  GLN E CB    1 
ATOM   358  C CG    . GLN B 2 39  ? 17.535  13.324  5.956   1.00 26.40  ? 38  GLN E CG    1 
ATOM   359  C CD    . GLN B 2 39  ? 19.014  12.944  6.234   1.00 27.57  ? 38  GLN E CD    1 
ATOM   360  O OE1   . GLN B 2 39  ? 19.676  12.268  5.443   1.00 29.35  ? 38  GLN E OE1   1 
ATOM   361  N NE2   . GLN B 2 39  ? 19.610  13.369  7.357   1.00 25.23  ? 38  GLN E NE2   1 
ATOM   362  N N     . ALA B 2 40  ? 15.890  11.720  1.974   1.00 22.27  ? 39  ALA E N     1 
ATOM   363  C CA    . ALA B 2 40  ? 15.165  11.568  0.720   1.00 21.35  ? 39  ALA E CA    1 
ATOM   364  C C     . ALA B 2 40  ? 14.444  10.236  0.468   1.00 21.19  ? 39  ALA E C     1 
ATOM   365  O O     . ALA B 2 40  ? 13.331  10.328  -0.064  1.00 22.60  ? 39  ALA E O     1 
ATOM   366  C CB    . ALA B 2 40  ? 16.103  11.809  -0.442  1.00 19.61  ? 39  ALA E CB    1 
ATOM   367  N N     . GLY B 2 41  ? 14.883  9.022   0.854   1.00 19.44  ? 40  GLY E N     1 
ATOM   368  C CA    . GLY B 2 41  ? 14.124  7.817   0.521   1.00 17.92  ? 40  GLY E CA    1 
ATOM   369  C C     . GLY B 2 41  ? 12.826  7.629   1.295   1.00 17.20  ? 40  GLY E C     1 
ATOM   370  O O     . GLY B 2 41  ? 11.838  7.149   0.718   1.00 16.50  ? 40  GLY E O     1 
ATOM   371  N N     . ARG B 2 42  ? 12.767  8.008   2.576   1.00 16.58  ? 41  ARG E N     1 
ATOM   372  C CA    . ARG B 2 42  ? 11.515  7.816   3.300   1.00 16.48  ? 41  ARG E CA    1 
ATOM   373  C C     . ARG B 2 42  ? 10.411  8.709   2.786   1.00 16.93  ? 41  ARG E C     1 
ATOM   374  O O     . ARG B 2 42  ? 9.331   8.171   2.535   1.00 16.17  ? 41  ARG E O     1 
ATOM   375  C CB    . ARG B 2 42  ? 11.681  8.046   4.800   1.00 16.36  ? 41  ARG E CB    1 
ATOM   376  C CG    . ARG B 2 42  ? 12.777  8.966   5.330   1.00 17.47  ? 41  ARG E CG    1 
ATOM   377  C CD    . ARG B 2 42  ? 12.319  10.389  5.452   1.00 18.46  ? 41  ARG E CD    1 
ATOM   378  N NE    . ARG B 2 42  ? 13.181  11.154  6.337   1.00 18.80  ? 41  ARG E NE    1 
ATOM   379  C CZ    . ARG B 2 42  ? 13.560  12.398  6.035   1.00 19.64  ? 41  ARG E CZ    1 
ATOM   380  N NH1   . ARG B 2 42  ? 13.193  13.005  4.900   1.00 19.34  ? 41  ARG E NH1   1 
ATOM   381  N NH2   . ARG B 2 42  ? 14.328  13.067  6.882   1.00 19.89  ? 41  ARG E NH2   1 
ATOM   382  N N     . ASP B 2 43  ? 10.758  10.001  2.533   1.00 17.88  ? 42  ASP E N     1 
ATOM   383  C CA    . ASP B 2 43  ? 9.882   11.040  1.965   1.00 18.58  ? 42  ASP E CA    1 
ATOM   384  C C     . ASP B 2 43  ? 9.268   10.585  0.610   1.00 19.43  ? 42  ASP E C     1 
ATOM   385  O O     . ASP B 2 43  ? 8.055   10.331  0.533   1.00 20.01  ? 42  ASP E O     1 
ATOM   386  C CB    . ASP B 2 43  ? 10.746  12.339  1.843   1.00 17.71  ? 42  ASP E CB    1 
ATOM   387  C CG    . ASP B 2 43  ? 10.125  13.673  1.348   1.00 18.34  ? 42  ASP E CG    1 
ATOM   388  O OD1   . ASP B 2 43  ? 8.927   13.757  1.066   1.00 18.07  ? 42  ASP E OD1   1 
ATOM   389  O OD2   . ASP B 2 43  ? 10.852  14.662  1.233   1.00 15.84  ? 42  ASP E OD2   1 
ATOM   390  N N     . SER B 2 44  ? 10.035  10.406  -0.484  1.00 19.14  ? 43  SER E N     1 
ATOM   391  C CA    . SER B 2 44  ? 9.485   9.924   -1.745  1.00 19.00  ? 43  SER E CA    1 
ATOM   392  C C     . SER B 2 44  ? 8.805   8.564   -1.739  1.00 20.39  ? 43  SER E C     1 
ATOM   393  O O     . SER B 2 44  ? 7.980   8.332   -2.624  1.00 20.56  ? 43  SER E O     1 
ATOM   394  C CB    . SER B 2 44  ? 10.556  9.876   -2.765  1.00 15.90  ? 43  SER E CB    1 
ATOM   395  O OG    . SER B 2 44  ? 10.739  11.210  -3.139  1.00 13.84  ? 43  SER E OG    1 
ATOM   396  N N     . PHE B 2 45  ? 9.103   7.650   -0.791  1.00 21.66  ? 44  PHE E N     1 
ATOM   397  C CA    . PHE B 2 45  ? 8.471   6.333   -0.820  1.00 23.23  ? 44  PHE E CA    1 
ATOM   398  C C     . PHE B 2 45  ? 7.007   6.433   -0.434  1.00 24.71  ? 44  PHE E C     1 
ATOM   399  O O     . PHE B 2 45  ? 6.116   5.801   -1.018  1.00 24.11  ? 44  PHE E O     1 
ATOM   400  C CB    . PHE B 2 45  ? 9.119   5.330   0.138   1.00 21.95  ? 44  PHE E CB    1 
ATOM   401  C CG    . PHE B 2 45  ? 8.992   3.881   -0.353  1.00 21.67  ? 44  PHE E CG    1 
ATOM   402  C CD1   . PHE B 2 45  ? 7.970   3.463   -1.193  1.00 21.65  ? 44  PHE E CD1   1 
ATOM   403  C CD2   . PHE B 2 45  ? 9.932   2.954   0.033   1.00 22.59  ? 44  PHE E CD2   1 
ATOM   404  C CE1   . PHE B 2 45  ? 7.879   2.166   -1.642  1.00 21.71  ? 44  PHE E CE1   1 
ATOM   405  C CE2   . PHE B 2 45  ? 9.833   1.652   -0.422  1.00 24.24  ? 44  PHE E CE2   1 
ATOM   406  C CZ    . PHE B 2 45  ? 8.812   1.247   -1.259  1.00 23.39  ? 44  PHE E CZ    1 
ATOM   407  N N     . ARG B 2 46  ? 6.830   7.285   0.575   1.00 26.67  ? 45  ARG E N     1 
ATOM   408  C CA    . ARG B 2 46  ? 5.510   7.582   1.100   1.00 28.76  ? 45  ARG E CA    1 
ATOM   409  C C     . ARG B 2 46  ? 4.628   7.967   -0.065  1.00 29.58  ? 45  ARG E C     1 
ATOM   410  O O     . ARG B 2 46  ? 3.661   7.278   -0.386  1.00 29.33  ? 45  ARG E O     1 
ATOM   411  C CB    . ARG B 2 46  ? 5.582   8.743   2.085   1.00 29.66  ? 45  ARG E CB    1 
ATOM   412  C CG    . ARG B 2 46  ? 6.359   8.398   3.330   1.00 30.81  ? 45  ARG E CG    1 
ATOM   413  C CD    . ARG B 2 46  ? 6.861   9.657   4.020   1.00 32.55  ? 45  ARG E CD    1 
ATOM   414  N NE    . ARG B 2 46  ? 7.562   9.242   5.222   1.00 33.89  ? 45  ARG E NE    1 
ATOM   415  C CZ    . ARG B 2 46  ? 6.905   9.087   6.375   1.00 34.74  ? 45  ARG E CZ    1 
ATOM   416  N NH1   . ARG B 2 46  ? 5.594   9.321   6.482   1.00 34.58  ? 45  ARG E NH1   1 
ATOM   417  N NH2   . ARG B 2 46  ? 7.556   8.621   7.435   1.00 35.01  ? 45  ARG E NH2   1 
ATOM   418  N N     . GLU B 2 47  ? 5.215   8.930   -0.781  1.00 30.79  ? 46  GLU E N     1 
ATOM   419  C CA    . GLU B 2 47  ? 4.626   9.520   -1.956  1.00 32.97  ? 46  GLU E CA    1 
ATOM   420  C C     . GLU B 2 47  ? 4.221   8.410   -2.922  1.00 35.00  ? 46  GLU E C     1 
ATOM   421  O O     . GLU B 2 47  ? 3.054   8.041   -2.824  1.00 35.31  ? 46  GLU E O     1 
ATOM   422  C CB    . GLU B 2 47  ? 5.669   10.497  -2.567  1.00 32.59  ? 46  GLU E CB    1 
ATOM   423  C CG    . GLU B 2 47  ? 5.185   11.748  -3.348  1.00 27.69  ? 46  GLU E CG    1 
ATOM   424  C CD    . GLU B 2 47  ? 5.867   13.059  -2.944  1.00 23.18  ? 46  GLU E CD    1 
ATOM   425  O OE1   . GLU B 2 47  ? 5.939   13.364  -1.751  1.00 20.80  ? 46  GLU E OE1   1 
ATOM   426  O OE2   . GLU B 2 47  ? 6.314   13.785  -3.831  1.00 21.37  ? 46  GLU E OE2   1 
ATOM   427  N N     . SER B 2 48  ? 5.083   7.774   -3.741  1.00 36.99  ? 47  SER E N     1 
ATOM   428  C CA    . SER B 2 48  ? 4.674   6.756   -4.732  1.00 38.57  ? 47  SER E CA    1 
ATOM   429  C C     . SER B 2 48  ? 3.814   5.528   -4.404  1.00 39.58  ? 47  SER E C     1 
ATOM   430  O O     . SER B 2 48  ? 2.613   5.521   -4.696  1.00 39.45  ? 47  SER E O     1 
ATOM   431  C CB    . SER B 2 48  ? 5.911   6.208   -5.449  1.00 38.18  ? 47  SER E CB    1 
ATOM   432  O OG    . SER B 2 48  ? 6.959   5.816   -4.575  1.00 36.48  ? 47  SER E OG    1 
ATOM   433  N N     . LEU B 2 49  ? 4.384   4.474   -3.808  1.00 40.78  ? 48  LEU E N     1 
ATOM   434  C CA    . LEU B 2 49  ? 3.634   3.247   -3.588  1.00 42.31  ? 48  LEU E CA    1 
ATOM   435  C C     . LEU B 2 49  ? 2.460   3.297   -2.635  1.00 43.13  ? 48  LEU E C     1 
ATOM   436  O O     . LEU B 2 49  ? 1.381   2.796   -2.958  1.00 43.62  ? 48  LEU E O     1 
ATOM   437  C CB    . LEU B 2 49  ? 4.528   2.123   -3.081  1.00 42.82  ? 48  LEU E CB    1 
ATOM   438  C CG    . LEU B 2 49  ? 4.932   1.031   -4.068  1.00 43.00  ? 48  LEU E CG    1 
ATOM   439  C CD1   . LEU B 2 49  ? 5.867   0.087   -3.334  1.00 42.38  ? 48  LEU E CD1   1 
ATOM   440  C CD2   . LEU B 2 49  ? 3.713   0.289   -4.628  1.00 41.93  ? 48  LEU E CD2   1 
ATOM   441  N N     . SER B 2 50  ? 2.656   3.913   -1.465  1.00 43.54  ? 49  SER E N     1 
ATOM   442  C CA    . SER B 2 50  ? 1.587   3.934   -0.483  1.00 43.52  ? 49  SER E CA    1 
ATOM   443  C C     . SER B 2 50  ? 0.453   4.960   -0.662  1.00 43.31  ? 49  SER E C     1 
ATOM   444  O O     . SER B 2 50  ? -0.722  4.595   -0.503  1.00 43.41  ? 49  SER E O     1 
ATOM   445  C CB    . SER B 2 50  ? 2.247   4.088   0.868   1.00 43.63  ? 49  SER E CB    1 
ATOM   446  O OG    . SER B 2 50  ? 2.970   2.920   1.220   1.00 43.53  ? 49  SER E OG    1 
ATOM   447  N N     . ALA B 2 51  ? 0.785   6.231   -1.015  1.00 42.34  ? 50  ALA E N     1 
ATOM   448  C CA    . ALA B 2 51  ? -0.225  7.270   -1.190  1.00 40.92  ? 50  ALA E CA    1 
ATOM   449  C C     . ALA B 2 51  ? -1.123  7.060   -2.413  1.00 39.77  ? 50  ALA E C     1 
ATOM   450  O O     . ALA B 2 51  ? -2.285  7.488   -2.380  1.00 39.37  ? 50  ALA E O     1 
ATOM   451  C CB    . ALA B 2 51  ? 0.480   8.614   -1.277  1.00 42.14  ? 50  ALA E CB    1 
ATOM   452  N N     . LEU B 2 52  ? -0.582  6.438   -3.502  1.00 38.40  ? 51  LEU E N     1 
ATOM   453  C CA    . LEU B 2 52  ? -1.439  5.948   -4.584  1.00 36.54  ? 51  LEU E CA    1 
ATOM   454  C C     . LEU B 2 52  ? -1.357  4.417   -4.772  1.00 35.29  ? 51  LEU E C     1 
ATOM   455  O O     . LEU B 2 52  ? -0.382  3.753   -5.148  1.00 34.66  ? 51  LEU E O     1 
ATOM   456  C CB    . LEU B 2 52  ? -1.155  6.658   -5.958  1.00 33.93  ? 51  LEU E CB    1 
ATOM   457  C CG    . LEU B 2 52  ? -2.346  7.527   -6.452  1.00 30.57  ? 51  LEU E CG    1 
ATOM   458  C CD1   . LEU B 2 52  ? -2.384  8.792   -5.620  1.00 29.62  ? 51  LEU E CD1   1 
ATOM   459  C CD2   . LEU B 2 52  ? -2.236  7.866   -7.925  1.00 28.42  ? 51  LEU E CD2   1 
ATOM   460  N N     . PRO B 2 53  ? -2.460  3.877   -4.254  1.00 34.35  ? 52  PRO E N     1 
ATOM   461  C CA    . PRO B 2 53  ? -3.274  2.850   -4.868  1.00 34.05  ? 52  PRO E CA    1 
ATOM   462  C C     . PRO B 2 53  ? -4.747  3.220   -5.105  1.00 34.25  ? 52  PRO E C     1 
ATOM   463  O O     . PRO B 2 53  ? -5.583  2.326   -5.130  1.00 34.02  ? 52  PRO E O     1 
ATOM   464  C CB    . PRO B 2 53  ? -3.060  1.723   -3.917  1.00 34.47  ? 52  PRO E CB    1 
ATOM   465  C CG    . PRO B 2 53  ? -2.378  2.339   -2.698  1.00 34.44  ? 52  PRO E CG    1 
ATOM   466  C CD    . PRO B 2 53  ? -2.685  3.791   -2.827  1.00 33.06  ? 52  PRO E CD    1 
ATOM   467  N N     . SER B 2 54  ? -5.125  4.492   -5.307  1.00 35.33  ? 53  SER E N     1 
ATOM   468  C CA    . SER B 2 54  ? -6.511  4.988   -5.501  1.00 36.65  ? 53  SER E CA    1 
ATOM   469  C C     . SER B 2 54  ? -7.377  4.465   -6.660  1.00 37.24  ? 53  SER E C     1 
ATOM   470  O O     . SER B 2 54  ? -7.478  5.106   -7.714  1.00 36.90  ? 53  SER E O     1 
ATOM   471  C CB    . SER B 2 54  ? -6.554  6.551   -5.650  1.00 37.41  ? 53  SER E CB    1 
ATOM   472  O OG    . SER B 2 54  ? -6.410  7.433   -4.538  1.00 37.65  ? 53  SER E OG    1 
ATOM   473  N N     . SER B 2 55  ? -8.072  3.335   -6.478  1.00 38.30  ? 54  SER E N     1 
ATOM   474  C CA    . SER B 2 55  ? -8.907  2.790   -7.542  1.00 39.78  ? 54  SER E CA    1 
ATOM   475  C C     . SER B 2 55  ? -10.034 3.649   -8.110  1.00 40.65  ? 54  SER E C     1 
ATOM   476  O O     . SER B 2 55  ? -10.867 4.213   -7.390  1.00 40.79  ? 54  SER E O     1 
ATOM   477  C CB    . SER B 2 55  ? -9.529  1.474   -7.102  1.00 39.80  ? 54  SER E CB    1 
ATOM   478  O OG    . SER B 2 55  ? -8.586  0.444   -7.323  1.00 39.90  ? 54  SER E OG    1 
ATOM   479  N N     . VAL B 2 56  ? -10.000 3.670   -9.467  1.00 41.39  ? 55  VAL E N     1 
ATOM   480  C CA    . VAL B 2 56  ? -11.009 4.286   -10.356 1.00 41.60  ? 55  VAL E CA    1 
ATOM   481  C C     . VAL B 2 56  ? -12.360 3.600   -10.054 1.00 42.86  ? 55  VAL E C     1 
ATOM   482  O O     . VAL B 2 56  ? -13.461 4.102   -10.309 1.00 42.97  ? 55  VAL E O     1 
ATOM   483  C CB    . VAL B 2 56  ? -10.576 4.085   -11.857 1.00 39.23  ? 55  VAL E CB    1 
ATOM   484  C CG1   . VAL B 2 56  ? -11.542 4.758   -12.809 1.00 37.40  ? 55  VAL E CG1   1 
ATOM   485  C CG2   . VAL B 2 56  ? -9.241  4.738   -12.109 1.00 37.23  ? 55  VAL E CG2   1 
ATOM   486  N N     . VAL B 2 57  ? -12.236 2.399   -9.469  1.00 43.95  ? 56  VAL E N     1 
ATOM   487  C CA    . VAL B 2 57  ? -13.351 1.663   -8.942  1.00 45.28  ? 56  VAL E CA    1 
ATOM   488  C C     . VAL B 2 57  ? -13.727 2.391   -7.659  1.00 45.85  ? 56  VAL E C     1 
ATOM   489  O O     . VAL B 2 57  ? -13.001 2.467   -6.656  1.00 45.71  ? 56  VAL E O     1 
ATOM   490  C CB    . VAL B 2 57  ? -12.992 0.185   -8.599  1.00 45.71  ? 56  VAL E CB    1 
ATOM   491  C CG1   . VAL B 2 57  ? -14.290 -0.579  -8.302  1.00 45.20  ? 56  VAL E CG1   1 
ATOM   492  C CG2   . VAL B 2 57  ? -12.229 -0.473  -9.746  1.00 45.98  ? 56  VAL E CG2   1 
ATOM   493  N N     . ASP B 2 58  ? -14.850 3.076   -7.883  1.00 46.12  ? 57  ASP E N     1 
ATOM   494  C CA    . ASP B 2 58  ? -15.625 3.610   -6.793  1.00 46.30  ? 57  ASP E CA    1 
ATOM   495  C C     . ASP B 2 58  ? -16.758 2.629   -7.025  1.00 46.89  ? 57  ASP E C     1 
ATOM   496  O O     . ASP B 2 58  ? -16.819 1.589   -6.372  1.00 46.39  ? 57  ASP E O     1 
ATOM   497  C CB    . ASP B 2 58  ? -16.054 5.048   -7.053  1.00 44.87  ? 57  ASP E CB    1 
ATOM   498  C CG    . ASP B 2 58  ? -14.889 5.883   -7.518  1.00 43.96  ? 57  ASP E CG    1 
ATOM   499  O OD1   . ASP B 2 58  ? -14.121 6.385   -6.695  1.00 42.41  ? 57  ASP E OD1   1 
ATOM   500  O OD2   . ASP B 2 58  ? -14.758 5.996   -8.729  1.00 44.30  ? 57  ASP E OD2   1 
ATOM   501  N N     . ILE B 2 59  ? -17.572 2.899   -8.051  1.00 48.13  ? 58  ILE E N     1 
ATOM   502  C CA    . ILE B 2 59  ? -18.688 2.051   -8.449  1.00 49.76  ? 58  ILE E CA    1 
ATOM   503  C C     . ILE B 2 59  ? -18.898 2.129   -9.953  1.00 50.80  ? 58  ILE E C     1 
ATOM   504  O O     . ILE B 2 59  ? -19.641 1.317   -10.508 1.00 51.10  ? 58  ILE E O     1 
ATOM   505  C CB    . ILE B 2 59  ? -20.109 2.430   -7.899  1.00 49.81  ? 58  ILE E CB    1 
ATOM   506  C CG1   . ILE B 2 59  ? -20.159 3.723   -7.059  1.00 49.63  ? 58  ILE E CG1   1 
ATOM   507  C CG2   . ILE B 2 59  ? -20.593 1.156   -7.212  1.00 50.57  ? 58  ILE E CG2   1 
ATOM   508  C CD1   . ILE B 2 59  ? -19.860 3.648   -5.542  1.00 49.44  ? 58  ILE E CD1   1 
ATOM   509  N N     . ASN B 2 60  ? -18.282 3.119   -10.615 1.00 51.84  ? 59  ASN E N     1 
ATOM   510  C CA    . ASN B 2 60  ? -18.589 3.421   -12.006 1.00 52.63  ? 59  ASN E CA    1 
ATOM   511  C C     . ASN B 2 60  ? -18.304 2.354   -13.071 1.00 53.07  ? 59  ASN E C     1 
ATOM   512  O O     . ASN B 2 60  ? -19.035 2.324   -14.068 1.00 52.97  ? 59  ASN E O     1 
ATOM   513  C CB    . ASN B 2 60  ? -17.885 4.768   -12.337 1.00 52.60  ? 59  ASN E CB    1 
ATOM   514  C CG    . ASN B 2 60  ? -18.523 6.002   -11.670 1.00 51.93  ? 59  ASN E CG    1 
ATOM   515  O OD1   . ASN B 2 60  ? -18.385 6.233   -10.466 1.00 51.79  ? 59  ASN E OD1   1 
ATOM   516  N ND2   . ASN B 2 60  ? -19.244 6.845   -12.412 1.00 50.31  ? 59  ASN E ND2   1 
ATOM   517  N N     . SER B 2 61  ? -17.332 1.431   -12.874 1.00 53.58  ? 60  SER E N     1 
ATOM   518  C CA    . SER B 2 61  ? -17.024 0.383   -13.858 1.00 54.07  ? 60  SER E CA    1 
ATOM   519  C C     . SER B 2 61  ? -16.275 -0.911  -13.481 1.00 54.44  ? 60  SER E C     1 
ATOM   520  O O     . SER B 2 61  ? -15.040 -0.910  -13.371 1.00 54.42  ? 60  SER E O     1 
ATOM   521  C CB    . SER B 2 61  ? -16.247 0.997   -15.028 1.00 53.76  ? 60  SER E CB    1 
ATOM   522  O OG    . SER B 2 61  ? -17.074 1.735   -15.912 1.00 54.71  ? 60  SER E OG    1 
ATOM   523  N N     . ARG B 2 62  ? -16.989 -2.041  -13.270 1.00 54.60  ? 61  ARG E N     1 
ATOM   524  C CA    . ARG B 2 62  ? -16.348 -3.352  -13.133 1.00 54.47  ? 61  ARG E CA    1 
ATOM   525  C C     . ARG B 2 62  ? -17.044 -4.328  -14.085 1.00 55.14  ? 61  ARG E C     1 
ATOM   526  O O     . ARG B 2 62  ? -17.705 -5.303  -13.723 1.00 54.76  ? 61  ARG E O     1 
ATOM   527  C CB    . ARG B 2 62  ? -16.432 -3.890  -11.701 1.00 52.82  ? 61  ARG E CB    1 
ATOM   528  C CG    . ARG B 2 62  ? -15.132 -4.595  -11.227 1.00 51.43  ? 61  ARG E CG    1 
ATOM   529  C CD    . ARG B 2 62  ? -14.646 -5.872  -11.960 1.00 49.19  ? 61  ARG E CD    1 
ATOM   530  N NE    . ARG B 2 62  ? -13.660 -6.627  -11.180 1.00 46.60  ? 61  ARG E NE    1 
ATOM   531  C CZ    . ARG B 2 62  ? -13.437 -7.940  -11.341 1.00 44.50  ? 61  ARG E CZ    1 
ATOM   532  N NH1   . ARG B 2 62  ? -14.081 -8.673  -12.234 1.00 43.88  ? 61  ARG E NH1   1 
ATOM   533  N NH2   . ARG B 2 62  ? -12.589 -8.570  -10.551 1.00 42.90  ? 61  ARG E NH2   1 
ATOM   534  N N     . PHE B 2 63  ? -16.872 -3.962  -15.362 1.00 56.40  ? 62  PHE E N     1 
ATOM   535  C CA    . PHE B 2 63  ? -17.322 -4.711  -16.524 1.00 57.69  ? 62  PHE E CA    1 
ATOM   536  C C     . PHE B 2 63  ? -16.264 -5.691  -17.043 1.00 58.69  ? 62  PHE E C     1 
ATOM   537  O O     . PHE B 2 63  ? -16.654 -6.762  -17.521 1.00 58.27  ? 62  PHE E O     1 
ATOM   538  C CB    . PHE B 2 63  ? -17.687 -3.750  -17.651 1.00 57.83  ? 62  PHE E CB    1 
ATOM   539  C CG    . PHE B 2 63  ? -19.122 -3.255  -17.741 1.00 58.67  ? 62  PHE E CG    1 
ATOM   540  C CD1   . PHE B 2 63  ? -20.159 -3.906  -17.090 1.00 58.78  ? 62  PHE E CD1   1 
ATOM   541  C CD2   . PHE B 2 63  ? -19.377 -2.149  -18.545 1.00 59.48  ? 62  PHE E CD2   1 
ATOM   542  C CE1   . PHE B 2 63  ? -21.451 -3.441  -17.252 1.00 59.26  ? 62  PHE E CE1   1 
ATOM   543  C CE2   . PHE B 2 63  ? -20.670 -1.689  -18.704 1.00 59.60  ? 62  PHE E CE2   1 
ATOM   544  C CZ    . PHE B 2 63  ? -21.704 -2.341  -18.057 1.00 60.04  ? 62  PHE E CZ    1 
ATOM   545  N N     . PRO B 2 64  ? -14.936 -5.389  -17.011 1.00 60.01  ? 63  PRO E N     1 
ATOM   546  C CA    . PRO B 2 64  ? -13.850 -6.381  -16.984 1.00 61.21  ? 63  PRO E CA    1 
ATOM   547  C C     . PRO B 2 64  ? -13.988 -7.503  -15.952 1.00 62.17  ? 63  PRO E C     1 
ATOM   548  O O     . PRO B 2 64  ? -13.439 -7.507  -14.842 1.00 62.07  ? 63  PRO E O     1 
ATOM   549  C CB    . PRO B 2 64  ? -12.573 -5.533  -16.803 1.00 61.07  ? 63  PRO E CB    1 
ATOM   550  C CG    . PRO B 2 64  ? -13.021 -4.099  -16.608 1.00 60.53  ? 63  PRO E CG    1 
ATOM   551  C CD    . PRO B 2 64  ? -14.347 -4.085  -17.353 1.00 60.46  ? 63  PRO E CD    1 
ATOM   552  N N     . ASP B 2 65  ? -14.746 -8.490  -16.446 1.00 63.12  ? 64  ASP E N     1 
ATOM   553  C CA    . ASP B 2 65  ? -15.147 -9.669  -15.696 1.00 64.02  ? 64  ASP E CA    1 
ATOM   554  C C     . ASP B 2 65  ? -14.047 -10.532 -15.092 1.00 64.68  ? 64  ASP E C     1 
ATOM   555  O O     . ASP B 2 65  ? -14.295 -11.201 -14.088 1.00 65.18  ? 64  ASP E O     1 
ATOM   556  C CB    . ASP B 2 65  ? -16.045 -10.538 -16.599 1.00 64.04  ? 64  ASP E CB    1 
ATOM   557  C CG    . ASP B 2 65  ? -15.392 -11.092 -17.861 1.00 64.35  ? 64  ASP E CG    1 
ATOM   558  O OD1   . ASP B 2 65  ? -15.160 -10.327 -18.801 1.00 65.03  ? 64  ASP E OD1   1 
ATOM   559  O OD2   . ASP B 2 65  ? -15.121 -12.291 -17.894 1.00 63.66  ? 64  ASP E OD2   1 
ATOM   560  N N     . ALA B 2 66  ? -12.829 -10.522 -15.645 1.00 65.17  ? 65  ALA E N     1 
ATOM   561  C CA    . ALA B 2 66  ? -11.743 -11.327 -15.109 1.00 65.87  ? 65  ALA E CA    1 
ATOM   562  C C     . ALA B 2 66  ? -11.180 -10.821 -13.774 1.00 66.63  ? 65  ALA E C     1 
ATOM   563  O O     . ALA B 2 66  ? -11.681 -9.843  -13.204 1.00 66.52  ? 65  ALA E O     1 
ATOM   564  C CB    . ALA B 2 66  ? -10.640 -11.375 -16.147 1.00 65.65  ? 65  ALA E CB    1 
ATOM   565  N N     . GLY B 2 67  ? -10.145 -11.507 -13.252 1.00 67.40  ? 66  GLY E N     1 
ATOM   566  C CA    . GLY B 2 67  ? -9.537  -11.161 -11.973 1.00 67.98  ? 66  GLY E CA    1 
ATOM   567  C C     . GLY B 2 67  ? -8.012  -11.222 -11.915 1.00 68.50  ? 66  GLY E C     1 
ATOM   568  O O     . GLY B 2 67  ? -7.349  -12.259 -12.022 1.00 68.36  ? 66  GLY E O     1 
ATOM   569  N N     . PHE B 2 68  ? -7.523  -10.000 -11.696 1.00 69.15  ? 67  PHE E N     1 
ATOM   570  C CA    . PHE B 2 68  ? -6.118  -9.637  -11.548 1.00 69.71  ? 67  PHE E CA    1 
ATOM   571  C C     . PHE B 2 68  ? -6.015  -8.809  -10.264 1.00 69.88  ? 67  PHE E C     1 
ATOM   572  O O     . PHE B 2 68  ? -5.280  -9.109  -9.319  1.00 69.65  ? 67  PHE E O     1 
ATOM   573  C CB    . PHE B 2 68  ? -5.621  -8.806  -12.805 1.00 70.67  ? 67  PHE E CB    1 
ATOM   574  C CG    . PHE B 2 68  ? -6.403  -7.569  -13.333 1.00 71.49  ? 67  PHE E CG    1 
ATOM   575  C CD1   . PHE B 2 68  ? -6.167  -6.287  -12.841 1.00 71.58  ? 67  PHE E CD1   1 
ATOM   576  C CD2   . PHE B 2 68  ? -7.379  -7.719  -14.313 1.00 71.70  ? 67  PHE E CD2   1 
ATOM   577  C CE1   . PHE B 2 68  ? -6.892  -5.203  -13.315 1.00 71.37  ? 67  PHE E CE1   1 
ATOM   578  C CE2   . PHE B 2 68  ? -8.095  -6.622  -14.779 1.00 71.69  ? 67  PHE E CE2   1 
ATOM   579  C CZ    . PHE B 2 68  ? -7.857  -5.360  -14.280 1.00 71.49  ? 67  PHE E CZ    1 
ATOM   580  N N     . TYR B 2 69  ? -6.894  -7.791  -10.295 1.00 70.33  ? 68  TYR E N     1 
ATOM   581  C CA    . TYR B 2 69  ? -7.115  -6.758  -9.302  1.00 70.38  ? 68  TYR E CA    1 
ATOM   582  C C     . TYR B 2 69  ? -7.535  -7.407  -8.009  1.00 68.70  ? 68  TYR E C     1 
ATOM   583  O O     . TYR B 2 69  ? -8.357  -8.321  -7.940  1.00 68.84  ? 68  TYR E O     1 
ATOM   584  C CB    . TYR B 2 69  ? -8.153  -5.788  -9.947  1.00 74.94  ? 68  TYR E CB    1 
ATOM   585  C CG    . TYR B 2 69  ? -9.425  -5.275  -9.262  1.00 81.12  ? 68  TYR E CG    1 
ATOM   586  C CD1   . TYR B 2 69  ? -10.429 -6.141  -8.839  1.00 83.65  ? 68  TYR E CD1   1 
ATOM   587  C CD2   . TYR B 2 69  ? -9.591  -3.910  -9.080  1.00 84.02  ? 68  TYR E CD2   1 
ATOM   588  C CE1   . TYR B 2 69  ? -11.578 -5.653  -8.242  1.00 85.48  ? 68  TYR E CE1   1 
ATOM   589  C CE2   . TYR B 2 69  ? -10.743 -3.420  -8.481  1.00 85.85  ? 68  TYR E CE2   1 
ATOM   590  C CZ    . TYR B 2 69  ? -11.733 -4.295  -8.061  1.00 85.95  ? 68  TYR E CZ    1 
ATOM   591  O OH    . TYR B 2 69  ? -12.870 -3.822  -7.426  1.00 86.05  ? 68  TYR E OH    1 
ATOM   592  N N     . ALA B 2 70  ? -6.837  -6.936  -6.993  1.00 66.59  ? 69  ALA E N     1 
ATOM   593  C CA    . ALA B 2 70  ? -7.039  -7.503  -5.696  1.00 64.34  ? 69  ALA E CA    1 
ATOM   594  C C     . ALA B 2 70  ? -7.391  -6.402  -4.750  1.00 62.14  ? 69  ALA E C     1 
ATOM   595  O O     . ALA B 2 70  ? -6.689  -5.395  -4.631  1.00 61.82  ? 69  ALA E O     1 
ATOM   596  C CB    . ALA B 2 70  ? -5.787  -8.195  -5.172  1.00 64.95  ? 69  ALA E CB    1 
ATOM   597  N N     . PHE B 2 71  ? -8.550  -6.694  -4.132  1.00 59.63  ? 70  PHE E N     1 
ATOM   598  C CA    . PHE B 2 71  ? -9.165  -5.898  -3.072  1.00 56.35  ? 70  PHE E CA    1 
ATOM   599  C C     . PHE B 2 71  ? -8.372  -6.137  -1.785  1.00 53.60  ? 70  PHE E C     1 
ATOM   600  O O     . PHE B 2 71  ? -8.824  -6.628  -0.745  1.00 53.21  ? 70  PHE E O     1 
ATOM   601  C CB    . PHE B 2 71  ? -10.615 -6.362  -2.993  1.00 56.37  ? 70  PHE E CB    1 
ATOM   602  C CG    . PHE B 2 71  ? -11.491 -5.727  -1.934  1.00 56.19  ? 70  PHE E CG    1 
ATOM   603  C CD1   . PHE B 2 71  ? -11.665 -4.360  -1.901  1.00 56.25  ? 70  PHE E CD1   1 
ATOM   604  C CD2   . PHE B 2 71  ? -12.113 -6.550  -1.014  1.00 56.10  ? 70  PHE E CD2   1 
ATOM   605  C CE1   . PHE B 2 71  ? -12.476 -3.821  -0.930  1.00 56.94  ? 70  PHE E CE1   1 
ATOM   606  C CE2   . PHE B 2 71  ? -12.922 -6.001  -0.048  1.00 56.13  ? 70  PHE E CE2   1 
ATOM   607  C CZ    . PHE B 2 71  ? -13.102 -4.637  -0.009  1.00 57.16  ? 70  PHE E CZ    1 
ATOM   608  N N     . LEU B 2 72  ? -7.115  -5.713  -1.948  1.00 50.69  ? 71  LEU E N     1 
ATOM   609  C CA    . LEU B 2 72  ? -6.055  -5.896  -0.999  1.00 47.52  ? 71  LEU E CA    1 
ATOM   610  C C     . LEU B 2 72  ? -6.393  -4.939  0.127   1.00 45.58  ? 71  LEU E C     1 
ATOM   611  O O     . LEU B 2 72  ? -6.167  -3.739  -0.030  1.00 46.52  ? 71  LEU E O     1 
ATOM   612  C CB    . LEU B 2 72  ? -4.748  -5.545  -1.706  1.00 45.58  ? 71  LEU E CB    1 
ATOM   613  C CG    . LEU B 2 72  ? -3.505  -6.171  -1.141  1.00 43.78  ? 71  LEU E CG    1 
ATOM   614  C CD1   . LEU B 2 72  ? -3.479  -7.654  -1.476  1.00 44.47  ? 71  LEU E CD1   1 
ATOM   615  C CD2   . LEU B 2 72  ? -2.310  -5.470  -1.706  1.00 40.91  ? 71  LEU E CD2   1 
ATOM   616  N N     . ASN B 2 73  ? -7.008  -5.410  1.221   1.00 42.27  ? 72  ASN E N     1 
ATOM   617  C CA    . ASN B 2 73  ? -7.372  -4.474  2.256   1.00 38.71  ? 72  ASN E CA    1 
ATOM   618  C C     . ASN B 2 73  ? -7.497  -5.022  3.658   1.00 36.80  ? 72  ASN E C     1 
ATOM   619  O O     . ASN B 2 73  ? -6.616  -4.828  4.497   1.00 36.76  ? 72  ASN E O     1 
ATOM   620  C CB    . ASN B 2 73  ? -8.682  -3.785  1.845   1.00 37.22  ? 72  ASN E CB    1 
ATOM   621  C CG    . ASN B 2 73  ? -8.502  -2.284  1.685   1.00 35.69  ? 72  ASN E CG    1 
ATOM   622  O OD1   . ASN B 2 73  ? -8.150  -1.592  2.639   1.00 35.09  ? 72  ASN E OD1   1 
ATOM   623  N ND2   . ASN B 2 73  ? -8.719  -1.742  0.488   1.00 35.38  ? 72  ASN E ND2   1 
ATOM   624  N N     . GLY B 2 74  ? -8.600  -5.733  3.875   1.00 34.56  ? 73  GLY E N     1 
ATOM   625  C CA    . GLY B 2 74  ? -8.975  -6.195  5.190   1.00 32.28  ? 73  GLY E CA    1 
ATOM   626  C C     . GLY B 2 74  ? -7.943  -7.066  5.861   1.00 30.81  ? 73  GLY E C     1 
ATOM   627  O O     . GLY B 2 74  ? -7.504  -6.731  6.953   1.00 30.99  ? 73  GLY E O     1 
ATOM   628  N N     . PRO B 2 75  ? -7.548  -8.195  5.272   1.00 29.64  ? 74  PRO E N     1 
ATOM   629  C CA    . PRO B 2 75  ? -6.610  -9.145  5.889   1.00 27.97  ? 74  PRO E CA    1 
ATOM   630  C C     . PRO B 2 75  ? -5.112  -8.874  5.946   1.00 25.99  ? 74  PRO E C     1 
ATOM   631  O O     . PRO B 2 75  ? -4.597  -8.615  7.040   1.00 25.50  ? 74  PRO E O     1 
ATOM   632  C CB    . PRO B 2 75  ? -6.918  -10.440 5.188   1.00 28.17  ? 74  PRO E CB    1 
ATOM   633  C CG    . PRO B 2 75  ? -8.371  -10.277 4.820   1.00 29.46  ? 74  PRO E CG    1 
ATOM   634  C CD    . PRO B 2 75  ? -8.358  -8.878  4.267   1.00 29.41  ? 74  PRO E CD    1 
ATOM   635  N N     . VAL B 2 76  ? -4.413  -8.923  4.789   1.00 24.05  ? 75  VAL E N     1 
ATOM   636  C CA    . VAL B 2 76  ? -2.971  -8.791  4.786   1.00 21.82  ? 75  VAL E CA    1 
ATOM   637  C C     . VAL B 2 76  ? -2.682  -7.377  5.185   1.00 22.01  ? 75  VAL E C     1 
ATOM   638  O O     . VAL B 2 76  ? -2.236  -7.171  6.307   1.00 21.84  ? 75  VAL E O     1 
ATOM   639  C CB    . VAL B 2 76  ? -2.314  -9.069  3.402   1.00 18.98  ? 75  VAL E CB    1 
ATOM   640  C CG1   . VAL B 2 76  ? -0.810  -8.975  3.506   1.00 14.87  ? 75  VAL E CG1   1 
ATOM   641  C CG2   . VAL B 2 76  ? -2.557  -10.496 2.964   1.00 20.32  ? 75  VAL E CG2   1 
ATOM   642  N N     . LEU B 2 77  ? -3.094  -6.425  4.345   1.00 22.62  ? 76  LEU E N     1 
ATOM   643  C CA    . LEU B 2 77  ? -2.718  -5.028  4.516   1.00 22.96  ? 76  LEU E CA    1 
ATOM   644  C C     . LEU B 2 77  ? -2.975  -4.310  5.812   1.00 24.01  ? 76  LEU E C     1 
ATOM   645  O O     . LEU B 2 77  ? -2.172  -3.439  6.118   1.00 24.21  ? 76  LEU E O     1 
ATOM   646  C CB    . LEU B 2 77  ? -3.334  -4.190  3.414   1.00 20.95  ? 76  LEU E CB    1 
ATOM   647  C CG    . LEU B 2 77  ? -2.698  -4.300  2.036   1.00 19.24  ? 76  LEU E CG    1 
ATOM   648  C CD1   . LEU B 2 77  ? -3.353  -3.260  1.209   1.00 19.51  ? 76  LEU E CD1   1 
ATOM   649  C CD2   . LEU B 2 77  ? -1.202  -4.004  1.999   1.00 17.74  ? 76  LEU E CD2   1 
ATOM   650  N N     . ARG B 2 78  ? -4.005  -4.648  6.600   1.00 25.52  ? 77  ARG E N     1 
ATOM   651  C CA    . ARG B 2 78  ? -4.242  -3.978  7.879   1.00 27.13  ? 77  ARG E CA    1 
ATOM   652  C C     . ARG B 2 78  ? -3.103  -3.943  8.914   1.00 27.93  ? 77  ARG E C     1 
ATOM   653  O O     . ARG B 2 78  ? -3.037  -2.946  9.644   1.00 28.43  ? 77  ARG E O     1 
ATOM   654  C CB    . ARG B 2 78  ? -5.473  -4.570  8.585   1.00 27.67  ? 77  ARG E CB    1 
ATOM   655  C CG    . ARG B 2 78  ? -6.776  -3.961  8.089   1.00 28.02  ? 77  ARG E CG    1 
ATOM   656  C CD    . ARG B 2 78  ? -7.786  -3.735  9.226   1.00 27.62  ? 77  ARG E CD    1 
ATOM   657  N NE    . ARG B 2 78  ? -8.281  -4.948  9.851   1.00 26.59  ? 77  ARG E NE    1 
ATOM   658  C CZ    . ARG B 2 78  ? -8.046  -5.245  11.133  1.00 25.89  ? 77  ARG E CZ    1 
ATOM   659  N NH1   . ARG B 2 78  ? -7.337  -4.465  11.952  1.00 23.65  ? 77  ARG E NH1   1 
ATOM   660  N NH2   . ARG B 2 78  ? -8.532  -6.384  11.601  1.00 26.41  ? 77  ARG E NH2   1 
ATOM   661  N N     . PRO B 2 79  ? -2.179  -4.911  9.074   1.00 28.16  ? 78  PRO E N     1 
ATOM   662  C CA    . PRO B 2 79  ? -0.843  -4.628  9.598   1.00 28.23  ? 78  PRO E CA    1 
ATOM   663  C C     . PRO B 2 79  ? 0.006   -3.664  8.759   1.00 27.98  ? 78  PRO E C     1 
ATOM   664  O O     . PRO B 2 79  ? 0.066   -2.464  9.008   1.00 26.73  ? 78  PRO E O     1 
ATOM   665  C CB    . PRO B 2 79  ? -0.239  -6.027  9.756   1.00 28.71  ? 78  PRO E CB    1 
ATOM   666  C CG    . PRO B 2 79  ? -1.415  -6.864  10.147  1.00 27.43  ? 78  PRO E CG    1 
ATOM   667  C CD    . PRO B 2 79  ? -2.465  -6.343  9.180   1.00 27.58  ? 78  PRO E CD    1 
ATOM   668  N N     . ILE B 2 80  ? 0.550   -4.233  7.688   1.00 28.88  ? 79  ILE E N     1 
ATOM   669  C CA    . ILE B 2 80  ? 1.527   -3.650  6.776   1.00 29.92  ? 79  ILE E CA    1 
ATOM   670  C C     . ILE B 2 80  ? 1.322   -2.219  6.275   1.00 31.07  ? 79  ILE E C     1 
ATOM   671  O O     . ILE B 2 80  ? 1.960   -1.319  6.808   1.00 30.51  ? 79  ILE E O     1 
ATOM   672  C CB    . ILE B 2 80  ? 1.676   -4.639  5.563   1.00 28.66  ? 79  ILE E CB    1 
ATOM   673  C CG1   . ILE B 2 80  ? 1.908   -6.095  6.018   1.00 28.05  ? 79  ILE E CG1   1 
ATOM   674  C CG2   . ILE B 2 80  ? 2.850   -4.189  4.717   1.00 29.14  ? 79  ILE E CG2   1 
ATOM   675  C CD1   . ILE B 2 80  ? 2.871   -6.393  7.197   1.00 27.01  ? 79  ILE E CD1   1 
ATOM   676  N N     . PHE B 2 81  ? 0.430   -1.963  5.304   1.00 32.98  ? 80  PHE E N     1 
ATOM   677  C CA    . PHE B 2 81  ? 0.217   -0.642  4.693   1.00 34.83  ? 80  PHE E CA    1 
ATOM   678  C C     . PHE B 2 81  ? -0.024  0.511   5.639   1.00 35.76  ? 80  PHE E C     1 
ATOM   679  O O     . PHE B 2 81  ? 0.181   1.676   5.307   1.00 35.73  ? 80  PHE E O     1 
ATOM   680  C CB    . PHE B 2 81  ? -0.972  -0.662  3.734   1.00 35.79  ? 80  PHE E CB    1 
ATOM   681  C CG    . PHE B 2 81  ? -0.673  -0.191  2.313   1.00 38.19  ? 80  PHE E CG    1 
ATOM   682  C CD1   . PHE B 2 81  ? 0.586   0.251   1.933   1.00 40.41  ? 80  PHE E CD1   1 
ATOM   683  C CD2   . PHE B 2 81  ? -1.691  -0.223  1.372   1.00 39.28  ? 80  PHE E CD2   1 
ATOM   684  C CE1   . PHE B 2 81  ? 0.810   0.651   0.622   1.00 42.34  ? 80  PHE E CE1   1 
ATOM   685  C CE2   . PHE B 2 81  ? -1.458  0.177   0.066   1.00 40.84  ? 80  PHE E CE2   1 
ATOM   686  C CZ    . PHE B 2 81  ? -0.205  0.617   -0.315  1.00 41.62  ? 80  PHE E CZ    1 
ATOM   687  N N     . VAL B 2 82  ? -0.501  0.129   6.822   1.00 36.72  ? 81  VAL E N     1 
ATOM   688  C CA    . VAL B 2 82  ? -0.730  1.057   7.903   1.00 37.54  ? 81  VAL E CA    1 
ATOM   689  C C     . VAL B 2 82  ? 0.478   1.187   8.838   1.00 38.08  ? 81  VAL E C     1 
ATOM   690  O O     . VAL B 2 82  ? 1.114   2.255   8.814   1.00 38.87  ? 81  VAL E O     1 
ATOM   691  C CB    . VAL B 2 82  ? -2.008  0.563   8.600   1.00 37.53  ? 81  VAL E CB    1 
ATOM   692  C CG1   . VAL B 2 82  ? -2.079  0.987   10.071  1.00 37.03  ? 81  VAL E CG1   1 
ATOM   693  C CG2   . VAL B 2 82  ? -3.164  1.091   7.755   1.00 35.72  ? 81  VAL E CG2   1 
ATOM   694  N N     . SER B 2 83  ? 0.821   0.151   9.642   1.00 37.51  ? 82  SER E N     1 
ATOM   695  C CA    . SER B 2 83  ? 1.924   0.241   10.589  1.00 36.83  ? 82  SER E CA    1 
ATOM   696  C C     . SER B 2 83  ? 3.208   0.689   9.916   1.00 36.21  ? 82  SER E C     1 
ATOM   697  O O     . SER B 2 83  ? 3.817   1.617   10.425  1.00 35.89  ? 82  SER E O     1 
ATOM   698  C CB    . SER B 2 83  ? 2.153   -1.101  11.294  1.00 36.24  ? 82  SER E CB    1 
ATOM   699  O OG    . SER B 2 83  ? 2.510   -2.155  10.417  1.00 36.58  ? 82  SER E OG    1 
ATOM   700  N N     . LEU B 2 84  ? 3.522   0.138   8.731   1.00 35.94  ? 83  LEU E N     1 
ATOM   701  C CA    . LEU B 2 84  ? 4.709   0.488   7.941   1.00 35.65  ? 83  LEU E CA    1 
ATOM   702  C C     . LEU B 2 84  ? 4.674   1.890   7.376   1.00 34.75  ? 83  LEU E C     1 
ATOM   703  O O     . LEU B 2 84  ? 5.717   2.551   7.422   1.00 35.34  ? 83  LEU E O     1 
ATOM   704  C CB    . LEU B 2 84  ? 4.930   -0.478  6.735   1.00 37.15  ? 83  LEU E CB    1 
ATOM   705  C CG    . LEU B 2 84  ? 5.959   -0.241  5.581   1.00 37.40  ? 83  LEU E CG    1 
ATOM   706  C CD1   . LEU B 2 84  ? 7.397   -0.235  6.108   1.00 36.34  ? 83  LEU E CD1   1 
ATOM   707  C CD2   . LEU B 2 84  ? 5.763   -1.336  4.522   1.00 37.43  ? 83  LEU E CD2   1 
ATOM   708  N N     . LEU B 2 85  ? 3.518   2.348   6.855   1.00 33.10  ? 84  LEU E N     1 
ATOM   709  C CA    . LEU B 2 85  ? 3.449   3.657   6.232   1.00 31.27  ? 84  LEU E CA    1 
ATOM   710  C C     . LEU B 2 85  ? 3.920   4.727   7.194   1.00 30.96  ? 84  LEU E C     1 
ATOM   711  O O     . LEU B 2 85  ? 4.785   5.535   6.854   1.00 30.72  ? 84  LEU E O     1 
ATOM   712  C CB    . LEU B 2 85  ? 2.032   3.917   5.791   1.00 29.19  ? 84  LEU E CB    1 
ATOM   713  C CG    . LEU B 2 85  ? 1.732   5.098   4.875   1.00 28.59  ? 84  LEU E CG    1 
ATOM   714  C CD1   . LEU B 2 85  ? 2.865   5.364   3.879   1.00 25.54  ? 84  LEU E CD1   1 
ATOM   715  C CD2   . LEU B 2 85  ? 0.402   4.795   4.201   1.00 27.70  ? 84  LEU E CD2   1 
ATOM   716  N N     . SER B 2 86  ? 3.447   4.619   8.436   1.00 31.01  ? 85  SER E N     1 
ATOM   717  C CA    . SER B 2 86  ? 3.872   5.520   9.494   1.00 30.79  ? 85  SER E CA    1 
ATOM   718  C C     . SER B 2 86  ? 5.198   5.167   10.200  1.00 30.58  ? 85  SER E C     1 
ATOM   719  O O     . SER B 2 86  ? 5.961   6.085   10.522  1.00 30.38  ? 85  SER E O     1 
ATOM   720  C CB    . SER B 2 86  ? 2.724   5.600   10.498  1.00 30.94  ? 85  SER E CB    1 
ATOM   721  O OG    . SER B 2 86  ? 1.568   6.269   9.997   1.00 29.60  ? 85  SER E OG    1 
ATOM   722  N N     . SER B 2 87  ? 5.502   3.855   10.377  1.00 30.35  ? 86  SER E N     1 
ATOM   723  C CA    . SER B 2 87  ? 6.674   3.302   11.095  1.00 29.48  ? 86  SER E CA    1 
ATOM   724  C C     . SER B 2 87  ? 8.034   3.838   10.694  1.00 28.49  ? 86  SER E C     1 
ATOM   725  O O     . SER B 2 87  ? 8.833   4.132   11.585  1.00 28.11  ? 86  SER E O     1 
ATOM   726  C CB    . SER B 2 87  ? 6.794   1.740   10.975  1.00 29.39  ? 86  SER E CB    1 
ATOM   727  O OG    . SER B 2 87  ? 6.224   0.952   12.025  1.00 26.45  ? 86  SER E OG    1 
ATOM   728  N N     . THR B 2 88  ? 8.338   3.946   9.392   1.00 27.70  ? 87  THR E N     1 
ATOM   729  C CA    . THR B 2 88  ? 9.576   4.586   8.985   1.00 27.61  ? 87  THR E CA    1 
ATOM   730  C C     . THR B 2 88  ? 9.450   6.035   9.460   1.00 28.99  ? 87  THR E C     1 
ATOM   731  O O     . THR B 2 88  ? 8.346   6.598   9.488   1.00 29.26  ? 87  THR E O     1 
ATOM   732  C CB    . THR B 2 88  ? 9.796   4.546   7.432   1.00 25.35  ? 87  THR E CB    1 
ATOM   733  O OG1   . THR B 2 88  ? 8.557   4.436   6.752   1.00 22.95  ? 87  THR E OG1   1 
ATOM   734  C CG2   . THR B 2 88  ? 10.671  3.392   7.064   1.00 23.78  ? 87  THR E CG2   1 
ATOM   735  N N     . ASP B 2 89  ? 10.558  6.622   9.949   1.00 29.93  ? 88  ASP E N     1 
ATOM   736  C CA    . ASP B 2 89  ? 10.559  8.005   10.451  1.00 30.79  ? 88  ASP E CA    1 
ATOM   737  C C     . ASP B 2 89  ? 10.168  9.073   9.455   1.00 30.90  ? 88  ASP E C     1 
ATOM   738  O O     . ASP B 2 89  ? 10.775  9.228   8.395   1.00 31.25  ? 88  ASP E O     1 
ATOM   739  C CB    . ASP B 2 89  ? 11.915  8.482   10.963  1.00 31.14  ? 88  ASP E CB    1 
ATOM   740  C CG    . ASP B 2 89  ? 12.479  7.779   12.181  1.00 32.00  ? 88  ASP E CG    1 
ATOM   741  O OD1   . ASP B 2 89  ? 11.727  7.277   13.034  1.00 31.42  ? 88  ASP E OD1   1 
ATOM   742  O OD2   . ASP B 2 89  ? 13.710  7.753   12.253  1.00 32.53  ? 88  ASP E OD2   1 
ATOM   743  N N     . THR B 2 90  ? 9.138   9.805   9.836   1.00 30.77  ? 89  THR E N     1 
ATOM   744  C CA    . THR B 2 90  ? 8.680   10.933  9.058   1.00 31.15  ? 89  THR E CA    1 
ATOM   745  C C     . THR B 2 90  ? 9.759   11.998  8.882   1.00 31.49  ? 89  THR E C     1 
ATOM   746  O O     . THR B 2 90  ? 10.519  12.369  9.773   1.00 32.19  ? 89  THR E O     1 
ATOM   747  C CB    . THR B 2 90  ? 7.447   11.485  9.738   1.00 31.57  ? 89  THR E CB    1 
ATOM   748  O OG1   . THR B 2 90  ? 7.637   11.278  11.136  1.00 33.92  ? 89  THR E OG1   1 
ATOM   749  C CG2   . THR B 2 90  ? 6.173   10.867  9.211   1.00 30.93  ? 89  THR E CG2   1 
ATOM   750  N N     . ARG B 2 91  ? 9.766   12.424  7.630   1.00 31.31  ? 90  ARG E N     1 
ATOM   751  C CA    . ARG B 2 91  ? 10.757  13.279  6.998   1.00 31.27  ? 90  ARG E CA    1 
ATOM   752  C C     . ARG B 2 91  ? 11.550  14.478  7.512   1.00 30.85  ? 90  ARG E C     1 
ATOM   753  O O     . ARG B 2 91  ? 12.359  15.017  6.754   1.00 30.48  ? 90  ARG E O     1 
ATOM   754  C CB    . ARG B 2 91  ? 10.173  13.713  5.645   1.00 33.03  ? 90  ARG E CB    1 
ATOM   755  C CG    . ARG B 2 91  ? 8.736   13.410  5.236   1.00 37.19  ? 90  ARG E CG    1 
ATOM   756  C CD    . ARG B 2 91  ? 7.710   14.276  5.963   1.00 41.58  ? 90  ARG E CD    1 
ATOM   757  N NE    . ARG B 2 91  ? 7.593   14.094  7.408   1.00 43.95  ? 90  ARG E NE    1 
ATOM   758  C CZ    . ARG B 2 91  ? 8.181   14.923  8.274   1.00 44.69  ? 90  ARG E CZ    1 
ATOM   759  N NH1   . ARG B 2 91  ? 8.908   15.946  7.853   1.00 46.24  ? 90  ARG E NH1   1 
ATOM   760  N NH2   . ARG B 2 91  ? 8.047   14.736  9.574   1.00 44.10  ? 90  ARG E NH2   1 
ATOM   761  N N     . ASN B 2 92  ? 11.486  14.925  8.755   1.00 30.88  ? 91  ASN E N     1 
ATOM   762  C CA    . ASN B 2 92  ? 12.265  16.092  9.175   1.00 31.68  ? 91  ASN E CA    1 
ATOM   763  C C     . ASN B 2 92  ? 13.738  15.857  9.593   1.00 32.41  ? 91  ASN E C     1 
ATOM   764  O O     . ASN B 2 92  ? 14.089  16.282  10.704  1.00 33.17  ? 91  ASN E O     1 
ATOM   765  C CB    . ASN B 2 92  ? 11.446  16.726  10.302  1.00 30.49  ? 91  ASN E CB    1 
ATOM   766  C CG    . ASN B 2 92  ? 11.872  18.116  10.760  1.00 30.71  ? 91  ASN E CG    1 
ATOM   767  O OD1   . ASN B 2 92  ? 12.044  18.344  11.958  1.00 29.61  ? 91  ASN E OD1   1 
ATOM   768  N ND2   . ASN B 2 92  ? 12.050  19.066  9.837   1.00 31.57  ? 91  ASN E ND2   1 
ATOM   769  N N     . ARG B 2 93  ? 14.704  15.267  8.842   1.00 32.24  ? 92  ARG E N     1 
ATOM   770  C CA    . ARG B 2 93  ? 15.996  15.024  9.501   1.00 31.76  ? 92  ARG E CA    1 
ATOM   771  C C     . ARG B 2 93  ? 17.249  15.814  9.161   1.00 30.96  ? 92  ARG E C     1 
ATOM   772  O O     . ARG B 2 93  ? 17.942  15.731  8.151   1.00 30.84  ? 92  ARG E O     1 
ATOM   773  C CB    . ARG B 2 93  ? 16.315  13.511  9.429   1.00 32.46  ? 92  ARG E CB    1 
ATOM   774  C CG    . ARG B 2 93  ? 15.490  12.658  10.425  1.00 32.77  ? 92  ARG E CG    1 
ATOM   775  C CD    . ARG B 2 93  ? 15.867  12.786  11.921  1.00 33.77  ? 92  ARG E CD    1 
ATOM   776  N NE    . ARG B 2 93  ? 15.667  14.105  12.532  1.00 34.99  ? 92  ARG E NE    1 
ATOM   777  C CZ    . ARG B 2 93  ? 16.453  14.583  13.523  1.00 36.08  ? 92  ARG E CZ    1 
ATOM   778  N NH1   . ARG B 2 93  ? 17.476  13.874  14.015  1.00 37.94  ? 92  ARG E NH1   1 
ATOM   779  N NH2   . ARG B 2 93  ? 16.217  15.785  14.053  1.00 34.58  ? 92  ARG E NH2   1 
ATOM   780  N N     . VAL B 2 94  ? 17.480  16.572  10.233  1.00 30.23  ? 93  VAL E N     1 
ATOM   781  C CA    . VAL B 2 94  ? 18.529  17.557  10.327  1.00 29.13  ? 93  VAL E CA    1 
ATOM   782  C C     . VAL B 2 94  ? 19.215  17.530  11.728  1.00 28.83  ? 93  VAL E C     1 
ATOM   783  O O     . VAL B 2 94  ? 18.660  17.995  12.726  1.00 29.50  ? 93  VAL E O     1 
ATOM   784  C CB    . VAL B 2 94  ? 17.767  18.886  9.893   1.00 28.59  ? 93  VAL E CB    1 
ATOM   785  C CG1   . VAL B 2 94  ? 16.615  19.218  10.850  1.00 27.30  ? 93  VAL E CG1   1 
ATOM   786  C CG2   . VAL B 2 94  ? 18.760  20.029  9.784   1.00 28.29  ? 93  VAL E CG2   1 
ATOM   787  N N     . ILE B 2 95  ? 20.409  16.889  11.852  1.00 27.55  ? 94  ILE E N     1 
ATOM   788  C CA    . ILE B 2 95  ? 21.272  16.893  13.056  1.00 25.52  ? 94  ILE E CA    1 
ATOM   789  C C     . ILE B 2 95  ? 22.346  17.927  12.809  1.00 25.84  ? 94  ILE E C     1 
ATOM   790  O O     . ILE B 2 95  ? 22.605  18.756  13.685  1.00 26.77  ? 94  ILE E O     1 
ATOM   791  C CB    . ILE B 2 95  ? 22.135  15.643  13.340  1.00 23.01  ? 94  ILE E CB    1 
ATOM   792  C CG1   . ILE B 2 95  ? 21.263  14.429  13.517  1.00 24.19  ? 94  ILE E CG1   1 
ATOM   793  C CG2   . ILE B 2 95  ? 22.994  15.871  14.578  1.00 19.80  ? 94  ILE E CG2   1 
ATOM   794  C CD1   . ILE B 2 95  ? 22.044  13.095  13.330  1.00 22.96  ? 94  ILE E CD1   1 
ATOM   795  N N     . GLU B 2 96  ? 22.947  17.847  11.596  1.00 25.40  ? 95  GLU E N     1 
ATOM   796  C CA    . GLU B 2 96  ? 24.165  18.576  11.275  1.00 24.45  ? 95  GLU E CA    1 
ATOM   797  C C     . GLU B 2 96  ? 24.405  20.041  10.962  1.00 23.40  ? 95  GLU E C     1 
ATOM   798  O O     . GLU B 2 96  ? 24.017  20.678  9.979   1.00 22.10  ? 95  GLU E O     1 
ATOM   799  C CB    . GLU B 2 96  ? 24.849  17.750  10.192  1.00 24.60  ? 95  GLU E CB    1 
ATOM   800  C CG    . GLU B 2 96  ? 26.355  17.634  10.500  1.00 24.55  ? 95  GLU E CG    1 
ATOM   801  C CD    . GLU B 2 96  ? 26.743  17.549  11.986  1.00 23.67  ? 95  GLU E CD    1 
ATOM   802  O OE1   . GLU B 2 96  ? 26.435  16.584  12.688  1.00 23.17  ? 95  GLU E OE1   1 
ATOM   803  O OE2   . GLU B 2 96  ? 27.359  18.497  12.449  1.00 22.25  ? 95  GLU E OE2   1 
ATOM   804  N N     . VAL B 2 97  ? 25.257  20.333  11.957  1.00 23.82  ? 96  VAL E N     1 
ATOM   805  C CA    . VAL B 2 97  ? 25.941  21.580  12.265  1.00 25.76  ? 96  VAL E CA    1 
ATOM   806  C C     . VAL B 2 97  ? 26.867  22.031  11.095  1.00 27.23  ? 96  VAL E C     1 
ATOM   807  O O     . VAL B 2 97  ? 26.433  22.848  10.276  1.00 27.63  ? 96  VAL E O     1 
ATOM   808  C CB    . VAL B 2 97  ? 26.723  21.335  13.655  1.00 25.56  ? 96  VAL E CB    1 
ATOM   809  C CG1   . VAL B 2 97  ? 27.373  22.641  14.082  1.00 23.93  ? 96  VAL E CG1   1 
ATOM   810  C CG2   . VAL B 2 97  ? 25.809  20.800  14.783  1.00 23.61  ? 96  VAL E CG2   1 
ATOM   811  N N     . VAL B 2 98  ? 28.123  21.526  10.954  1.00 28.20  ? 97  VAL E N     1 
ATOM   812  C CA    . VAL B 2 98  ? 29.123  21.860  9.906   1.00 28.08  ? 97  VAL E CA    1 
ATOM   813  C C     . VAL B 2 98  ? 30.137  20.712  9.713   1.00 28.81  ? 97  VAL E C     1 
ATOM   814  O O     . VAL B 2 98  ? 30.561  20.344  8.611   1.00 28.99  ? 97  VAL E O     1 
ATOM   815  C CB    . VAL B 2 98  ? 29.860  23.168  10.302  1.00 27.11  ? 97  VAL E CB    1 
ATOM   816  C CG1   . VAL B 2 98  ? 30.423  23.091  11.711  1.00 27.09  ? 97  VAL E CG1   1 
ATOM   817  C CG2   . VAL B 2 98  ? 30.998  23.412  9.336   1.00 27.86  ? 97  VAL E CG2   1 
ATOM   818  N N     . ASP B 2 99  ? 30.516  20.189  10.882  1.00 29.04  ? 98  ASP E N     1 
ATOM   819  C CA    . ASP B 2 99  ? 31.382  19.056  11.053  1.00 28.98  ? 98  ASP E CA    1 
ATOM   820  C C     . ASP B 2 99  ? 30.427  17.946  11.446  1.00 29.90  ? 98  ASP E C     1 
ATOM   821  O O     . ASP B 2 99  ? 29.885  18.004  12.549  1.00 29.54  ? 98  ASP E O     1 
ATOM   822  C CB    . ASP B 2 99  ? 32.322  19.230  12.205  1.00 27.51  ? 98  ASP E CB    1 
ATOM   823  C CG    . ASP B 2 99  ? 33.196  20.436  12.143  1.00 24.81  ? 98  ASP E CG    1 
ATOM   824  O OD1   . ASP B 2 99  ? 33.872  20.555  11.134  1.00 23.75  ? 98  ASP E OD1   1 
ATOM   825  O OD2   . ASP B 2 99  ? 33.196  21.208  13.101  1.00 23.25  ? 98  ASP E OD2   1 
ATOM   826  N N     . PRO B 2 100 ? 30.187  16.939  10.605  1.00 31.13  ? 99  PRO E N     1 
ATOM   827  C CA    . PRO B 2 100 ? 29.449  15.712  10.937  1.00 32.14  ? 99  PRO E CA    1 
ATOM   828  C C     . PRO B 2 100 ? 29.428  15.023  12.310  1.00 32.36  ? 99  PRO E C     1 
ATOM   829  O O     . PRO B 2 100 ? 28.351  14.550  12.682  1.00 32.10  ? 99  PRO E O     1 
ATOM   830  C CB    . PRO B 2 100 ? 29.895  14.828  9.808   1.00 32.33  ? 99  PRO E CB    1 
ATOM   831  C CG    . PRO B 2 100 ? 29.695  15.787  8.651   1.00 32.90  ? 99  PRO E CG    1 
ATOM   832  C CD    . PRO B 2 100 ? 30.350  17.063  9.160   1.00 31.38  ? 99  PRO E CD    1 
ATOM   833  N N     . SER B 2 101 ? 30.490  14.927  13.117  1.00 32.67  ? 100 SER E N     1 
ATOM   834  C CA    . SER B 2 101 ? 30.292  14.413  14.464  1.00 33.12  ? 100 SER E CA    1 
ATOM   835  C C     . SER B 2 101 ? 30.878  15.325  15.520  1.00 33.65  ? 100 SER E C     1 
ATOM   836  O O     . SER B 2 101 ? 31.815  14.903  16.187  1.00 34.44  ? 100 SER E O     1 
ATOM   837  C CB    . SER B 2 101 ? 30.911  13.012  14.627  1.00 33.68  ? 100 SER E CB    1 
ATOM   838  O OG    . SER B 2 101 ? 30.629  12.428  15.906  1.00 32.40  ? 100 SER E OG    1 
ATOM   839  N N     . ASN B 2 102 ? 30.441  16.573  15.740  1.00 33.95  ? 101 ASN E N     1 
ATOM   840  C CA    . ASN B 2 102 ? 31.002  17.333  16.862  1.00 34.30  ? 101 ASN E CA    1 
ATOM   841  C C     . ASN B 2 102 ? 29.963  17.944  17.822  1.00 34.35  ? 101 ASN E C     1 
ATOM   842  O O     . ASN B 2 102 ? 29.058  18.660  17.382  1.00 34.67  ? 101 ASN E O     1 
ATOM   843  C CB    . ASN B 2 102 ? 31.999  18.435  16.303  1.00 34.00  ? 101 ASN E CB    1 
ATOM   844  C CG    . ASN B 2 102 ? 31.539  19.770  15.688  1.00 34.85  ? 101 ASN E CG    1 
ATOM   845  O OD1   . ASN B 2 102 ? 32.232  20.792  15.814  1.00 33.86  ? 101 ASN E OD1   1 
ATOM   846  N ND2   . ASN B 2 102 ? 30.406  19.832  14.984  1.00 35.03  ? 101 ASN E ND2   1 
ATOM   847  N N     . PRO B 2 103 ? 30.022  17.684  19.153  1.00 34.11  ? 102 PRO E N     1 
ATOM   848  C CA    . PRO B 2 103 ? 29.934  16.364  19.831  1.00 34.06  ? 102 PRO E CA    1 
ATOM   849  C C     . PRO B 2 103 ? 28.598  15.725  20.266  1.00 33.76  ? 102 PRO E C     1 
ATOM   850  O O     . PRO B 2 103 ? 28.551  14.527  20.575  1.00 33.10  ? 102 PRO E O     1 
ATOM   851  C CB    . PRO B 2 103 ? 30.868  16.509  21.031  1.00 34.00  ? 102 PRO E CB    1 
ATOM   852  C CG    . PRO B 2 103 ? 31.759  17.683  20.703  1.00 33.57  ? 102 PRO E CG    1 
ATOM   853  C CD    . PRO B 2 103 ? 30.740  18.594  20.042  1.00 33.87  ? 102 PRO E CD    1 
ATOM   854  N N     . THR B 2 104 ? 27.500  16.510  20.318  1.00 33.59  ? 103 THR E N     1 
ATOM   855  C CA    . THR B 2 104 ? 26.191  16.022  20.764  1.00 32.92  ? 103 THR E CA    1 
ATOM   856  C C     . THR B 2 104 ? 25.381  15.511  19.580  1.00 32.80  ? 103 THR E C     1 
ATOM   857  O O     . THR B 2 104 ? 24.150  15.549  19.611  1.00 33.54  ? 103 THR E O     1 
ATOM   858  C CB    . THR B 2 104 ? 25.352  17.147  21.545  1.00 32.18  ? 103 THR E CB    1 
ATOM   859  O OG1   . THR B 2 104 ? 24.433  17.838  20.698  1.00 28.90  ? 103 THR E OG1   1 
ATOM   860  C CG2   . THR B 2 104 ? 26.294  18.158  22.157  1.00 32.09  ? 103 THR E CG2   1 
ATOM   861  N N     . THR B 2 105 ? 26.056  15.011  18.535  1.00 31.96  ? 104 THR E N     1 
ATOM   862  C CA    . THR B 2 105 ? 25.396  14.459  17.369  1.00 31.25  ? 104 THR E CA    1 
ATOM   863  C C     . THR B 2 105 ? 24.525  13.256  17.789  1.00 31.56  ? 104 THR E C     1 
ATOM   864  O O     . THR B 2 105 ? 23.400  13.215  17.302  1.00 32.03  ? 104 THR E O     1 
ATOM   865  C CB    . THR B 2 105 ? 26.493  14.109  16.361  1.00 30.38  ? 104 THR E CB    1 
ATOM   866  O OG1   . THR B 2 105 ? 27.402  15.207  16.291  1.00 28.28  ? 104 THR E OG1   1 
ATOM   867  C CG2   . THR B 2 105 ? 25.918  13.882  14.987  1.00 29.17  ? 104 THR E CG2   1 
ATOM   868  N N     . ALA B 2 106 ? 24.838  12.256  18.637  1.00 31.50  ? 105 ALA E N     1 
ATOM   869  C CA    . ALA B 2 106 ? 23.776  11.364  19.140  1.00 31.87  ? 105 ALA E CA    1 
ATOM   870  C C     . ALA B 2 106 ? 23.887  11.105  20.662  1.00 31.89  ? 105 ALA E C     1 
ATOM   871  O O     . ALA B 2 106 ? 23.843  9.989   21.207  1.00 31.85  ? 105 ALA E O     1 
ATOM   872  C CB    . ALA B 2 106 ? 23.792  10.020  18.383  1.00 31.55  ? 105 ALA E CB    1 
ATOM   873  N N     . GLU B 2 107 ? 23.940  12.279  21.324  1.00 31.28  ? 106 GLU E N     1 
ATOM   874  C CA    . GLU B 2 107 ? 24.107  12.420  22.766  1.00 30.62  ? 106 GLU E CA    1 
ATOM   875  C C     . GLU B 2 107 ? 22.957  13.255  23.351  1.00 30.65  ? 106 GLU E C     1 
ATOM   876  O O     . GLU B 2 107 ? 22.174  12.745  24.165  1.00 30.03  ? 106 GLU E O     1 
ATOM   877  C CB    . GLU B 2 107 ? 25.494  13.086  23.011  1.00 29.76  ? 106 GLU E CB    1 
ATOM   878  C CG    . GLU B 2 107 ? 26.102  13.131  24.436  1.00 25.80  ? 106 GLU E CG    1 
ATOM   879  C CD    . GLU B 2 107 ? 27.372  13.970  24.618  1.00 22.35  ? 106 GLU E CD    1 
ATOM   880  O OE1   . GLU B 2 107 ? 28.220  14.001  23.721  1.00 21.95  ? 106 GLU E OE1   1 
ATOM   881  O OE2   . GLU B 2 107 ? 27.517  14.584  25.677  1.00 18.72  ? 106 GLU E OE2   1 
ATOM   882  N N     . SER B 2 108 ? 22.893  14.541  22.908  1.00 30.95  ? 107 SER E N     1 
ATOM   883  C CA    . SER B 2 108 ? 21.929  15.571  23.352  1.00 31.01  ? 107 SER E CA    1 
ATOM   884  C C     . SER B 2 108 ? 20.718  15.894  22.440  1.00 31.11  ? 107 SER E C     1 
ATOM   885  O O     . SER B 2 108 ? 19.654  16.144  23.012  1.00 30.66  ? 107 SER E O     1 
ATOM   886  C CB    . SER B 2 108 ? 22.662  16.911  23.633  1.00 30.34  ? 107 SER E CB    1 
ATOM   887  O OG    . SER B 2 108 ? 23.651  16.939  24.664  1.00 27.40  ? 107 SER E OG    1 
ATOM   888  N N     . LEU B 2 109 ? 20.798  15.952  21.073  1.00 30.79  ? 108 LEU E N     1 
ATOM   889  C CA    . LEU B 2 109 ? 19.633  16.146  20.179  1.00 29.83  ? 108 LEU E CA    1 
ATOM   890  C C     . LEU B 2 109 ? 18.734  14.877  20.141  1.00 29.48  ? 108 LEU E C     1 
ATOM   891  O O     . LEU B 2 109 ? 17.571  14.939  20.534  1.00 29.80  ? 108 LEU E O     1 
ATOM   892  C CB    . LEU B 2 109 ? 20.091  16.483  18.713  1.00 28.90  ? 108 LEU E CB    1 
ATOM   893  C CG    . LEU B 2 109 ? 19.176  17.122  17.594  1.00 29.89  ? 108 LEU E CG    1 
ATOM   894  C CD1   . LEU B 2 109 ? 19.965  17.213  16.305  1.00 28.14  ? 108 LEU E CD1   1 
ATOM   895  C CD2   . LEU B 2 109 ? 17.958  16.269  17.218  1.00 30.61  ? 108 LEU E CD2   1 
ATOM   896  N N     . ASN B 2 110 ? 19.180  13.712  19.651  1.00 28.44  ? 109 ASN E N     1 
ATOM   897  C CA    . ASN B 2 110 ? 18.362  12.516  19.592  1.00 27.52  ? 109 ASN E CA    1 
ATOM   898  C C     . ASN B 2 110 ? 19.289  11.409  20.075  1.00 27.42  ? 109 ASN E C     1 
ATOM   899  O O     . ASN B 2 110 ? 20.375  11.683  20.592  1.00 26.57  ? 109 ASN E O     1 
ATOM   900  C CB    . ASN B 2 110 ? 17.883  12.287  18.132  1.00 27.40  ? 109 ASN E CB    1 
ATOM   901  C CG    . ASN B 2 110 ? 16.686  11.335  17.913  1.00 28.16  ? 109 ASN E CG    1 
ATOM   902  O OD1   . ASN B 2 110 ? 16.742  10.352  17.167  1.00 27.50  ? 109 ASN E OD1   1 
ATOM   903  N ND2   . ASN B 2 110 ? 15.527  11.570  18.522  1.00 28.80  ? 109 ASN E ND2   1 
ATOM   904  N N     . ALA B 2 111 ? 18.829  10.150  19.947  1.00 27.82  ? 110 ALA E N     1 
ATOM   905  C CA    . ALA B 2 111 ? 19.597  8.968   20.329  1.00 28.19  ? 110 ALA E CA    1 
ATOM   906  C C     . ALA B 2 111 ? 19.537  7.806   19.298  1.00 29.25  ? 110 ALA E C     1 
ATOM   907  O O     . ALA B 2 111 ? 18.673  7.756   18.386  1.00 30.67  ? 110 ALA E O     1 
ATOM   908  C CB    . ALA B 2 111 ? 19.077  8.530   21.702  1.00 25.57  ? 110 ALA E CB    1 
ATOM   909  N N     . VAL B 2 112 ? 20.504  6.879   19.389  1.00 28.80  ? 111 VAL E N     1 
ATOM   910  C CA    . VAL B 2 112 ? 20.721  5.721   18.504  1.00 28.09  ? 111 VAL E CA    1 
ATOM   911  C C     . VAL B 2 112 ? 19.483  5.011   17.998  1.00 27.23  ? 111 VAL E C     1 
ATOM   912  O O     . VAL B 2 112 ? 19.150  5.080   16.819  1.00 26.00  ? 111 VAL E O     1 
ATOM   913  C CB    . VAL B 2 112 ? 21.636  4.731   19.277  1.00 29.41  ? 111 VAL E CB    1 
ATOM   914  C CG1   . VAL B 2 112 ? 21.938  3.472   18.473  1.00 32.06  ? 111 VAL E CG1   1 
ATOM   915  C CG2   . VAL B 2 112 ? 22.957  5.417   19.560  1.00 31.43  ? 111 VAL E CG2   1 
ATOM   916  N N     . LYS B 2 113 ? 18.779  4.402   18.955  1.00 27.76  ? 112 LYS E N     1 
ATOM   917  C CA    . LYS B 2 113 ? 17.630  3.550   18.704  1.00 28.42  ? 112 LYS E CA    1 
ATOM   918  C C     . LYS B 2 113 ? 16.521  4.204   17.898  1.00 29.24  ? 112 LYS E C     1 
ATOM   919  O O     . LYS B 2 113 ? 15.986  3.541   17.008  1.00 29.49  ? 112 LYS E O     1 
ATOM   920  C CB    . LYS B 2 113 ? 17.080  3.043   20.047  1.00 27.40  ? 112 LYS E CB    1 
ATOM   921  C CG    . LYS B 2 113 ? 17.940  2.007   20.808  1.00 26.36  ? 112 LYS E CG    1 
ATOM   922  C CD    . LYS B 2 113 ? 17.712  0.510   20.489  1.00 26.13  ? 112 LYS E CD    1 
ATOM   923  C CE    . LYS B 2 113 ? 16.443  -0.169  21.070  1.00 23.87  ? 112 LYS E CE    1 
ATOM   924  N NZ    . LYS B 2 113 ? 16.265  -1.514  20.531  1.00 20.63  ? 112 LYS E NZ    1 
ATOM   925  N N     . ARG B 2 114 ? 16.210  5.481   18.106  1.00 30.02  ? 113 ARG E N     1 
ATOM   926  C CA    . ARG B 2 114 ? 15.183  6.186   17.336  1.00 31.53  ? 113 ARG E CA    1 
ATOM   927  C C     . ARG B 2 114 ? 15.388  6.153   15.830  1.00 32.51  ? 113 ARG E C     1 
ATOM   928  O O     . ARG B 2 114 ? 14.517  5.601   15.149  1.00 33.32  ? 113 ARG E O     1 
ATOM   929  C CB    . ARG B 2 114 ? 15.088  7.671   17.702  1.00 32.02  ? 113 ARG E CB    1 
ATOM   930  C CG    . ARG B 2 114 ? 14.933  8.010   19.192  1.00 32.95  ? 113 ARG E CG    1 
ATOM   931  C CD    . ARG B 2 114 ? 13.692  7.410   19.841  1.00 32.02  ? 113 ARG E CD    1 
ATOM   932  N NE    . ARG B 2 114 ? 12.472  7.904   19.226  1.00 30.39  ? 113 ARG E NE    1 
ATOM   933  C CZ    . ARG B 2 114 ? 11.379  7.151   19.120  1.00 28.10  ? 113 ARG E CZ    1 
ATOM   934  N NH1   . ARG B 2 114 ? 11.334  5.890   19.573  1.00 23.63  ? 113 ARG E NH1   1 
ATOM   935  N NH2   . ARG B 2 114 ? 10.333  7.728   18.534  1.00 27.41  ? 113 ARG E NH2   1 
ATOM   936  N N     . THR B 2 115 ? 16.547  6.657   15.355  1.00 32.89  ? 114 THR E N     1 
ATOM   937  C CA    . THR B 2 115 ? 16.910  6.794   13.931  1.00 33.52  ? 114 THR E CA    1 
ATOM   938  C C     . THR B 2 115 ? 17.235  5.494   13.161  1.00 33.33  ? 114 THR E C     1 
ATOM   939  O O     . THR B 2 115 ? 16.736  5.162   12.075  1.00 32.98  ? 114 THR E O     1 
ATOM   940  C CB    . THR B 2 115 ? 18.118  7.798   13.883  1.00 34.79  ? 114 THR E CB    1 
ATOM   941  O OG1   . THR B 2 115 ? 17.680  8.919   14.647  1.00 35.92  ? 114 THR E OG1   1 
ATOM   942  C CG2   . THR B 2 115 ? 18.559  8.247   12.471  1.00 34.91  ? 114 THR E CG2   1 
ATOM   943  N N     . ASP B 2 116 ? 18.105  4.715   13.776  1.00 33.28  ? 115 ASP E N     1 
ATOM   944  C CA    . ASP B 2 116 ? 18.608  3.484   13.206  1.00 33.63  ? 115 ASP E CA    1 
ATOM   945  C C     . ASP B 2 116 ? 17.475  2.444   13.035  1.00 33.24  ? 115 ASP E C     1 
ATOM   946  O O     . ASP B 2 116 ? 17.289  1.839   11.963  1.00 33.65  ? 115 ASP E O     1 
ATOM   947  C CB    . ASP B 2 116 ? 19.764  3.000   14.161  1.00 34.14  ? 115 ASP E CB    1 
ATOM   948  C CG    . ASP B 2 116 ? 20.891  3.971   14.596  1.00 32.61  ? 115 ASP E CG    1 
ATOM   949  O OD1   . ASP B 2 116 ? 20.734  5.189   14.617  1.00 31.54  ? 115 ASP E OD1   1 
ATOM   950  O OD2   . ASP B 2 116 ? 21.958  3.496   14.965  1.00 32.51  ? 115 ASP E OD2   1 
ATOM   951  N N     . ASP B 2 117 ? 16.632  2.282   14.069  1.00 31.97  ? 116 ASP E N     1 
ATOM   952  C CA    . ASP B 2 117 ? 15.578  1.275   14.041  1.00 30.74  ? 116 ASP E CA    1 
ATOM   953  C C     . ASP B 2 117 ? 14.328  1.597   13.242  1.00 31.72  ? 116 ASP E C     1 
ATOM   954  O O     . ASP B 2 117 ? 13.389  0.797   13.146  1.00 32.19  ? 116 ASP E O     1 
ATOM   955  C CB    . ASP B 2 117 ? 15.281  0.940   15.484  1.00 24.76  ? 116 ASP E CB    1 
ATOM   956  C CG    . ASP B 2 117 ? 16.566  0.312   15.987  1.00 17.21  ? 116 ASP E CG    1 
ATOM   957  O OD1   . ASP B 2 117 ? 16.893  -0.781  15.564  1.00 12.72  ? 116 ASP E OD1   1 
ATOM   958  O OD2   . ASP B 2 117 ? 17.289  0.946   16.738  1.00 12.56  ? 116 ASP E OD2   1 
ATOM   959  N N     . ALA B 2 118 ? 14.382  2.774   12.601  1.00 31.66  ? 117 ALA E N     1 
ATOM   960  C CA    . ALA B 2 118 ? 13.446  3.091   11.540  1.00 31.13  ? 117 ALA E CA    1 
ATOM   961  C C     . ALA B 2 118 ? 13.838  2.244   10.337  1.00 31.02  ? 117 ALA E C     1 
ATOM   962  O O     . ALA B 2 118 ? 12.983  1.577   9.750   1.00 31.07  ? 117 ALA E O     1 
ATOM   963  C CB    . ALA B 2 118 ? 13.536  4.527   11.089  1.00 30.68  ? 117 ALA E CB    1 
ATOM   964  N N     . SER B 2 119 ? 15.148  2.213   10.032  1.00 31.03  ? 118 SER E N     1 
ATOM   965  C CA    . SER B 2 119 ? 15.589  1.548   8.826   1.00 31.55  ? 118 SER E CA    1 
ATOM   966  C C     . SER B 2 119 ? 15.356  0.046   8.788   1.00 32.67  ? 118 SER E C     1 
ATOM   967  O O     . SER B 2 119 ? 15.056  -0.431  7.705   1.00 33.18  ? 118 SER E O     1 
ATOM   968  C CB    . SER B 2 119 ? 17.056  1.848   8.585   1.00 29.91  ? 118 SER E CB    1 
ATOM   969  O OG    . SER B 2 119 ? 17.392  1.582   7.234   1.00 25.86  ? 118 SER E OG    1 
ATOM   970  N N     . THR B 2 120 ? 15.415  -0.780  9.834   1.00 34.10  ? 119 THR E N     1 
ATOM   971  C CA    . THR B 2 120 ? 15.057  -2.198  9.651   1.00 35.45  ? 119 THR E CA    1 
ATOM   972  C C     . THR B 2 120 ? 13.596  -2.579  9.969   1.00 36.49  ? 119 THR E C     1 
ATOM   973  O O     . THR B 2 120 ? 13.170  -3.707  9.687   1.00 36.33  ? 119 THR E O     1 
ATOM   974  C CB    . THR B 2 120 ? 16.090  -3.020  10.460  1.00 35.02  ? 119 THR E CB    1 
ATOM   975  O OG1   . THR B 2 120 ? 17.166  -3.038  9.528   1.00 34.51  ? 119 THR E OG1   1 
ATOM   976  C CG2   . THR B 2 120 ? 15.748  -4.438  10.906  1.00 33.56  ? 119 THR E CG2   1 
ATOM   977  N N     . ALA B 2 121 ? 12.800  -1.629  10.530  1.00 37.41  ? 120 ALA E N     1 
ATOM   978  C CA    . ALA B 2 121 ? 11.334  -1.741  10.668  1.00 37.59  ? 120 ALA E CA    1 
ATOM   979  C C     . ALA B 2 121 ? 10.801  -1.715  9.232   1.00 37.85  ? 120 ALA E C     1 
ATOM   980  O O     . ALA B 2 121 ? 9.890   -2.479  8.885   1.00 37.75  ? 120 ALA E O     1 
ATOM   981  C CB    . ALA B 2 121 ? 10.730  -0.543  11.408  1.00 36.23  ? 120 ALA E CB    1 
ATOM   982  N N     . ALA B 2 122 ? 11.460  -0.855  8.410   1.00 37.86  ? 121 ALA E N     1 
ATOM   983  C CA    . ALA B 2 122 ? 11.248  -0.765  6.969   1.00 37.72  ? 121 ALA E CA    1 
ATOM   984  C C     . ALA B 2 122 ? 11.513  -2.114  6.310   1.00 37.92  ? 121 ALA E C     1 
ATOM   985  O O     . ALA B 2 122 ? 10.597  -2.669  5.694   1.00 38.00  ? 121 ALA E O     1 
ATOM   986  C CB    . ALA B 2 122 ? 12.188  0.239   6.334   1.00 36.20  ? 121 ALA E CB    1 
ATOM   987  N N     . ARG B 2 123 ? 12.726  -2.652  6.538   1.00 38.02  ? 122 ARG E N     1 
ATOM   988  C CA    . ARG B 2 123 ? 13.190  -3.928  5.986   1.00 38.76  ? 122 ARG E CA    1 
ATOM   989  C C     . ARG B 2 123 ? 12.184  -5.083  5.894   1.00 38.09  ? 122 ARG E C     1 
ATOM   990  O O     . ARG B 2 123 ? 11.610  -5.321  4.829   1.00 38.33  ? 122 ARG E O     1 
ATOM   991  C CB    . ARG B 2 123 ? 14.441  -4.418  6.798   1.00 41.48  ? 122 ARG E CB    1 
ATOM   992  C CG    . ARG B 2 123 ? 15.045  -5.808  6.410   1.00 45.50  ? 122 ARG E CG    1 
ATOM   993  C CD    . ARG B 2 123 ? 16.295  -6.325  7.165   1.00 48.12  ? 122 ARG E CD    1 
ATOM   994  N NE    . ARG B 2 123 ? 16.027  -6.620  8.566   1.00 50.95  ? 122 ARG E NE    1 
ATOM   995  C CZ    . ARG B 2 123 ? 16.291  -7.793  9.162   1.00 52.41  ? 122 ARG E CZ    1 
ATOM   996  N NH1   . ARG B 2 123 ? 16.830  -8.830  8.506   1.00 52.23  ? 122 ARG E NH1   1 
ATOM   997  N NH2   . ARG B 2 123 ? 15.994  -7.923  10.461  1.00 52.73  ? 122 ARG E NH2   1 
ATOM   998  N N     . ALA B 2 124 ? 11.906  -5.795  6.989   1.00 37.27  ? 123 ALA E N     1 
ATOM   999  C CA    . ALA B 2 124 ? 11.066  -6.976  6.925   1.00 36.15  ? 123 ALA E CA    1 
ATOM   1000 C C     . ALA B 2 124 ? 9.597   -6.745  6.627   1.00 35.63  ? 123 ALA E C     1 
ATOM   1001 O O     . ALA B 2 124 ? 8.903   -7.701  6.262   1.00 35.58  ? 123 ALA E O     1 
ATOM   1002 C CB    . ALA B 2 124 ? 11.146  -7.739  8.226   1.00 36.03  ? 123 ALA E CB    1 
ATOM   1003 N N     . GLU B 2 125 ? 9.110   -5.491  6.774   1.00 34.78  ? 124 GLU E N     1 
ATOM   1004 C CA    . GLU B 2 125 ? 7.712   -5.240  6.464   1.00 33.30  ? 124 GLU E CA    1 
ATOM   1005 C C     . GLU B 2 125 ? 7.541   -5.230  4.963   1.00 32.94  ? 124 GLU E C     1 
ATOM   1006 O O     . GLU B 2 125 ? 6.576   -5.845  4.497   1.00 33.55  ? 124 GLU E O     1 
ATOM   1007 C CB    . GLU B 2 125 ? 7.233   -3.930  7.114   1.00 30.57  ? 124 GLU E CB    1 
ATOM   1008 C CG    . GLU B 2 125 ? 7.208   -4.022  8.659   1.00 25.53  ? 124 GLU E CG    1 
ATOM   1009 C CD    . GLU B 2 125 ? 6.450   -5.155  9.380   1.00 21.91  ? 124 GLU E CD    1 
ATOM   1010 O OE1   . GLU B 2 125 ? 6.533   -6.342  9.029   1.00 18.95  ? 124 GLU E OE1   1 
ATOM   1011 O OE2   . GLU B 2 125 ? 5.784   -4.836  10.358  1.00 19.33  ? 124 GLU E OE2   1 
ATOM   1012 N N     . ILE B 2 126 ? 8.527   -4.674  4.229   1.00 31.59  ? 125 ILE E N     1 
ATOM   1013 C CA    . ILE B 2 126 ? 8.543   -4.754  2.769   1.00 30.39  ? 125 ILE E CA    1 
ATOM   1014 C C     . ILE B 2 126 ? 8.467   -6.222  2.294   1.00 30.31  ? 125 ILE E C     1 
ATOM   1015 O O     . ILE B 2 126 ? 7.664   -6.532  1.409   1.00 30.24  ? 125 ILE E O     1 
ATOM   1016 C CB    . ILE B 2 126 ? 9.840   -4.090  2.207   1.00 28.75  ? 125 ILE E CB    1 
ATOM   1017 C CG1   . ILE B 2 126 ? 9.997   -2.642  2.670   1.00 26.07  ? 125 ILE E CG1   1 
ATOM   1018 C CG2   . ILE B 2 126 ? 9.763   -4.118  0.680   1.00 28.57  ? 125 ILE E CG2   1 
ATOM   1019 C CD1   . ILE B 2 126 ? 11.423  -2.095  2.448   1.00 22.02  ? 125 ILE E CD1   1 
ATOM   1020 N N     . ASP B 2 127 ? 9.217   -7.182  2.873   1.00 29.92  ? 126 ASP E N     1 
ATOM   1021 C CA    . ASP B 2 127 ? 9.159   -8.548  2.372   1.00 29.64  ? 126 ASP E CA    1 
ATOM   1022 C C     . ASP B 2 127 ? 7.875   -9.254  2.711   1.00 29.69  ? 126 ASP E C     1 
ATOM   1023 O O     . ASP B 2 127 ? 7.373   -9.995  1.856   1.00 29.99  ? 126 ASP E O     1 
ATOM   1024 C CB    . ASP B 2 127 ? 10.255  -9.454  2.912   1.00 29.61  ? 126 ASP E CB    1 
ATOM   1025 C CG    . ASP B 2 127 ? 10.188  -10.882 2.346   1.00 29.79  ? 126 ASP E CG    1 
ATOM   1026 O OD1   . ASP B 2 127 ? 10.389  -11.072 1.148   1.00 28.61  ? 126 ASP E OD1   1 
ATOM   1027 O OD2   . ASP B 2 127 ? 9.895   -11.806 3.102   1.00 29.09  ? 126 ASP E OD2   1 
ATOM   1028 N N     . ASN B 2 128 ? 7.382   -9.075  3.950   1.00 29.34  ? 127 ASN E N     1 
ATOM   1029 C CA    . ASN B 2 128 ? 6.167   -9.763  4.361   1.00 29.00  ? 127 ASN E CA    1 
ATOM   1030 C C     . ASN B 2 128 ? 5.016   -9.383  3.420   1.00 29.31  ? 127 ASN E C     1 
ATOM   1031 O O     . ASN B 2 128 ? 4.135   -10.213 3.150   1.00 29.56  ? 127 ASN E O     1 
ATOM   1032 C CB    . ASN B 2 128 ? 5.868   -9.419  5.835   1.00 27.24  ? 127 ASN E CB    1 
ATOM   1033 C CG    . ASN B 2 128 ? 6.108   -10.587 6.804   1.00 23.20  ? 127 ASN E CG    1 
ATOM   1034 O OD1   . ASN B 2 128 ? 5.348   -11.545 6.836   1.00 19.53  ? 127 ASN E OD1   1 
ATOM   1035 N ND2   . ASN B 2 128 ? 7.142   -10.587 7.633   1.00 21.65  ? 127 ASN E ND2   1 
ATOM   1036 N N     . LEU B 2 129 ? 5.108   -8.180  2.804   1.00 28.91  ? 128 LEU E N     1 
ATOM   1037 C CA    . LEU B 2 129 ? 4.181   -7.794  1.749   1.00 28.40  ? 128 LEU E CA    1 
ATOM   1038 C C     . LEU B 2 129 ? 4.406   -8.677  0.543   1.00 28.57  ? 128 LEU E C     1 
ATOM   1039 O O     . LEU B 2 129 ? 3.403   -9.194  0.082   1.00 27.96  ? 128 LEU E O     1 
ATOM   1040 C CB    . LEU B 2 129 ? 4.363   -6.363  1.294   1.00 26.79  ? 128 LEU E CB    1 
ATOM   1041 C CG    . LEU B 2 129 ? 3.142   -5.453  1.288   1.00 24.49  ? 128 LEU E CG    1 
ATOM   1042 C CD1   . LEU B 2 129 ? 3.606   -4.034  1.006   1.00 25.29  ? 128 LEU E CD1   1 
ATOM   1043 C CD2   . LEU B 2 129 ? 2.140   -5.881  0.253   1.00 21.44  ? 128 LEU E CD2   1 
ATOM   1044 N N     . ILE B 2 130 ? 5.645   -8.928  0.075   1.00 29.52  ? 129 ILE E N     1 
ATOM   1045 C CA    . ILE B 2 130 ? 5.873   -9.774  -1.107  1.00 31.61  ? 129 ILE E CA    1 
ATOM   1046 C C     . ILE B 2 130 ? 5.216   -11.156 -1.031  1.00 32.13  ? 129 ILE E C     1 
ATOM   1047 O O     . ILE B 2 130 ? 4.350   -11.409 -1.859  1.00 32.77  ? 129 ILE E O     1 
ATOM   1048 C CB    . ILE B 2 130 ? 7.463   -9.936  -1.432  1.00 33.37  ? 129 ILE E CB    1 
ATOM   1049 C CG1   . ILE B 2 130 ? 7.663   -9.373  -2.888  1.00 32.22  ? 129 ILE E CG1   1 
ATOM   1050 C CG2   . ILE B 2 130 ? 8.031   -11.398 -1.362  1.00 33.17  ? 129 ILE E CG2   1 
ATOM   1051 C CD1   . ILE B 2 130 ? 9.080   -9.416  -3.539  1.00 28.47  ? 129 ILE E CD1   1 
ATOM   1052 N N     . GLU B 2 131 ? 5.478   -12.046 -0.088  1.00 32.23  ? 130 GLU E N     1 
ATOM   1053 C CA    . GLU B 2 131 ? 4.876   -13.370 -0.126  1.00 32.65  ? 130 GLU E CA    1 
ATOM   1054 C C     . GLU B 2 131 ? 3.361   -13.434 -0.027  1.00 33.51  ? 130 GLU E C     1 
ATOM   1055 O O     . GLU B 2 131 ? 2.678   -14.018 -0.877  1.00 32.84  ? 130 GLU E O     1 
ATOM   1056 C CB    . GLU B 2 131 ? 5.489   -14.223 0.982   1.00 32.34  ? 130 GLU E CB    1 
ATOM   1057 C CG    . GLU B 2 131 ? 6.041   -13.488 2.216   1.00 31.16  ? 130 GLU E CG    1 
ATOM   1058 C CD    . GLU B 2 131 ? 5.361   -13.742 3.552   1.00 29.43  ? 130 GLU E CD    1 
ATOM   1059 O OE1   . GLU B 2 131 ? 5.460   -14.853 4.100   1.00 27.47  ? 130 GLU E OE1   1 
ATOM   1060 O OE2   . GLU B 2 131 ? 4.766   -12.791 4.051   1.00 27.72  ? 130 GLU E OE2   1 
ATOM   1061 N N     . SER B 2 132 ? 2.852   -12.729 0.990   1.00 34.93  ? 131 SER E N     1 
ATOM   1062 C CA    . SER B 2 132 ? 1.430   -12.738 1.306   1.00 36.06  ? 131 SER E CA    1 
ATOM   1063 C C     . SER B 2 132 ? 0.451   -12.106 0.342   1.00 36.63  ? 131 SER E C     1 
ATOM   1064 O O     . SER B 2 132 ? -0.665  -12.605 0.248   1.00 36.65  ? 131 SER E O     1 
ATOM   1065 C CB    . SER B 2 132 ? 1.199   -12.093 2.649   1.00 36.80  ? 131 SER E CB    1 
ATOM   1066 O OG    . SER B 2 132 ? 1.742   -12.912 3.664   1.00 37.33  ? 131 SER E OG    1 
ATOM   1067 N N     . ILE B 2 133 ? 0.782   -11.010 -0.354  1.00 37.06  ? 132 ILE E N     1 
ATOM   1068 C CA    . ILE B 2 133 ? -0.200  -10.448 -1.271  1.00 37.38  ? 132 ILE E CA    1 
ATOM   1069 C C     . ILE B 2 133 ? -0.211  -11.088 -2.648  1.00 37.15  ? 132 ILE E C     1 
ATOM   1070 O O     . ILE B 2 133 ? -1.116  -10.827 -3.438  1.00 36.77  ? 132 ILE E O     1 
ATOM   1071 C CB    . ILE B 2 133 ? -0.002  -8.907  -1.383  1.00 38.39  ? 132 ILE E CB    1 
ATOM   1072 C CG1   . ILE B 2 133 ? 1.370   -8.441  -1.811  1.00 38.43  ? 132 ILE E CG1   1 
ATOM   1073 C CG2   . ILE B 2 133 ? -0.284  -8.387  0.009   1.00 39.40  ? 132 ILE E CG2   1 
ATOM   1074 C CD1   . ILE B 2 133 ? 1.623   -8.219  -3.297  1.00 40.07  ? 132 ILE E CD1   1 
ATOM   1075 N N     . SER B 2 134 ? 0.786   -11.939 -2.956  1.00 37.38  ? 133 SER E N     1 
ATOM   1076 C CA    . SER B 2 134 ? 0.749   -12.677 -4.212  1.00 37.78  ? 133 SER E CA    1 
ATOM   1077 C C     . SER B 2 134 ? -0.068  -13.949 -3.995  1.00 38.29  ? 133 SER E C     1 
ATOM   1078 O O     . SER B 2 134 ? -0.524  -14.551 -4.967  1.00 38.05  ? 133 SER E O     1 
ATOM   1079 C CB    . SER B 2 134 ? 2.147   -13.063 -4.689  1.00 37.64  ? 133 SER E CB    1 
ATOM   1080 O OG    . SER B 2 134 ? 2.221   -13.064 -6.110  1.00 35.34  ? 133 SER E OG    1 
ATOM   1081 N N     . LYS B 2 135 ? -0.254  -14.390 -2.734  1.00 38.82  ? 134 LYS E N     1 
ATOM   1082 C CA    . LYS B 2 135 ? -1.196  -15.480 -2.469  1.00 40.05  ? 134 LYS E CA    1 
ATOM   1083 C C     . LYS B 2 135 ? -2.382  -15.163 -1.504  1.00 40.79  ? 134 LYS E C     1 
ATOM   1084 O O     . LYS B 2 135 ? -3.530  -15.124 -1.954  1.00 40.59  ? 134 LYS E O     1 
ATOM   1085 C CB    . LYS B 2 135 ? -0.393  -16.713 -1.957  1.00 40.59  ? 134 LYS E CB    1 
ATOM   1086 C CG    . LYS B 2 135 ? 0.241   -17.709 -2.965  1.00 39.20  ? 134 LYS E CG    1 
ATOM   1087 C CD    . LYS B 2 135 ? -0.785  -18.715 -3.508  1.00 37.23  ? 134 LYS E CD    1 
ATOM   1088 C CE    . LYS B 2 135 ? -0.151  -19.763 -4.416  1.00 35.39  ? 134 LYS E CE    1 
ATOM   1089 N NZ    . LYS B 2 135 ? -1.173  -20.604 -5.023  1.00 34.16  ? 134 LYS E NZ    1 
ATOM   1090 N N     . GLY B 2 136 ? -2.135  -14.878 -0.199  1.00 41.69  ? 135 GLY E N     1 
ATOM   1091 C CA    . GLY B 2 136 ? -3.093  -14.633 0.892   1.00 42.44  ? 135 GLY E CA    1 
ATOM   1092 C C     . GLY B 2 136 ? -4.349  -13.847 0.581   1.00 43.36  ? 135 GLY E C     1 
ATOM   1093 O O     . GLY B 2 136 ? -4.355  -12.977 -0.282  1.00 43.75  ? 135 GLY E O     1 
ATOM   1094 N N     . PHE B 2 137 ? -5.390  -14.146 1.356   1.00 44.36  ? 136 PHE E N     1 
ATOM   1095 C CA    . PHE B 2 137 ? -6.753  -13.658 1.161   1.00 45.60  ? 136 PHE E CA    1 
ATOM   1096 C C     . PHE B 2 137 ? -7.175  -12.210 1.051   1.00 46.47  ? 136 PHE E C     1 
ATOM   1097 O O     . PHE B 2 137 ? -7.277  -11.485 2.039   1.00 46.52  ? 136 PHE E O     1 
ATOM   1098 C CB    . PHE B 2 137 ? -7.637  -14.219 2.227   1.00 46.11  ? 136 PHE E CB    1 
ATOM   1099 C CG    . PHE B 2 137 ? -8.264  -15.501 1.791   1.00 48.24  ? 136 PHE E CG    1 
ATOM   1100 C CD1   . PHE B 2 137 ? -9.437  -15.447 1.066   1.00 49.18  ? 136 PHE E CD1   1 
ATOM   1101 C CD2   . PHE B 2 137 ? -7.650  -16.692 2.140   1.00 49.76  ? 136 PHE E CD2   1 
ATOM   1102 C CE1   . PHE B 2 137 ? -10.011 -16.641 0.688   1.00 51.54  ? 136 PHE E CE1   1 
ATOM   1103 C CE2   . PHE B 2 137 ? -8.232  -17.878 1.758   1.00 50.64  ? 136 PHE E CE2   1 
ATOM   1104 C CZ    . PHE B 2 137 ? -9.411  -17.846 1.033   1.00 51.82  ? 136 PHE E CZ    1 
ATOM   1105 N N     . ASP B 2 138 ? -7.498  -11.808 -0.178  1.00 47.42  ? 137 ASP E N     1 
ATOM   1106 C CA    . ASP B 2 138 ? -7.958  -10.462 -0.481  1.00 48.24  ? 137 ASP E CA    1 
ATOM   1107 C C     . ASP B 2 138 ? -8.441  -10.378 -1.936  1.00 48.94  ? 137 ASP E C     1 
ATOM   1108 O O     . ASP B 2 138 ? -9.276  -9.520  -2.215  1.00 49.39  ? 137 ASP E O     1 
ATOM   1109 C CB    . ASP B 2 138 ? -6.848  -9.381  -0.368  1.00 47.86  ? 137 ASP E CB    1 
ATOM   1110 C CG    . ASP B 2 138 ? -6.039  -9.227  0.914   1.00 47.46  ? 137 ASP E CG    1 
ATOM   1111 O OD1   . ASP B 2 138 ? -5.021  -9.901  1.031   1.00 47.52  ? 137 ASP E OD1   1 
ATOM   1112 O OD2   . ASP B 2 138 ? -6.423  -8.458  1.789   1.00 47.14  ? 137 ASP E OD2   1 
ATOM   1113 N N     . VAL B 2 139 ? -7.945  -11.244 -2.854  1.00 49.36  ? 138 VAL E N     1 
ATOM   1114 C CA    . VAL B 2 139 ? -8.065  -11.114 -4.332  1.00 49.39  ? 138 VAL E CA    1 
ATOM   1115 C C     . VAL B 2 139 ? -9.438  -10.898 -4.961  1.00 49.32  ? 138 VAL E C     1 
ATOM   1116 O O     . VAL B 2 139 ? -10.330 -11.699 -4.666  1.00 49.92  ? 138 VAL E O     1 
ATOM   1117 C CB    . VAL B 2 139 ? -7.442  -12.353 -5.135  1.00 49.48  ? 138 VAL E CB    1 
ATOM   1118 C CG1   . VAL B 2 139 ? -6.333  -11.755 -5.991  1.00 49.42  ? 138 VAL E CG1   1 
ATOM   1119 C CG2   . VAL B 2 139 ? -6.874  -13.503 -4.281  1.00 48.47  ? 138 VAL E CG2   1 
ATOM   1120 N N     . TYR B 2 140 ? -9.659  -9.852  -5.799  1.00 48.47  ? 139 TYR E N     1 
ATOM   1121 C CA    . TYR B 2 140 ? -10.959 -9.686  -6.433  1.00 47.89  ? 139 TYR E CA    1 
ATOM   1122 C C     . TYR B 2 140 ? -11.023 -10.021 -7.896  1.00 48.60  ? 139 TYR E C     1 
ATOM   1123 O O     . TYR B 2 140 ? -10.845 -9.241  -8.820  1.00 47.96  ? 139 TYR E O     1 
ATOM   1124 C CB    . TYR B 2 140 ? -11.473 -8.273  -6.213  1.00 45.43  ? 139 TYR E CB    1 
ATOM   1125 C CG    . TYR B 2 140 ? -12.607 -8.286  -5.199  1.00 43.48  ? 139 TYR E CG    1 
ATOM   1126 C CD1   . TYR B 2 140 ? -12.590 -9.254  -4.219  1.00 42.92  ? 139 TYR E CD1   1 
ATOM   1127 C CD2   . TYR B 2 140 ? -13.651 -7.385  -5.235  1.00 42.17  ? 139 TYR E CD2   1 
ATOM   1128 C CE1   . TYR B 2 140 ? -13.574 -9.357  -3.280  1.00 40.73  ? 139 TYR E CE1   1 
ATOM   1129 C CE2   . TYR B 2 140 ? -14.655 -7.479  -4.286  1.00 40.49  ? 139 TYR E CE2   1 
ATOM   1130 C CZ    . TYR B 2 140 ? -14.599 -8.472  -3.326  1.00 39.59  ? 139 TYR E CZ    1 
ATOM   1131 O OH    . TYR B 2 140 ? -15.572 -8.650  -2.380  1.00 38.50  ? 139 TYR E OH    1 
ATOM   1132 N N     . ASP B 2 141 ? -11.243 -11.328 -7.976  1.00 50.16  ? 140 ASP E N     1 
ATOM   1133 C CA    . ASP B 2 141 ? -11.390 -12.071 -9.212  1.00 51.85  ? 140 ASP E CA    1 
ATOM   1134 C C     . ASP B 2 141 ? -12.871 -12.330 -9.526  1.00 52.78  ? 140 ASP E C     1 
ATOM   1135 O O     . ASP B 2 141 ? -13.755 -11.631 -9.031  1.00 53.37  ? 140 ASP E O     1 
ATOM   1136 C CB    . ASP B 2 141 ? -10.608 -13.413 -9.082  1.00 52.40  ? 140 ASP E CB    1 
ATOM   1137 C CG    . ASP B 2 141 ? -9.084  -13.376 -9.235  1.00 52.55  ? 140 ASP E CG    1 
ATOM   1138 O OD1   . ASP B 2 141 ? -8.421  -12.580 -8.570  1.00 53.01  ? 140 ASP E OD1   1 
ATOM   1139 O OD2   . ASP B 2 141 ? -8.558  -14.159 -10.028 1.00 52.06  ? 140 ASP E OD2   1 
ATOM   1140 N N     . ARG B 2 142 ? -13.162 -13.370 -10.305 1.00 53.25  ? 141 ARG E N     1 
ATOM   1141 C CA    . ARG B 2 142 ? -14.489 -13.717 -10.768 1.00 53.96  ? 141 ARG E CA    1 
ATOM   1142 C C     . ARG B 2 142 ? -15.545 -14.075 -9.717  1.00 54.68  ? 141 ARG E C     1 
ATOM   1143 O O     . ARG B 2 142 ? -16.438 -13.252 -9.525  1.00 55.04  ? 141 ARG E O     1 
ATOM   1144 C CB    . ARG B 2 142 ? -14.258 -14.830 -11.768 1.00 54.24  ? 141 ARG E CB    1 
ATOM   1145 C CG    . ARG B 2 142 ? -13.319 -14.327 -12.864 1.00 55.99  ? 141 ARG E CG    1 
ATOM   1146 C CD    . ARG B 2 142 ? -12.773 -15.423 -13.763 1.00 59.18  ? 141 ARG E CD    1 
ATOM   1147 N NE    . ARG B 2 142 ? -13.459 -15.520 -15.050 1.00 61.47  ? 141 ARG E NE    1 
ATOM   1148 C CZ    . ARG B 2 142 ? -14.337 -16.498 -15.349 1.00 62.54  ? 141 ARG E CZ    1 
ATOM   1149 N NH1   . ARG B 2 142 ? -14.675 -17.474 -14.490 1.00 63.05  ? 141 ARG E NH1   1 
ATOM   1150 N NH2   . ARG B 2 142 ? -14.882 -16.513 -16.562 1.00 62.89  ? 141 ARG E NH2   1 
ATOM   1151 N N     . ALA B 2 143 ? -15.567 -15.200 -8.978  1.00 55.05  ? 142 ALA E N     1 
ATOM   1152 C CA    . ALA B 2 143 ? -16.610 -15.450 -7.972  1.00 55.42  ? 142 ALA E CA    1 
ATOM   1153 C C     . ALA B 2 143 ? -16.478 -14.666 -6.660  1.00 56.13  ? 142 ALA E C     1 
ATOM   1154 O O     . ALA B 2 143 ? -17.320 -14.755 -5.760  1.00 56.03  ? 142 ALA E O     1 
ATOM   1155 C CB    . ALA B 2 143 ? -16.638 -16.924 -7.651  1.00 54.52  ? 142 ALA E CB    1 
ATOM   1156 N N     . SER B 2 144 ? -15.399 -13.872 -6.572  1.00 57.00  ? 143 SER E N     1 
ATOM   1157 C CA    . SER B 2 144 ? -15.132 -12.975 -5.462  1.00 58.15  ? 143 SER E CA    1 
ATOM   1158 C C     . SER B 2 144 ? -15.694 -11.584 -5.699  1.00 59.06  ? 143 SER E C     1 
ATOM   1159 O O     . SER B 2 144 ? -16.112 -10.939 -4.733  1.00 59.08  ? 143 SER E O     1 
ATOM   1160 C CB    . SER B 2 144 ? -13.636 -12.857 -5.220  1.00 58.28  ? 143 SER E CB    1 
ATOM   1161 O OG    . SER B 2 144 ? -13.193 -13.809 -4.260  1.00 58.13  ? 143 SER E OG    1 
ATOM   1162 N N     . PHE B 2 145 ? -15.719 -11.057 -6.935  1.00 60.26  ? 144 PHE E N     1 
ATOM   1163 C CA    . PHE B 2 145 ? -16.407 -9.786  -7.169  1.00 61.55  ? 144 PHE E CA    1 
ATOM   1164 C C     . PHE B 2 145 ? -17.923 -10.085 -7.081  1.00 62.77  ? 144 PHE E C     1 
ATOM   1165 O O     . PHE B 2 145 ? -18.718 -9.182  -6.812  1.00 63.48  ? 144 PHE E O     1 
ATOM   1166 C CB    . PHE B 2 145 ? -16.001 -9.166  -8.560  1.00 60.31  ? 144 PHE E CB    1 
ATOM   1167 C CG    . PHE B 2 145 ? -16.761 -9.588  -9.814  1.00 58.21  ? 144 PHE E CG    1 
ATOM   1168 C CD1   . PHE B 2 145 ? -17.941 -8.952  -10.160 1.00 57.38  ? 144 PHE E CD1   1 
ATOM   1169 C CD2   . PHE B 2 145 ? -16.290 -10.627 -10.583 1.00 56.86  ? 144 PHE E CD2   1 
ATOM   1170 C CE1   . PHE B 2 145 ? -18.641 -9.369  -11.271 1.00 57.16  ? 144 PHE E CE1   1 
ATOM   1171 C CE2   . PHE B 2 145 ? -16.993 -11.041 -11.693 1.00 56.42  ? 144 PHE E CE2   1 
ATOM   1172 C CZ    . PHE B 2 145 ? -18.172 -10.415 -12.037 1.00 56.81  ? 144 PHE E CZ    1 
ATOM   1173 N N     . GLU B 2 146 ? -18.345 -11.355 -7.281  1.00 63.37  ? 145 GLU E N     1 
ATOM   1174 C CA    . GLU B 2 146 ? -19.713 -11.813 -7.059  1.00 63.76  ? 145 GLU E CA    1 
ATOM   1175 C C     . GLU B 2 146 ? -20.058 -11.643 -5.581  1.00 64.66  ? 145 GLU E C     1 
ATOM   1176 O O     . GLU B 2 146 ? -21.161 -11.221 -5.230  1.00 64.75  ? 145 GLU E O     1 
ATOM   1177 C CB    . GLU B 2 146 ? -19.806 -13.285 -7.473  1.00 62.58  ? 145 GLU E CB    1 
ATOM   1178 C CG    . GLU B 2 146 ? -21.121 -14.045 -7.247  1.00 62.15  ? 145 GLU E CG    1 
ATOM   1179 C CD    . GLU B 2 146 ? -21.469 -14.410 -5.803  1.00 61.38  ? 145 GLU E CD    1 
ATOM   1180 O OE1   . GLU B 2 146 ? -20.593 -14.874 -5.073  1.00 60.75  ? 145 GLU E OE1   1 
ATOM   1181 O OE2   . GLU B 2 146 ? -22.614 -14.200 -5.405  1.00 60.74  ? 145 GLU E OE2   1 
ATOM   1182 N N     . ALA B 2 147 ? -19.121 -12.030 -4.705  1.00 65.66  ? 146 ALA E N     1 
ATOM   1183 C CA    . ALA B 2 147 ? -19.298 -11.895 -3.264  1.00 66.67  ? 146 ALA E CA    1 
ATOM   1184 C C     . ALA B 2 147 ? -19.545 -10.468 -2.754  1.00 67.27  ? 146 ALA E C     1 
ATOM   1185 O O     . ALA B 2 147 ? -20.490 -10.298 -1.980  1.00 67.40  ? 146 ALA E O     1 
ATOM   1186 C CB    . ALA B 2 147 ? -18.073 -12.450 -2.538  1.00 66.94  ? 146 ALA E CB    1 
ATOM   1187 N N     . ALA B 2 148 ? -18.763 -9.437  -3.153  1.00 67.74  ? 147 ALA E N     1 
ATOM   1188 C CA    . ALA B 2 148 ? -19.005 -8.063  -2.692  1.00 68.15  ? 147 ALA E CA    1 
ATOM   1189 C C     . ALA B 2 148 ? -20.269 -7.444  -3.259  1.00 68.57  ? 147 ALA E C     1 
ATOM   1190 O O     . ALA B 2 148 ? -21.212 -7.210  -2.509  1.00 68.94  ? 147 ALA E O     1 
ATOM   1191 C CB    . ALA B 2 148 ? -17.913 -7.072  -3.067  1.00 67.58  ? 147 ALA E CB    1 
ATOM   1192 N N     . PHE B 2 149 ? -20.308 -7.155  -4.567  1.00 68.87  ? 148 PHE E N     1 
ATOM   1193 C CA    . PHE B 2 149 ? -21.494 -6.583  -5.181  1.00 68.99  ? 148 PHE E CA    1 
ATOM   1194 C C     . PHE B 2 149 ? -22.356 -7.763  -5.568  1.00 69.35  ? 148 PHE E C     1 
ATOM   1195 O O     . PHE B 2 149 ? -21.864 -8.802  -6.020  1.00 69.20  ? 148 PHE E O     1 
ATOM   1196 C CB    . PHE B 2 149 ? -21.213 -5.808  -6.472  1.00 68.42  ? 148 PHE E CB    1 
ATOM   1197 C CG    . PHE B 2 149 ? -20.257 -4.616  -6.479  1.00 67.82  ? 148 PHE E CG    1 
ATOM   1198 C CD1   . PHE B 2 149 ? -19.253 -4.453  -5.539  1.00 67.59  ? 148 PHE E CD1   1 
ATOM   1199 C CD2   . PHE B 2 149 ? -20.387 -3.688  -7.499  1.00 68.25  ? 148 PHE E CD2   1 
ATOM   1200 C CE1   . PHE B 2 149 ? -18.392 -3.376  -5.627  1.00 67.40  ? 148 PHE E CE1   1 
ATOM   1201 C CE2   . PHE B 2 149 ? -19.523 -2.613  -7.585  1.00 67.74  ? 148 PHE E CE2   1 
ATOM   1202 C CZ    . PHE B 2 149 ? -18.524 -2.457  -6.647  1.00 67.35  ? 148 PHE E CZ    1 
ATOM   1203 N N     . SER B 2 150 ? -23.659 -7.637  -5.398  1.00 69.94  ? 149 SER E N     1 
ATOM   1204 C CA    . SER B 2 150 ? -24.527 -8.709  -5.819  1.00 71.12  ? 149 SER E CA    1 
ATOM   1205 C C     . SER B 2 150 ? -24.540 -8.591  -7.331  1.00 71.71  ? 149 SER E C     1 
ATOM   1206 O O     . SER B 2 150 ? -24.715 -7.506  -7.874  1.00 71.34  ? 149 SER E O     1 
ATOM   1207 C CB    . SER B 2 150 ? -25.880 -8.492  -5.187  1.00 71.44  ? 149 SER E CB    1 
ATOM   1208 O OG    . SER B 2 150 ? -25.708 -8.600  -3.779  1.00 71.64  ? 149 SER E OG    1 
ATOM   1209 N N     . VAL B 2 151 ? -24.210 -9.693  -8.004  1.00 72.80  ? 150 VAL E N     1 
ATOM   1210 C CA    . VAL B 2 151 ? -24.090 -9.664  -9.448  1.00 74.38  ? 150 VAL E CA    1 
ATOM   1211 C C     . VAL B 2 151 ? -25.166 -10.441 -10.198 1.00 76.06  ? 150 VAL E C     1 
ATOM   1212 O O     . VAL B 2 151 ? -25.267 -11.669 -10.129 1.00 75.99  ? 150 VAL E O     1 
ATOM   1213 C CB    . VAL B 2 151 ? -22.667 -10.164 -9.799  1.00 73.73  ? 150 VAL E CB    1 
ATOM   1214 C CG1   . VAL B 2 151 ? -22.441 -10.291 -11.303 1.00 73.18  ? 150 VAL E CG1   1 
ATOM   1215 C CG2   . VAL B 2 151 ? -21.677 -9.134  -9.283  1.00 73.23  ? 150 VAL E CG2   1 
ATOM   1216 N N     . VAL B 2 152 ? -25.972 -9.607  -10.885 1.00 77.96  ? 151 VAL E N     1 
ATOM   1217 C CA    . VAL B 2 152 ? -27.073 -9.955  -11.803 1.00 79.84  ? 151 VAL E CA    1 
ATOM   1218 C C     . VAL B 2 152 ? -27.262 -8.726  -12.722 1.00 81.52  ? 151 VAL E C     1 
ATOM   1219 O O     . VAL B 2 152 ? -27.867 -7.746  -12.268 1.00 81.72  ? 151 VAL E O     1 
ATOM   1220 C CB    . VAL B 2 152 ? -28.475 -10.221 -11.092 1.00 79.31  ? 151 VAL E CB    1 
ATOM   1221 C CG1   . VAL B 2 152 ? -29.528 -10.598 -12.142 1.00 78.53  ? 151 VAL E CG1   1 
ATOM   1222 C CG2   . VAL B 2 152 ? -28.409 -11.373 -10.103 1.00 79.36  ? 151 VAL E CG2   1 
ATOM   1223 N N     . TRP B 2 153 ? -26.740 -8.665  -13.974 1.00 83.17  ? 152 TRP E N     1 
ATOM   1224 C CA    . TRP B 2 153 ? -27.080 -7.564  -14.886 1.00 84.77  ? 152 TRP E CA    1 
ATOM   1225 C C     . TRP B 2 153 ? -27.057 -7.795  -16.407 1.00 86.51  ? 152 TRP E C     1 
ATOM   1226 O O     . TRP B 2 153 ? -26.103 -7.575  -17.164 1.00 86.45  ? 152 TRP E O     1 
ATOM   1227 C CB    . TRP B 2 153 ? -26.215 -6.347  -14.578 1.00 83.51  ? 152 TRP E CB    1 
ATOM   1228 C CG    . TRP B 2 153 ? -27.028 -5.083  -14.830 1.00 82.78  ? 152 TRP E CG    1 
ATOM   1229 C CD1   . TRP B 2 153 ? -28.402 -5.036  -14.745 1.00 82.61  ? 152 TRP E CD1   1 
ATOM   1230 C CD2   . TRP B 2 153 ? -26.504 -3.886  -15.184 1.00 82.62  ? 152 TRP E CD2   1 
ATOM   1231 N NE1   . TRP B 2 153 ? -28.737 -3.813  -15.051 1.00 82.25  ? 152 TRP E NE1   1 
ATOM   1232 C CE2   . TRP B 2 153 ? -27.638 -3.105  -15.315 1.00 82.25  ? 152 TRP E CE2   1 
ATOM   1233 C CE3   . TRP B 2 153 ? -25.246 -3.388  -15.400 1.00 82.79  ? 152 TRP E CE3   1 
ATOM   1234 C CZ2   . TRP B 2 153 ? -27.549 -1.789  -15.673 1.00 82.38  ? 152 TRP E CZ2   1 
ATOM   1235 C CZ3   . TRP B 2 153 ? -25.153 -2.065  -15.763 1.00 83.09  ? 152 TRP E CZ3   1 
ATOM   1236 C CH2   . TRP B 2 153 ? -26.286 -1.281  -15.894 1.00 83.11  ? 152 TRP E CH2   1 
ATOM   1237 N N     . SER B 2 154 ? -28.301 -8.155  -16.770 1.00 88.45  ? 153 SER E N     1 
ATOM   1238 C CA    . SER B 2 154 ? -28.740 -8.561  -18.103 1.00 90.26  ? 153 SER E CA    1 
ATOM   1239 C C     . SER B 2 154 ? -29.166 -7.465  -19.079 1.00 91.54  ? 153 SER E C     1 
ATOM   1240 O O     . SER B 2 154 ? -30.046 -6.648  -18.787 1.00 91.54  ? 153 SER E O     1 
ATOM   1241 C CB    . SER B 2 154 ? -29.873 -9.599  -17.885 1.00 90.50  ? 153 SER E CB    1 
ATOM   1242 O OG    . SER B 2 154 ? -31.117 -9.397  -18.555 1.00 90.58  ? 153 SER E OG    1 
ATOM   1243 N N     . GLU B 2 155 ? -28.515 -7.492  -20.254 1.00 93.05  ? 154 GLU E N     1 
ATOM   1244 C CA    . GLU B 2 155 ? -28.803 -6.596  -21.381 1.00 94.65  ? 154 GLU E CA    1 
ATOM   1245 C C     . GLU B 2 155 ? -28.469 -7.215  -22.743 1.00 95.84  ? 154 GLU E C     1 
ATOM   1246 O O     . GLU B 2 155 ? -27.371 -7.741  -22.946 1.00 96.16  ? 154 GLU E O     1 
ATOM   1247 C CB    . GLU B 2 155 ? -28.034 -5.279  -21.240 1.00 94.07  ? 154 GLU E CB    1 
ATOM   1248 C CG    . GLU B 2 155 ? -26.534 -5.326  -20.997 1.00 93.08  ? 154 GLU E CG    1 
ATOM   1249 C CD    . GLU B 2 155 ? -25.939 -3.933  -21.008 1.00 92.50  ? 154 GLU E CD    1 
ATOM   1250 O OE1   . GLU B 2 155 ? -26.457 -3.053  -20.321 1.00 92.61  ? 154 GLU E OE1   1 
ATOM   1251 O OE2   . GLU B 2 155 ? -24.959 -3.724  -21.712 1.00 91.93  ? 154 GLU E OE2   1 
ATOM   1252 N N     . ALA B 2 156 ? -29.413 -7.126  -23.699 1.00 96.88  ? 155 ALA E N     1 
ATOM   1253 C CA    . ALA B 2 156 ? -29.293 -7.819  -24.981 1.00 97.89  ? 155 ALA E CA    1 
ATOM   1254 C C     . ALA B 2 156 ? -28.689 -7.223  -26.262 1.00 98.75  ? 155 ALA E C     1 
ATOM   1255 O O     . ALA B 2 156 ? -27.568 -7.593  -26.629 1.00 98.78  ? 155 ALA E O     1 
ATOM   1256 C CB    . ALA B 2 156 ? -30.686 -8.351  -25.340 1.00 97.25  ? 155 ALA E CB    1 
ATOM   1257 N N     . THR B 2 157 ? -29.357 -6.291  -26.961 1.00 99.65  ? 156 THR E N     1 
ATOM   1258 C CA    . THR B 2 157 ? -28.938 -5.874  -28.305 1.00 100.67 ? 156 THR E CA    1 
ATOM   1259 C C     . THR B 2 157 ? -27.901 -4.761  -28.515 1.00 100.98 ? 156 THR E C     1 
ATOM   1260 O O     . THR B 2 157 ? -26.725 -5.061  -28.758 1.00 101.26 ? 156 THR E O     1 
ATOM   1261 C CB    . THR B 2 157 ? -30.245 -5.544  -29.131 1.00 101.45 ? 156 THR E CB    1 
ATOM   1262 O OG1   . THR B 2 157 ? -31.075 -4.705  -28.332 1.00 102.21 ? 156 THR E OG1   1 
ATOM   1263 C CG2   . THR B 2 157 ? -31.009 -6.801  -29.546 1.00 102.17 ? 156 THR E CG2   1 
ATOM   1264 N N     . THR B 2 158 ? -28.301 -3.474  -28.507 1.00 101.02 ? 157 THR E N     1 
ATOM   1265 C CA    . THR B 2 158 ? -27.379 -2.352  -28.666 1.00 100.63 ? 157 THR E CA    1 
ATOM   1266 C C     . THR B 2 158 ? -27.518 -1.502  -27.397 1.00 100.75 ? 157 THR E C     1 
ATOM   1267 O O     . THR B 2 158 ? -27.705 -0.283  -27.366 1.00 100.59 ? 157 THR E O     1 
ATOM   1268 C CB    . THR B 2 158 ? -27.748 -1.567  -29.960 1.00 99.90  ? 157 THR E CB    1 
ATOM   1269 O OG1   . THR B 2 158 ? -27.808 -2.500  -31.031 1.00 98.82  ? 157 THR E OG1   1 
ATOM   1270 C CG2   . THR B 2 158 ? -26.697 -0.544  -30.349 1.00 99.57  ? 157 THR E CG2   1 
ATOM   1271 N N     . SER B 2 159 ? -27.483 -2.297  -26.323 1.00 100.98 ? 158 SER E N     1 
ATOM   1272 C CA    . SER B 2 159 ? -27.486 -1.867  -24.935 1.00 101.27 ? 158 SER E CA    1 
ATOM   1273 C C     . SER B 2 159 ? -26.025 -1.672  -24.520 1.00 101.35 ? 158 SER E C     1 
ATOM   1274 O O     . SER B 2 159 ? -25.697 -0.996  -23.542 1.00 101.22 ? 158 SER E O     1 
ATOM   1275 C CB    . SER B 2 159 ? -28.114 -2.944  -24.045 1.00 101.53 ? 158 SER E CB    1 
ATOM   1276 O OG    . SER B 2 159 ? -29.417 -3.373  -24.429 1.00 101.44 ? 158 SER E OG    1 
ATOM   1277 N N     . LYS B 2 160 ? -25.160 -2.342  -25.297 1.00 101.50 ? 159 LYS E N     1 
ATOM   1278 C CA    . LYS B 2 160 ? -23.722 -2.316  -25.152 1.00 101.67 ? 159 LYS E CA    1 
ATOM   1279 C C     . LYS B 2 160 ? -23.076 -1.299  -26.110 1.00 102.00 ? 159 LYS E C     1 
ATOM   1280 O O     . LYS B 2 160 ? -21.967 -1.522  -26.603 1.00 102.11 ? 159 LYS E O     1 
ATOM   1281 C CB    . LYS B 2 160 ? -23.185 -3.747  -25.413 1.00 101.15 ? 159 LYS E CB    1 
ATOM   1282 C CG    . LYS B 2 160 ? -23.458 -4.852  -24.373 1.00 99.44  ? 159 LYS E CG    1 
ATOM   1283 C CD    . LYS B 2 160 ? -24.748 -5.666  -24.519 1.00 97.48  ? 159 LYS E CD    1 
ATOM   1284 C CE    . LYS B 2 160 ? -24.535 -6.975  -25.271 1.00 96.06  ? 159 LYS E CE    1 
ATOM   1285 N NZ    . LYS B 2 160 ? -24.461 -6.785  -26.706 1.00 95.02  ? 159 LYS E NZ    1 
ATOM   1286 N N     . ALA B 2 161 ? -23.743 -0.156  -26.382 1.00 102.25 ? 160 ALA E N     1 
ATOM   1287 C CA    . ALA B 2 161 ? -23.214 0.889   -27.268 1.00 102.41 ? 160 ALA E CA    1 
ATOM   1288 C C     . ALA B 2 161 ? -23.697 2.327   -27.041 1.00 102.39 ? 160 ALA E C     1 
ATOM   1289 O O     . ALA B 2 161 ? -22.891 3.246   -27.215 1.00 102.19 ? 160 ALA E O     1 
ATOM   1290 C CB    . ALA B 2 161 ? -23.521 0.535   -28.722 1.00 102.55 ? 160 ALA E CB    1 
ATOM   1291 O OXT   . ALA B 2 161 ? -24.865 2.528   -26.699 1.00 102.44 ? 160 ALA E OXT   1 
HETATM 1292 O O     . HOH C 3 .   ? 17.416  -1.295  4.319   1.00 12.56  ? 171 HOH E O     1 
HETATM 1293 O O     . HOH C 3 .   ? 22.284  9.919   23.711  1.00 12.56  ? 172 HOH E O     1 
HETATM 1294 O O     . HOH C 3 .   ? 17.303  1.394   -7.937  1.00 12.56  ? 173 HOH E O     1 
HETATM 1295 O O     . HOH C 3 .   ? -29.656 -6.347  -0.431  1.00 12.56  ? 174 HOH E O     1 
HETATM 1296 O O     . HOH C 3 .   ? -14.374 -11.469 -0.889  1.00 12.56  ? 175 HOH E O     1 
# 
